data_7LJE
#
_entry.id   7LJE
#
_cell.length_a   151.294
_cell.length_b   81.491
_cell.length_c   124.095
_cell.angle_alpha   90.000
_cell.angle_beta   117.310
_cell.angle_gamma   90.000
#
_symmetry.space_group_name_H-M   'C 1 2 1'
#
loop_
_entity.id
_entity.type
_entity.pdbx_description
1 polymer 'Histone acetyltransferase p300'
2 non-polymer "2-[4-[(3'R,4S)-3'-fluoro-1-[2-[(4-fluorophenyl)methyl-[(1S)-2,2,2-trifluoro-1-methyl-ethyl]amino]-2-oxo-ethyl]-2,5-dioxo-spiro[imidazolidine-4,1'-indane]-5'-yl]pyrazol-1-yl]-N-methyl-acetamide"
3 water water
#
_entity_poly.entity_id   1
_entity_poly.type   'polypeptide(L)'
_entity_poly.pdbx_seq_one_letter_code
;KFSAKRLPSTRLGTFLENRVNDFLRRQNHPESGEVTVRVVHASDKTVEVKPGMKARFVDSGEMAESFPYRTKALFAFEEI
DGVDLCFFGMHVQEYGSDCPPPNQRRVYISYLDSVHFFRPKCLRTAVYHEILIGYLEYVKKLGYTTGHIWACPPSEGDDY
IFHCHPPDQKIPKPKRLQEWYKKMLDKAVSERIVHDYKDIFKQATEDRLTSAKELPYFEGDFWPNVLEESIKELEQKTSK
NKSSLSRGNKKKPGMPNVSNDLSQKLYATMEKHKEVFFVIRLIAGPAANSLPPIVDPDPLIPCDLMDGRDAFLTLARDRH
LEFSSLRRAQWSTGCMLVELHTQSQDRF
;
_entity_poly.pdbx_strand_id   A,B,C,D
#
loop_
_chem_comp.id
_chem_comp.type
_chem_comp.name
_chem_comp.formula
Y2P non-polymer 2-[4-[(3'R,4S)-3'-fluoro-1-[2-[(4-fluorophenyl)methyl-[(1S)-2,2,2-trifluoro-1-methyl-ethyl]amino]-2-oxo-ethyl]-2,5-dioxo-spiro[imidazolidine-4,1'-indane]-5'-yl]pyrazol-1-yl]-N-methyl-acetamide 'C29 H27 F5 N6 O4'
#
# COMPACT_ATOMS: atom_id res chain seq x y z
N LYS A 1 -39.94 15.84 1.74
CA LYS A 1 -38.75 15.07 2.07
C LYS A 1 -37.54 16.03 2.16
N PHE A 2 -36.65 15.75 3.10
CA PHE A 2 -35.45 16.56 3.30
C PHE A 2 -34.28 15.71 2.79
N SER A 3 -34.41 15.23 1.57
CA SER A 3 -33.44 14.35 0.94
C SER A 3 -32.32 15.14 0.28
N ALA A 4 -31.20 14.46 -0.03
CA ALA A 4 -30.11 15.10 -0.72
C ALA A 4 -30.52 15.51 -2.14
N LYS A 5 -31.44 14.77 -2.80
CA LYS A 5 -31.91 15.12 -4.14
C LYS A 5 -32.62 16.48 -4.14
N ARG A 6 -33.33 16.83 -3.05
CA ARG A 6 -34.00 18.12 -2.98
C ARG A 6 -33.09 19.31 -2.66
N LEU A 7 -31.78 19.11 -2.46
CA LEU A 7 -30.86 20.22 -2.24
C LEU A 7 -30.61 20.90 -3.60
N PRO A 8 -30.48 22.25 -3.64
CA PRO A 8 -30.22 22.93 -4.93
C PRO A 8 -29.07 22.35 -5.75
N SER A 9 -29.30 22.20 -7.04
CA SER A 9 -28.32 21.64 -7.97
C SER A 9 -27.24 22.66 -8.36
N THR A 10 -26.14 22.19 -8.94
CA THR A 10 -25.03 22.96 -9.49
C THR A 10 -24.60 22.22 -10.75
N ARG A 11 -23.89 22.88 -11.66
CA ARG A 11 -23.32 22.24 -12.86
C ARG A 11 -22.35 21.13 -12.38
N LEU A 12 -21.47 21.49 -11.43
CA LEU A 12 -20.43 20.63 -10.88
C LEU A 12 -21.01 19.39 -10.23
N GLY A 13 -22.01 19.59 -9.38
CA GLY A 13 -22.64 18.51 -8.66
C GLY A 13 -23.32 17.53 -9.58
N THR A 14 -24.16 18.01 -10.52
CA THR A 14 -24.85 17.09 -11.42
C THR A 14 -23.87 16.47 -12.44
N PHE A 15 -22.76 17.16 -12.81
CA PHE A 15 -21.75 16.55 -13.68
C PHE A 15 -21.15 15.32 -12.99
N LEU A 16 -20.81 15.45 -11.68
CA LEU A 16 -20.23 14.38 -10.89
C LEU A 16 -21.19 13.23 -10.63
N GLU A 17 -22.43 13.52 -10.23
CA GLU A 17 -23.40 12.46 -9.95
C GLU A 17 -23.84 11.73 -11.22
N ASN A 18 -23.77 12.39 -12.40
CA ASN A 18 -24.07 11.73 -13.67
C ASN A 18 -22.98 10.71 -14.00
N ARG A 19 -21.72 11.07 -13.77
CA ARG A 19 -20.57 10.22 -13.99
C ARG A 19 -20.66 8.97 -13.07
N VAL A 20 -21.03 9.16 -11.81
CA VAL A 20 -21.18 8.04 -10.86
C VAL A 20 -22.34 7.15 -11.23
N ASN A 21 -23.52 7.73 -11.49
CA ASN A 21 -24.71 6.95 -11.82
C ASN A 21 -24.62 6.22 -13.16
N ASP A 22 -23.92 6.80 -14.18
CA ASP A 22 -23.70 6.09 -15.45
C ASP A 22 -22.85 4.85 -15.16
N PHE A 23 -21.80 4.99 -14.32
CA PHE A 23 -20.92 3.91 -13.93
C PHE A 23 -21.73 2.82 -13.22
N LEU A 24 -22.54 3.18 -12.21
CA LEU A 24 -23.34 2.23 -11.47
C LEU A 24 -24.36 1.52 -12.33
N ARG A 25 -24.95 2.22 -13.30
CA ARG A 25 -25.93 1.67 -14.25
C ARG A 25 -25.30 0.55 -15.08
N ARG A 26 -24.09 0.78 -15.59
CA ARG A 26 -23.32 -0.18 -16.34
C ARG A 26 -23.01 -1.43 -15.49
N GLN A 27 -22.69 -1.25 -14.21
CA GLN A 27 -22.39 -2.39 -13.33
C GLN A 27 -23.64 -3.20 -13.05
N ASN A 28 -24.79 -2.52 -12.88
CA ASN A 28 -26.08 -3.16 -12.67
C ASN A 28 -26.09 -4.15 -11.46
N HIS A 29 -25.49 -3.72 -10.37
CA HIS A 29 -25.42 -4.50 -9.16
C HIS A 29 -26.74 -4.29 -8.39
N PRO A 30 -27.35 -5.36 -7.89
CA PRO A 30 -28.60 -5.22 -7.14
C PRO A 30 -28.46 -4.50 -5.79
N GLU A 31 -27.27 -4.54 -5.17
CA GLU A 31 -27.07 -3.89 -3.89
C GLU A 31 -26.83 -2.37 -3.99
N SER A 32 -26.56 -1.83 -5.19
CA SER A 32 -26.26 -0.40 -5.33
C SER A 32 -27.49 0.48 -5.38
N GLY A 33 -27.36 1.68 -4.82
CA GLY A 33 -28.43 2.66 -4.81
C GLY A 33 -28.11 3.90 -5.61
N GLU A 34 -29.10 4.76 -5.83
CA GLU A 34 -28.90 6.00 -6.57
C GLU A 34 -28.06 6.94 -5.76
N VAL A 35 -27.01 7.49 -6.40
CA VAL A 35 -26.06 8.44 -5.83
C VAL A 35 -26.43 9.89 -6.18
N THR A 36 -26.25 10.78 -5.17
CA THR A 36 -26.48 12.21 -5.21
C THR A 36 -25.17 12.93 -4.86
N VAL A 37 -24.69 13.80 -5.74
CA VAL A 37 -23.53 14.62 -5.47
C VAL A 37 -23.99 16.07 -5.41
N ARG A 38 -23.81 16.72 -4.24
CA ARG A 38 -24.22 18.11 -4.09
C ARG A 38 -23.06 19.01 -3.65
N VAL A 39 -22.96 20.19 -4.25
CA VAL A 39 -22.05 21.23 -3.78
C VAL A 39 -22.93 21.97 -2.74
N VAL A 40 -22.54 21.91 -1.44
CA VAL A 40 -23.32 22.47 -0.34
C VAL A 40 -22.77 23.82 0.18
N HIS A 41 -21.64 24.28 -0.36
CA HIS A 41 -21.04 25.53 0.02
C HIS A 41 -20.08 25.98 -1.06
N ALA A 42 -20.06 27.26 -1.37
CA ALA A 42 -19.14 27.88 -2.33
C ALA A 42 -18.94 29.35 -1.90
N SER A 43 -17.71 29.72 -1.53
CA SER A 43 -17.46 31.09 -1.09
C SER A 43 -16.07 31.58 -1.45
N ASP A 44 -15.93 32.89 -1.64
CA ASP A 44 -14.65 33.48 -2.00
C ASP A 44 -13.87 33.84 -0.75
N LYS A 45 -12.61 33.43 -0.72
CA LYS A 45 -11.71 33.65 0.40
C LYS A 45 -10.31 34.09 -0.11
N THR A 46 -9.39 34.41 0.83
CA THR A 46 -8.01 34.74 0.54
C THR A 46 -7.11 34.06 1.60
N VAL A 47 -5.91 33.66 1.19
CA VAL A 47 -4.94 33.09 2.11
C VAL A 47 -3.80 34.11 2.24
N GLU A 48 -3.54 34.58 3.46
CA GLU A 48 -2.50 35.57 3.69
C GLU A 48 -1.15 34.91 3.92
N VAL A 49 -0.09 35.44 3.30
CA VAL A 49 1.26 34.92 3.50
C VAL A 49 1.71 35.21 4.94
N LYS A 50 2.25 34.18 5.62
CA LYS A 50 2.65 34.26 7.01
C LYS A 50 3.87 35.16 7.27
N PRO A 51 3.99 35.71 8.51
CA PRO A 51 5.05 36.69 8.82
C PRO A 51 6.48 36.46 8.32
N GLY A 52 7.03 35.26 8.52
CA GLY A 52 8.37 34.92 8.07
C GLY A 52 8.57 35.09 6.59
N MET A 53 7.64 34.53 5.79
CA MET A 53 7.65 34.65 4.34
C MET A 53 7.26 36.05 3.87
N LYS A 54 6.44 36.75 4.64
CA LYS A 54 6.01 38.11 4.31
C LYS A 54 7.20 39.06 4.44
N ALA A 55 8.00 38.91 5.48
CA ALA A 55 9.17 39.75 5.68
C ALA A 55 10.22 39.45 4.61
N ARG A 56 10.39 38.19 4.24
CA ARG A 56 11.40 37.83 3.26
C ARG A 56 11.05 38.19 1.82
N PHE A 57 9.81 37.95 1.37
CA PHE A 57 9.46 38.18 -0.02
C PHE A 57 8.37 39.19 -0.29
N VAL A 58 7.42 39.37 0.63
CA VAL A 58 6.31 40.29 0.41
C VAL A 58 6.72 41.76 0.60
N ASP A 59 7.49 42.03 1.68
CA ASP A 59 8.00 43.38 1.98
C ASP A 59 9.03 43.83 0.91
N SER A 60 9.79 42.88 0.33
CA SER A 60 10.72 43.19 -0.75
C SER A 60 10.05 43.29 -2.14
N GLY A 61 8.74 43.02 -2.23
CA GLY A 61 7.96 43.10 -3.45
C GLY A 61 8.11 41.93 -4.42
N GLU A 62 8.78 40.86 -3.98
CA GLU A 62 9.04 39.67 -4.78
C GLU A 62 7.87 38.67 -4.82
N MET A 63 6.86 38.82 -3.95
CA MET A 63 5.75 37.88 -3.84
C MET A 63 4.48 38.59 -3.36
N ALA A 64 3.31 38.10 -3.77
CA ALA A 64 2.03 38.70 -3.37
C ALA A 64 1.71 38.46 -1.89
N GLU A 65 1.02 39.41 -1.27
CA GLU A 65 0.66 39.35 0.15
C GLU A 65 -0.45 38.30 0.39
N SER A 66 -1.39 38.21 -0.54
CA SER A 66 -2.50 37.27 -0.41
C SER A 66 -2.92 36.67 -1.75
N PHE A 67 -3.53 35.49 -1.70
CA PHE A 67 -3.98 34.82 -2.89
C PHE A 67 -5.47 34.52 -2.77
N PRO A 68 -6.27 35.00 -3.73
CA PRO A 68 -7.71 34.74 -3.66
C PRO A 68 -8.07 33.37 -4.21
N TYR A 69 -9.08 32.74 -3.60
CA TYR A 69 -9.52 31.43 -4.04
C TYR A 69 -11.01 31.23 -3.76
N ARG A 70 -11.61 30.23 -4.40
CA ARG A 70 -12.99 29.85 -4.12
C ARG A 70 -12.95 28.49 -3.38
N THR A 71 -13.63 28.39 -2.25
CA THR A 71 -13.68 27.15 -1.49
C THR A 71 -15.05 26.47 -1.69
N LYS A 72 -15.04 25.20 -2.05
CA LYS A 72 -16.29 24.46 -2.26
C LYS A 72 -16.30 23.24 -1.37
N ALA A 73 -17.48 22.85 -0.91
CA ALA A 73 -17.64 21.68 -0.07
C ALA A 73 -18.58 20.77 -0.80
N LEU A 74 -18.09 19.62 -1.28
CA LEU A 74 -18.97 18.72 -2.04
C LEU A 74 -19.14 17.40 -1.35
N PHE A 75 -20.40 16.97 -1.24
CA PHE A 75 -20.74 15.72 -0.58
C PHE A 75 -21.45 14.75 -1.51
N ALA A 76 -21.14 13.45 -1.35
CA ALA A 76 -21.81 12.39 -2.08
C ALA A 76 -22.65 11.53 -1.12
N PHE A 77 -23.85 11.20 -1.55
CA PHE A 77 -24.82 10.41 -0.80
C PHE A 77 -25.28 9.22 -1.62
N GLU A 78 -25.62 8.13 -0.97
CA GLU A 78 -26.14 6.95 -1.64
C GLU A 78 -27.42 6.52 -0.91
N GLU A 79 -28.43 6.04 -1.65
CA GLU A 79 -29.65 5.56 -1.03
C GLU A 79 -29.40 4.13 -0.58
N ILE A 80 -29.45 3.86 0.72
CA ILE A 80 -29.29 2.52 1.24
C ILE A 80 -30.52 2.25 2.09
N ASP A 81 -31.21 1.14 1.82
CA ASP A 81 -32.43 0.74 2.51
C ASP A 81 -33.49 1.84 2.52
N GLY A 82 -33.58 2.59 1.42
CA GLY A 82 -34.57 3.67 1.29
C GLY A 82 -34.21 5.03 1.84
N VAL A 83 -33.03 5.15 2.49
CA VAL A 83 -32.64 6.43 3.07
C VAL A 83 -31.21 6.80 2.66
N ASP A 84 -30.94 8.11 2.59
CA ASP A 84 -29.62 8.58 2.18
C ASP A 84 -28.57 8.36 3.24
N LEU A 85 -27.36 8.06 2.77
CA LEU A 85 -26.17 7.90 3.59
C LEU A 85 -25.11 8.79 2.95
N CYS A 86 -24.53 9.69 3.74
CA CYS A 86 -23.46 10.51 3.23
C CYS A 86 -22.15 9.72 3.36
N PHE A 87 -21.54 9.31 2.23
CA PHE A 87 -20.33 8.50 2.29
C PHE A 87 -19.04 9.19 1.87
N PHE A 88 -19.12 10.44 1.40
CA PHE A 88 -17.94 11.12 0.89
C PHE A 88 -18.10 12.62 1.05
N GLY A 89 -17.05 13.29 1.53
CA GLY A 89 -17.04 14.73 1.66
C GLY A 89 -15.66 15.28 1.31
N MET A 90 -15.63 16.40 0.59
CA MET A 90 -14.37 17.01 0.18
C MET A 90 -14.45 18.55 0.21
N HIS A 91 -13.41 19.22 0.72
CA HIS A 91 -13.31 20.68 0.70
C HIS A 91 -12.18 21.01 -0.25
N VAL A 92 -12.46 21.81 -1.30
CA VAL A 92 -11.45 22.17 -2.31
C VAL A 92 -11.14 23.68 -2.24
N GLN A 93 -9.98 24.06 -2.74
CA GLN A 93 -9.57 25.45 -2.88
C GLN A 93 -9.26 25.66 -4.35
N GLU A 94 -9.91 26.59 -5.01
CA GLU A 94 -9.67 26.86 -6.43
C GLU A 94 -9.09 28.27 -6.67
N TYR A 95 -7.85 28.33 -7.18
CA TYR A 95 -7.13 29.57 -7.48
C TYR A 95 -7.24 29.83 -8.98
N GLY A 96 -8.11 30.75 -9.34
CA GLY A 96 -8.43 31.06 -10.73
C GLY A 96 -7.38 31.81 -11.53
N SER A 97 -7.83 32.38 -12.64
CA SER A 97 -6.94 33.14 -13.53
C SER A 97 -6.59 34.52 -12.97
N ASP A 98 -7.49 35.09 -12.11
CA ASP A 98 -7.22 36.40 -11.49
C ASP A 98 -6.40 36.28 -10.17
N CYS A 99 -5.76 35.15 -9.97
CA CYS A 99 -4.93 34.92 -8.83
C CYS A 99 -3.48 35.17 -9.25
N PRO A 100 -2.70 35.92 -8.45
CA PRO A 100 -1.30 36.12 -8.79
C PRO A 100 -0.49 34.82 -8.68
N PRO A 101 0.61 34.69 -9.45
CA PRO A 101 1.43 33.47 -9.32
C PRO A 101 2.11 33.41 -7.95
N PRO A 102 2.61 32.22 -7.54
CA PRO A 102 2.64 30.94 -8.28
C PRO A 102 1.36 30.12 -8.11
N ASN A 103 0.25 30.75 -7.72
CA ASN A 103 -0.99 30.03 -7.45
C ASN A 103 -2.02 29.98 -8.54
N GLN A 104 -1.86 30.72 -9.66
CA GLN A 104 -2.93 30.75 -10.65
C GLN A 104 -3.14 29.46 -11.41
N ARG A 105 -4.43 29.18 -11.66
CA ARG A 105 -4.99 28.01 -12.36
C ARG A 105 -4.66 26.71 -11.64
N ARG A 106 -4.71 26.75 -10.30
CA ARG A 106 -4.45 25.58 -9.46
C ARG A 106 -5.63 25.22 -8.58
N VAL A 107 -5.85 23.93 -8.37
CA VAL A 107 -6.86 23.44 -7.46
C VAL A 107 -6.15 22.63 -6.38
N TYR A 108 -6.54 22.81 -5.14
CA TYR A 108 -5.93 22.13 -4.01
C TYR A 108 -7.02 21.33 -3.30
N ILE A 109 -6.83 20.01 -3.19
CA ILE A 109 -7.79 19.19 -2.47
C ILE A 109 -7.28 19.17 -1.05
N SER A 110 -7.79 20.17 -0.27
CA SER A 110 -7.37 20.37 1.11
C SER A 110 -7.52 19.08 1.94
N TYR A 111 -8.68 18.81 2.56
CA TYR A 111 -8.86 17.61 3.36
C TYR A 111 -10.05 16.84 2.76
N LEU A 112 -9.96 15.50 2.76
CA LEU A 112 -10.96 14.63 2.15
C LEU A 112 -11.29 13.48 3.14
N ASP A 113 -12.53 13.01 3.16
CA ASP A 113 -12.95 11.95 4.10
C ASP A 113 -14.11 11.14 3.48
N SER A 114 -14.43 10.03 4.12
CA SER A 114 -15.46 9.15 3.68
C SER A 114 -15.84 8.23 4.81
N VAL A 115 -17.04 7.60 4.71
CA VAL A 115 -17.59 6.65 5.69
C VAL A 115 -17.81 5.38 4.86
N HIS A 116 -17.05 4.29 5.16
CA HIS A 116 -16.96 3.06 4.33
C HIS A 116 -18.26 2.17 4.16
N PHE A 117 -19.47 2.75 4.22
CA PHE A 117 -20.71 1.99 4.08
C PHE A 117 -21.24 1.91 2.68
N PHE A 118 -20.54 2.45 1.65
CA PHE A 118 -21.01 2.39 0.25
C PHE A 118 -21.27 0.96 -0.14
N ARG A 119 -22.46 0.72 -0.67
CA ARG A 119 -22.94 -0.61 -1.02
C ARG A 119 -23.13 -0.68 -2.55
N PRO A 120 -22.50 -1.65 -3.25
CA PRO A 120 -21.69 -2.75 -2.71
C PRO A 120 -20.25 -2.39 -2.43
N LYS A 121 -19.64 -3.06 -1.42
CA LYS A 121 -18.26 -2.86 -1.03
C LYS A 121 -17.27 -2.92 -2.21
N CYS A 122 -17.52 -3.84 -3.17
CA CYS A 122 -16.69 -4.05 -4.34
C CYS A 122 -16.68 -2.86 -5.31
N LEU A 123 -17.67 -1.93 -5.24
CA LEU A 123 -17.67 -0.77 -6.12
C LEU A 123 -17.19 0.54 -5.44
N ARG A 124 -16.84 0.48 -4.14
CA ARG A 124 -16.37 1.62 -3.32
C ARG A 124 -15.19 2.43 -3.97
N THR A 125 -14.02 1.84 -4.18
CA THR A 125 -12.88 2.50 -4.83
C THR A 125 -13.25 3.07 -6.20
N ALA A 126 -14.00 2.30 -7.04
CA ALA A 126 -14.39 2.74 -8.39
C ALA A 126 -15.22 4.03 -8.33
N VAL A 127 -16.18 4.11 -7.39
CA VAL A 127 -17.02 5.28 -7.21
C VAL A 127 -16.18 6.50 -6.75
N TYR A 128 -15.14 6.28 -5.90
CA TYR A 128 -14.27 7.36 -5.48
C TYR A 128 -13.46 7.85 -6.69
N HIS A 129 -12.98 6.93 -7.56
CA HIS A 129 -12.27 7.31 -8.78
C HIS A 129 -13.17 8.14 -9.68
N GLU A 130 -14.46 7.79 -9.83
CA GLU A 130 -15.38 8.57 -10.66
C GLU A 130 -15.51 9.99 -10.12
N ILE A 131 -15.60 10.14 -8.78
CA ILE A 131 -15.71 11.45 -8.14
C ILE A 131 -14.44 12.28 -8.31
N LEU A 132 -13.26 11.74 -7.93
CA LEU A 132 -12.01 12.50 -8.00
C LEU A 132 -11.61 12.79 -9.41
N ILE A 133 -11.57 11.76 -10.27
CA ILE A 133 -11.24 11.92 -11.67
C ILE A 133 -12.24 12.85 -12.36
N GLY A 134 -13.50 12.74 -12.02
CA GLY A 134 -14.54 13.60 -12.55
C GLY A 134 -14.34 15.06 -12.17
N TYR A 135 -13.81 15.31 -10.96
CA TYR A 135 -13.54 16.66 -10.51
C TYR A 135 -12.33 17.25 -11.27
N LEU A 136 -11.29 16.44 -11.48
CA LEU A 136 -10.11 16.87 -12.23
C LEU A 136 -10.50 17.20 -13.66
N GLU A 137 -11.36 16.36 -14.28
CA GLU A 137 -11.79 16.62 -15.64
C GLU A 137 -12.62 17.90 -15.72
N TYR A 138 -13.50 18.13 -14.74
CA TYR A 138 -14.35 19.32 -14.71
C TYR A 138 -13.54 20.62 -14.66
N VAL A 139 -12.61 20.74 -13.70
CA VAL A 139 -11.81 21.96 -13.56
C VAL A 139 -10.85 22.12 -14.76
N LYS A 140 -10.39 21.02 -15.35
CA LYS A 140 -9.54 21.08 -16.53
C LYS A 140 -10.30 21.74 -17.70
N LYS A 141 -11.60 21.44 -17.85
CA LYS A 141 -12.43 22.03 -18.91
C LYS A 141 -12.67 23.52 -18.68
N LEU A 142 -12.72 23.97 -17.41
CA LEU A 142 -12.90 25.39 -17.10
C LEU A 142 -11.59 26.21 -17.31
N GLY A 143 -10.44 25.53 -17.40
CA GLY A 143 -9.16 26.21 -17.59
C GLY A 143 -8.10 26.06 -16.51
N TYR A 144 -8.33 25.19 -15.50
CA TYR A 144 -7.32 24.98 -14.46
C TYR A 144 -6.25 24.03 -15.02
N THR A 145 -4.97 24.37 -14.80
CA THR A 145 -3.91 23.59 -15.37
C THR A 145 -3.34 22.56 -14.44
N THR A 146 -3.32 22.84 -13.13
CA THR A 146 -2.70 21.92 -12.18
C THR A 146 -3.60 21.55 -11.01
N GLY A 147 -3.42 20.32 -10.52
CA GLY A 147 -4.13 19.80 -9.36
C GLY A 147 -3.13 19.42 -8.28
N HIS A 148 -3.45 19.70 -7.02
CA HIS A 148 -2.56 19.39 -5.91
C HIS A 148 -3.29 18.56 -4.89
N ILE A 149 -2.69 17.47 -4.43
CA ILE A 149 -3.29 16.60 -3.43
C ILE A 149 -2.31 16.32 -2.31
N TRP A 150 -2.68 16.66 -1.07
CA TRP A 150 -1.91 16.28 0.11
C TRP A 150 -2.68 15.08 0.71
N ALA A 151 -2.19 13.86 0.52
CA ALA A 151 -2.80 12.65 1.12
C ALA A 151 -2.31 12.62 2.59
N CYS A 152 -2.88 13.47 3.46
CA CYS A 152 -2.49 13.53 4.86
CA CYS A 152 -2.45 13.50 4.87
C CYS A 152 -2.93 12.26 5.61
N PRO A 153 -1.98 11.39 6.00
CA PRO A 153 -2.36 10.15 6.68
C PRO A 153 -3.03 10.43 8.01
N PRO A 154 -4.18 9.79 8.27
CA PRO A 154 -4.90 10.09 9.51
C PRO A 154 -4.31 9.34 10.71
N SER A 155 -4.96 9.48 11.85
CA SER A 155 -4.56 8.82 13.09
C SER A 155 -5.83 8.38 13.81
N GLU A 156 -5.73 7.38 14.68
CA GLU A 156 -6.89 6.78 15.37
C GLU A 156 -7.69 7.84 16.11
N GLY A 157 -8.98 7.88 15.84
CA GLY A 157 -9.85 8.89 16.45
C GLY A 157 -9.84 10.27 15.84
N ASP A 158 -8.94 10.54 14.89
CA ASP A 158 -8.84 11.85 14.24
C ASP A 158 -9.79 11.88 13.01
N ASP A 159 -10.89 12.63 13.08
CA ASP A 159 -11.85 12.72 12.00
C ASP A 159 -11.60 13.99 11.21
N TYR A 160 -11.67 13.97 9.87
CA TYR A 160 -11.47 15.20 9.10
C TYR A 160 -12.77 15.86 8.81
N ILE A 161 -13.80 15.07 8.46
CA ILE A 161 -15.09 15.62 8.12
C ILE A 161 -16.22 14.99 8.95
N PHE A 162 -16.19 13.65 9.10
CA PHE A 162 -17.24 12.90 9.75
C PHE A 162 -16.92 12.48 11.14
N HIS A 163 -17.65 13.01 12.12
CA HIS A 163 -17.46 12.70 13.53
C HIS A 163 -17.80 11.24 13.83
N CYS A 164 -16.87 10.55 14.52
CA CYS A 164 -16.95 9.16 14.94
C CYS A 164 -17.03 8.20 13.77
N HIS A 165 -15.86 7.82 13.25
CA HIS A 165 -15.70 6.90 12.13
C HIS A 165 -15.97 5.51 12.60
N PRO A 166 -16.37 4.58 11.70
CA PRO A 166 -16.55 3.19 12.17
C PRO A 166 -15.25 2.66 12.81
N PRO A 167 -15.36 1.95 13.94
CA PRO A 167 -14.15 1.43 14.61
C PRO A 167 -13.26 0.57 13.71
N ASP A 168 -13.86 -0.14 12.74
CA ASP A 168 -13.13 -0.97 11.82
C ASP A 168 -12.79 -0.28 10.52
N GLN A 169 -13.12 1.02 10.32
CA GLN A 169 -12.68 1.72 9.11
C GLN A 169 -11.23 2.01 9.39
N LYS A 170 -10.32 1.31 8.74
CA LYS A 170 -8.91 1.44 9.11
C LYS A 170 -8.24 2.67 8.56
N ILE A 171 -7.29 3.11 9.37
CA ILE A 171 -6.39 4.24 9.20
C ILE A 171 -5.30 3.76 8.26
N PRO A 172 -5.27 4.25 7.02
CA PRO A 172 -4.23 3.80 6.09
C PRO A 172 -2.86 4.43 6.37
N LYS A 173 -1.79 3.64 6.21
CA LYS A 173 -0.39 4.07 6.38
C LYS A 173 0.01 4.90 5.15
N PRO A 174 1.05 5.75 5.24
CA PRO A 174 1.44 6.56 4.06
C PRO A 174 1.64 5.77 2.75
N LYS A 175 2.21 4.55 2.83
CA LYS A 175 2.50 3.68 1.68
C LYS A 175 1.22 3.26 0.98
N ARG A 176 0.19 2.95 1.76
CA ARG A 176 -1.12 2.53 1.30
C ARG A 176 -1.83 3.71 0.60
N LEU A 177 -1.70 4.88 1.17
CA LEU A 177 -2.33 6.07 0.69
C LEU A 177 -1.68 6.49 -0.64
N GLN A 178 -0.35 6.39 -0.75
CA GLN A 178 0.39 6.73 -1.96
C GLN A 178 0.01 5.81 -3.13
N GLU A 179 -0.18 4.53 -2.83
CA GLU A 179 -0.53 3.46 -3.72
C GLU A 179 -1.93 3.66 -4.26
N TRP A 180 -2.89 4.01 -3.39
CA TRP A 180 -4.26 4.29 -3.83
C TRP A 180 -4.29 5.43 -4.86
N TYR A 181 -3.73 6.58 -4.50
CA TYR A 181 -3.70 7.73 -5.38
C TYR A 181 -2.85 7.49 -6.62
N LYS A 182 -1.85 6.60 -6.57
CA LYS A 182 -1.04 6.28 -7.76
C LYS A 182 -1.91 5.50 -8.73
N LYS A 183 -2.64 4.49 -8.25
CA LYS A 183 -3.58 3.73 -9.07
C LYS A 183 -4.67 4.63 -9.68
N MET A 184 -5.23 5.53 -8.88
CA MET A 184 -6.27 6.49 -9.29
C MET A 184 -5.77 7.42 -10.39
N LEU A 185 -4.56 7.99 -10.19
CA LEU A 185 -3.99 8.91 -11.15
C LEU A 185 -3.52 8.22 -12.40
N ASP A 186 -3.01 6.99 -12.30
CA ASP A 186 -2.61 6.19 -13.45
C ASP A 186 -3.84 5.95 -14.37
N LYS A 187 -5.04 5.80 -13.78
CA LYS A 187 -6.30 5.58 -14.48
C LYS A 187 -6.73 6.84 -15.21
N ALA A 188 -6.55 8.01 -14.62
CA ALA A 188 -6.88 9.28 -15.25
C ALA A 188 -5.86 9.62 -16.36
N VAL A 189 -4.60 9.19 -16.20
CA VAL A 189 -3.55 9.42 -17.19
C VAL A 189 -3.87 8.57 -18.45
N SER A 190 -4.34 7.34 -18.25
CA SER A 190 -4.67 6.45 -19.36
C SER A 190 -5.99 6.85 -20.05
N GLU A 191 -6.92 7.48 -19.32
CA GLU A 191 -8.16 7.99 -19.92
C GLU A 191 -7.95 9.35 -20.62
N ARG A 192 -6.70 9.86 -20.66
CA ARG A 192 -6.35 11.15 -21.26
C ARG A 192 -6.96 12.37 -20.54
N ILE A 193 -7.35 12.22 -19.27
CA ILE A 193 -7.88 13.32 -18.47
C ILE A 193 -6.71 14.10 -17.82
N VAL A 194 -5.70 13.37 -17.36
CA VAL A 194 -4.49 13.92 -16.76
C VAL A 194 -3.33 13.75 -17.77
N HIS A 195 -2.43 14.75 -17.87
CA HIS A 195 -1.28 14.67 -18.76
C HIS A 195 -0.25 13.78 -18.07
N ASP A 196 0.15 14.17 -16.87
CA ASP A 196 1.05 13.41 -16.06
C ASP A 196 1.03 13.92 -14.61
N TYR A 197 1.59 13.14 -13.69
CA TYR A 197 1.68 13.51 -12.31
C TYR A 197 3.05 13.13 -11.78
N LYS A 198 3.50 13.87 -10.79
CA LYS A 198 4.78 13.64 -10.12
C LYS A 198 4.63 13.93 -8.62
N ASP A 199 5.54 13.40 -7.79
CA ASP A 199 5.55 13.78 -6.38
C ASP A 199 6.10 15.22 -6.30
N ILE A 200 5.90 15.90 -5.15
CA ILE A 200 6.31 17.28 -4.97
C ILE A 200 7.83 17.52 -5.19
N PHE A 201 8.66 16.54 -4.79
CA PHE A 201 10.11 16.63 -4.91
C PHE A 201 10.57 16.54 -6.36
N LYS A 202 10.10 15.50 -7.07
CA LYS A 202 10.37 15.31 -8.51
C LYS A 202 9.86 16.54 -9.31
N GLN A 203 8.71 17.09 -8.89
CA GLN A 203 8.10 18.24 -9.53
C GLN A 203 8.94 19.51 -9.37
N ALA A 204 9.34 19.85 -8.14
CA ALA A 204 10.13 21.06 -7.88
C ALA A 204 11.46 21.02 -8.62
N THR A 205 12.07 19.83 -8.67
CA THR A 205 13.33 19.56 -9.33
C THR A 205 13.18 19.80 -10.85
N GLU A 206 12.18 19.18 -11.49
CA GLU A 206 11.97 19.36 -12.93
C GLU A 206 11.36 20.72 -13.30
N ASP A 207 10.85 21.49 -12.34
CA ASP A 207 10.39 22.88 -12.63
C ASP A 207 11.56 23.89 -12.41
N ARG A 208 12.74 23.42 -11.93
CA ARG A 208 13.92 24.22 -11.63
C ARG A 208 13.58 25.31 -10.60
N LEU A 209 12.88 24.94 -9.49
CA LEU A 209 12.57 25.95 -8.49
C LEU A 209 13.80 26.17 -7.63
N THR A 210 14.15 27.44 -7.47
CA THR A 210 15.32 27.88 -6.74
C THR A 210 14.96 28.71 -5.51
N SER A 211 13.81 29.40 -5.54
CA SER A 211 13.33 30.24 -4.43
C SER A 211 12.01 29.71 -3.81
N ALA A 212 11.81 29.94 -2.49
CA ALA A 212 10.58 29.52 -1.83
C ALA A 212 9.34 30.35 -2.24
N LYS A 213 9.55 31.49 -2.92
CA LYS A 213 8.47 32.32 -3.45
C LYS A 213 7.80 31.68 -4.68
N GLU A 214 8.42 30.64 -5.28
CA GLU A 214 7.92 29.92 -6.45
C GLU A 214 6.96 28.77 -6.07
N LEU A 215 7.00 28.29 -4.82
CA LEU A 215 6.13 27.19 -4.40
C LEU A 215 4.72 27.69 -4.17
N PRO A 216 3.69 27.03 -4.73
CA PRO A 216 2.30 27.49 -4.48
C PRO A 216 1.96 27.53 -2.98
N TYR A 217 1.34 28.63 -2.52
CA TYR A 217 1.00 28.88 -1.12
C TYR A 217 -0.50 28.63 -0.83
N PHE A 218 -0.84 27.48 -0.24
CA PHE A 218 -2.25 27.11 0.00
C PHE A 218 -2.72 27.22 1.47
N GLU A 219 -3.98 27.58 1.66
CA GLU A 219 -4.55 27.71 3.00
C GLU A 219 -4.56 26.38 3.75
N GLY A 220 -3.89 26.31 4.89
CA GLY A 220 -3.85 25.11 5.73
C GLY A 220 -2.85 24.07 5.30
N ASP A 221 -2.16 24.30 4.19
CA ASP A 221 -1.20 23.34 3.65
C ASP A 221 0.02 23.24 4.51
N PHE A 222 0.76 22.14 4.38
CA PHE A 222 1.96 21.84 5.15
C PHE A 222 3.13 22.78 4.85
N TRP A 223 3.26 23.19 3.60
CA TRP A 223 4.41 23.98 3.13
C TRP A 223 4.42 25.42 3.62
N PRO A 224 3.29 26.18 3.71
CA PRO A 224 3.37 27.50 4.38
C PRO A 224 3.89 27.39 5.83
N ASN A 225 3.66 26.24 6.50
CA ASN A 225 4.16 26.03 7.86
C ASN A 225 5.62 25.61 7.87
N VAL A 226 6.04 24.73 6.95
CA VAL A 226 7.43 24.31 6.82
C VAL A 226 8.33 25.53 6.60
N LEU A 227 7.89 26.45 5.74
CA LEU A 227 8.60 27.68 5.44
C LEU A 227 8.80 28.59 6.68
N GLU A 228 7.78 28.70 7.53
CA GLU A 228 7.86 29.50 8.74
C GLU A 228 8.86 28.91 9.72
N GLU A 229 8.84 27.59 9.87
CA GLU A 229 9.74 26.90 10.77
C GLU A 229 11.17 26.89 10.25
N SER A 230 11.34 26.86 8.92
CA SER A 230 12.67 26.86 8.32
C SER A 230 13.31 28.23 8.51
N ILE A 231 12.55 29.31 8.30
CA ILE A 231 13.03 30.66 8.49
C ILE A 231 13.43 30.87 9.94
N LYS A 232 12.54 30.50 10.88
CA LYS A 232 12.77 30.60 12.33
C LYS A 232 14.05 29.90 12.75
N GLU A 233 14.29 28.70 12.20
CA GLU A 233 15.49 27.90 12.49
C GLU A 233 16.73 28.57 11.90
N LEU A 234 16.62 29.12 10.67
CA LEU A 234 17.74 29.80 10.04
C LEU A 234 18.10 31.14 10.72
N GLU A 235 17.17 31.74 11.46
CA GLU A 235 17.45 32.94 12.23
C GLU A 235 18.37 32.63 13.43
N GLN A 236 18.41 31.37 13.92
CA GLN A 236 19.29 30.97 15.02
C GLN A 236 20.70 30.69 14.52
N ASP A 261 20.64 27.75 3.40
CA ASP A 261 19.57 28.64 2.99
C ASP A 261 18.17 27.96 2.99
N LEU A 262 17.09 28.78 2.87
CA LEU A 262 15.69 28.35 2.89
C LEU A 262 15.42 27.25 1.88
N SER A 263 15.98 27.40 0.68
CA SER A 263 15.77 26.50 -0.44
C SER A 263 16.28 25.09 -0.22
N GLN A 264 17.45 24.90 0.40
CA GLN A 264 17.92 23.54 0.66
C GLN A 264 17.09 22.87 1.75
N LYS A 265 16.60 23.65 2.72
CA LYS A 265 15.73 23.13 3.76
C LYS A 265 14.40 22.66 3.16
N LEU A 266 13.85 23.44 2.21
CA LEU A 266 12.61 23.09 1.53
C LEU A 266 12.74 21.80 0.71
N TYR A 267 13.83 21.66 -0.05
CA TYR A 267 14.07 20.44 -0.83
C TYR A 267 14.25 19.22 0.07
N ALA A 268 14.80 19.40 1.28
CA ALA A 268 15.02 18.32 2.23
C ALA A 268 13.71 17.85 2.83
N THR A 269 12.82 18.80 3.18
CA THR A 269 11.51 18.48 3.71
C THR A 269 10.65 17.80 2.64
N MET A 270 10.83 18.17 1.35
CA MET A 270 10.12 17.56 0.23
C MET A 270 10.56 16.16 -0.06
N GLU A 271 11.84 15.88 0.12
CA GLU A 271 12.38 14.55 -0.07
C GLU A 271 11.79 13.60 0.98
N LYS A 272 11.75 14.05 2.24
CA LYS A 272 11.25 13.26 3.36
C LYS A 272 9.75 12.91 3.25
N HIS A 273 8.92 13.81 2.67
CA HIS A 273 7.48 13.57 2.57
C HIS A 273 6.92 13.53 1.14
N LYS A 274 7.75 13.29 0.12
CA LYS A 274 7.30 13.27 -1.28
C LYS A 274 6.20 12.27 -1.58
N GLU A 275 6.21 11.13 -0.88
CA GLU A 275 5.24 10.07 -1.03
C GLU A 275 3.79 10.44 -0.69
N VAL A 276 3.57 11.57 0.00
CA VAL A 276 2.25 12.06 0.45
C VAL A 276 1.72 13.23 -0.39
N PHE A 277 2.62 13.91 -1.14
CA PHE A 277 2.27 15.08 -1.94
C PHE A 277 2.35 14.86 -3.46
N PHE A 278 1.23 15.06 -4.15
CA PHE A 278 1.11 14.89 -5.60
C PHE A 278 0.85 16.22 -6.35
N VAL A 279 1.60 16.44 -7.44
CA VAL A 279 1.36 17.56 -8.32
C VAL A 279 0.87 16.93 -9.63
N ILE A 280 -0.29 17.34 -10.10
CA ILE A 280 -0.96 16.73 -11.24
C ILE A 280 -1.17 17.71 -12.37
N ARG A 281 -0.44 17.52 -13.46
CA ARG A 281 -0.51 18.36 -14.66
C ARG A 281 -1.71 17.93 -15.48
N LEU A 282 -2.71 18.82 -15.64
CA LEU A 282 -3.94 18.53 -16.39
C LEU A 282 -3.83 19.06 -17.82
N ILE A 283 -3.40 20.33 -17.95
CA ILE A 283 -3.20 21.00 -19.23
C ILE A 283 -1.69 21.22 -19.39
N ALA A 284 -1.07 20.47 -20.31
CA ALA A 284 0.38 20.52 -20.46
C ALA A 284 0.90 21.28 -21.68
N GLY A 285 1.92 22.07 -21.44
CA GLY A 285 2.68 22.83 -22.44
C GLY A 285 1.99 23.85 -23.33
N PRO A 286 1.89 23.52 -24.63
CA PRO A 286 1.36 24.49 -25.62
C PRO A 286 -0.07 24.97 -25.40
N ALA A 287 -0.97 24.07 -25.01
CA ALA A 287 -2.36 24.43 -24.77
C ALA A 287 -2.51 25.41 -23.58
N ALA A 288 -1.62 25.29 -22.58
CA ALA A 288 -1.63 26.09 -21.36
C ALA A 288 -1.31 27.58 -21.53
N ASN A 289 -0.65 27.96 -22.62
CA ASN A 289 -0.25 29.35 -22.84
C ASN A 289 -1.33 30.24 -23.47
N SER A 290 -2.21 29.62 -24.29
CA SER A 290 -3.26 30.37 -24.99
C SER A 290 -4.62 30.24 -24.30
N LEU A 291 -4.66 30.20 -22.96
CA LEU A 291 -5.90 30.01 -22.24
C LEU A 291 -6.70 31.28 -21.91
N PRO A 292 -8.05 31.21 -22.12
CA PRO A 292 -8.91 32.35 -21.74
C PRO A 292 -9.16 32.37 -20.21
N PRO A 293 -9.76 33.45 -19.64
CA PRO A 293 -9.97 33.47 -18.18
C PRO A 293 -10.91 32.39 -17.66
N ILE A 294 -10.74 32.01 -16.39
CA ILE A 294 -11.59 31.01 -15.76
C ILE A 294 -12.85 31.71 -15.26
N VAL A 295 -14.03 31.25 -15.70
CA VAL A 295 -15.30 31.81 -15.28
C VAL A 295 -16.15 30.66 -14.72
N ASP A 296 -16.47 30.69 -13.43
CA ASP A 296 -17.26 29.62 -12.81
C ASP A 296 -18.76 29.71 -13.19
N PRO A 297 -19.28 28.66 -13.85
CA PRO A 297 -20.70 28.68 -14.25
C PRO A 297 -21.70 28.65 -13.10
N ASP A 298 -21.28 28.19 -11.94
CA ASP A 298 -22.15 28.11 -10.77
C ASP A 298 -22.11 29.36 -9.92
N PRO A 299 -23.19 29.67 -9.18
CA PRO A 299 -23.16 30.85 -8.29
C PRO A 299 -22.51 30.52 -6.94
N LEU A 300 -22.28 31.54 -6.10
CA LEU A 300 -21.76 31.32 -4.75
C LEU A 300 -22.87 30.70 -3.88
N ILE A 301 -22.51 29.79 -2.98
CA ILE A 301 -23.48 29.14 -2.11
C ILE A 301 -23.11 29.35 -0.65
N PRO A 302 -23.74 30.32 0.01
CA PRO A 302 -23.45 30.54 1.43
C PRO A 302 -24.03 29.39 2.26
N CYS A 303 -23.30 28.96 3.27
CA CYS A 303 -23.71 27.90 4.17
C CYS A 303 -22.68 27.90 5.26
N ASP A 304 -23.02 28.40 6.45
CA ASP A 304 -22.05 28.47 7.54
C ASP A 304 -21.74 27.11 8.19
N LEU A 305 -22.66 26.15 8.06
CA LEU A 305 -22.44 24.80 8.54
C LEU A 305 -21.31 24.11 7.77
N MET A 306 -21.16 24.44 6.47
CA MET A 306 -20.10 23.85 5.66
C MET A 306 -18.98 24.82 5.36
N ASP A 307 -18.82 25.87 6.16
CA ASP A 307 -17.74 26.83 5.99
C ASP A 307 -16.53 26.26 6.72
N GLY A 308 -15.78 25.42 6.02
CA GLY A 308 -14.68 24.71 6.63
C GLY A 308 -15.16 23.43 7.31
N ARG A 309 -14.24 22.61 7.82
CA ARG A 309 -14.62 21.33 8.39
C ARG A 309 -15.05 21.36 9.85
N ASP A 310 -14.64 22.40 10.59
CA ASP A 310 -14.93 22.44 12.03
C ASP A 310 -16.40 22.66 12.39
N ALA A 311 -17.15 23.43 11.59
CA ALA A 311 -18.53 23.69 11.90
C ALA A 311 -19.39 22.43 11.94
N PHE A 312 -19.21 21.52 10.96
CA PHE A 312 -19.98 20.29 10.94
C PHE A 312 -19.47 19.29 11.99
N LEU A 313 -18.15 19.25 12.27
CA LEU A 313 -17.59 18.40 13.33
C LEU A 313 -18.14 18.85 14.71
N THR A 314 -18.20 20.18 14.94
CA THR A 314 -18.71 20.79 16.17
C THR A 314 -20.19 20.45 16.34
N LEU A 315 -20.99 20.64 15.29
CA LEU A 315 -22.42 20.32 15.34
C LEU A 315 -22.64 18.85 15.64
N ALA A 316 -21.94 17.94 14.95
CA ALA A 316 -22.09 16.51 15.19
C ALA A 316 -21.66 16.15 16.60
N ARG A 317 -20.60 16.78 17.14
CA ARG A 317 -20.17 16.52 18.53
C ARG A 317 -21.28 16.90 19.51
N ASP A 318 -21.78 18.14 19.44
CA ASP A 318 -22.82 18.64 20.32
C ASP A 318 -24.12 17.85 20.19
N ARG A 319 -24.48 17.46 18.97
CA ARG A 319 -25.75 16.75 18.72
C ARG A 319 -25.65 15.23 18.80
N HIS A 320 -24.44 14.66 19.06
CA HIS A 320 -24.16 13.21 19.13
C HIS A 320 -24.46 12.52 17.80
N LEU A 321 -24.08 13.16 16.69
CA LEU A 321 -24.28 12.59 15.36
C LEU A 321 -23.02 11.78 14.97
N GLU A 322 -23.09 10.46 15.12
CA GLU A 322 -21.96 9.61 14.83
C GLU A 322 -22.07 8.93 13.49
N PHE A 323 -20.92 8.65 12.87
CA PHE A 323 -20.91 7.93 11.60
C PHE A 323 -20.20 6.58 11.77
N SER A 324 -20.32 5.96 12.98
CA SER A 324 -19.63 4.74 13.44
C SER A 324 -20.28 3.42 13.01
N SER A 325 -21.56 3.45 12.68
CA SER A 325 -22.26 2.28 12.15
C SER A 325 -23.10 2.72 10.95
N LEU A 326 -23.73 1.78 10.23
CA LEU A 326 -24.53 2.15 9.06
C LEU A 326 -25.78 2.92 9.46
N ARG A 327 -26.60 2.40 10.38
CA ARG A 327 -27.80 3.08 10.85
C ARG A 327 -27.46 4.41 11.55
N ARG A 328 -26.34 4.47 12.32
CA ARG A 328 -25.97 5.74 12.97
C ARG A 328 -25.58 6.78 11.92
N ALA A 329 -24.87 6.34 10.87
CA ALA A 329 -24.50 7.27 9.80
C ALA A 329 -25.73 7.67 9.00
N GLN A 330 -26.77 6.81 8.91
CA GLN A 330 -28.00 7.13 8.18
C GLN A 330 -28.86 8.14 8.95
N TRP A 331 -28.96 7.97 10.27
CA TRP A 331 -29.64 8.89 11.13
C TRP A 331 -28.91 10.24 11.14
N SER A 332 -27.56 10.26 11.13
CA SER A 332 -26.74 11.49 11.15
C SER A 332 -26.83 12.27 9.87
N THR A 333 -26.88 11.55 8.75
CA THR A 333 -27.07 12.12 7.42
C THR A 333 -28.44 12.79 7.34
N GLY A 334 -29.45 12.20 7.96
CA GLY A 334 -30.79 12.76 8.02
C GLY A 334 -30.79 14.09 8.70
N CYS A 335 -30.13 14.18 9.88
CA CYS A 335 -30.01 15.45 10.65
C CYS A 335 -29.21 16.45 9.88
N MET A 336 -28.11 15.99 9.24
CA MET A 336 -27.26 16.83 8.42
C MET A 336 -28.10 17.45 7.30
N LEU A 337 -28.96 16.65 6.66
CA LEU A 337 -29.79 17.10 5.57
C LEU A 337 -30.85 18.10 5.99
N VAL A 338 -31.49 17.92 7.18
CA VAL A 338 -32.48 18.90 7.60
C VAL A 338 -31.79 20.22 8.00
N GLU A 339 -30.53 20.19 8.49
CA GLU A 339 -29.77 21.39 8.77
C GLU A 339 -29.42 22.12 7.47
N LEU A 340 -29.08 21.38 6.42
CA LEU A 340 -28.71 21.99 5.14
C LEU A 340 -29.91 22.62 4.42
N HIS A 341 -31.09 22.04 4.55
CA HIS A 341 -32.33 22.55 3.95
C HIS A 341 -32.87 23.76 4.72
N THR A 342 -32.64 23.80 6.03
CA THR A 342 -33.02 24.89 6.91
C THR A 342 -32.10 26.14 6.69
N GLN A 343 -31.18 26.12 5.68
CA GLN A 343 -30.30 27.25 5.33
C GLN A 343 -29.82 27.18 3.87
N LYS B 1 -20.30 -22.94 0.49
CA LYS B 1 -19.12 -23.82 0.61
C LYS B 1 -17.83 -22.99 0.86
N PHE B 2 -17.15 -23.31 1.98
CA PHE B 2 -15.98 -22.60 2.48
C PHE B 2 -14.72 -23.46 2.52
N SER B 3 -14.55 -24.40 1.56
CA SER B 3 -13.38 -25.29 1.49
C SER B 3 -12.22 -24.62 0.77
N ALA B 4 -10.97 -25.08 1.00
CA ALA B 4 -9.78 -24.49 0.36
C ALA B 4 -9.84 -24.57 -1.17
N LYS B 5 -10.47 -25.61 -1.71
CA LYS B 5 -10.62 -25.77 -3.16
C LYS B 5 -11.43 -24.63 -3.78
N ARG B 6 -12.39 -24.05 -3.03
CA ARG B 6 -13.19 -22.94 -3.52
C ARG B 6 -12.49 -21.57 -3.45
N LEU B 7 -11.24 -21.50 -2.95
CA LEU B 7 -10.49 -20.24 -2.94
C LEU B 7 -9.99 -19.97 -4.36
N PRO B 8 -9.96 -18.70 -4.81
CA PRO B 8 -9.49 -18.40 -6.18
C PRO B 8 -8.13 -19.01 -6.55
N SER B 9 -8.07 -19.58 -7.75
CA SER B 9 -6.85 -20.22 -8.25
C SER B 9 -5.80 -19.20 -8.74
N THR B 10 -4.55 -19.66 -8.90
CA THR B 10 -3.39 -18.93 -9.44
C THR B 10 -2.60 -19.98 -10.24
N ARG B 11 -1.80 -19.56 -11.24
CA ARG B 11 -0.98 -20.53 -11.97
C ARG B 11 0.09 -21.13 -11.04
N LEU B 12 0.59 -20.34 -10.07
CA LEU B 12 1.58 -20.80 -9.06
C LEU B 12 0.98 -21.86 -8.14
N GLY B 13 -0.17 -21.57 -7.56
CA GLY B 13 -0.85 -22.49 -6.65
C GLY B 13 -1.21 -23.80 -7.29
N THR B 14 -1.84 -23.77 -8.50
CA THR B 14 -2.24 -25.02 -9.15
C THR B 14 -1.02 -25.78 -9.71
N PHE B 15 0.07 -25.06 -10.05
CA PHE B 15 1.30 -25.74 -10.46
C PHE B 15 1.83 -26.57 -9.27
N LEU B 16 1.85 -25.97 -8.06
CA LEU B 16 2.32 -26.65 -6.84
C LEU B 16 1.43 -27.80 -6.40
N GLU B 17 0.10 -27.60 -6.35
CA GLU B 17 -0.77 -28.69 -5.95
C GLU B 17 -0.73 -29.84 -6.94
N ASN B 18 -0.51 -29.55 -8.25
CA ASN B 18 -0.42 -30.62 -9.24
C ASN B 18 0.80 -31.48 -8.98
N ARG B 19 1.92 -30.86 -8.63
CA ARG B 19 3.17 -31.52 -8.32
C ARG B 19 3.00 -32.44 -7.09
N VAL B 20 2.32 -31.95 -6.05
CA VAL B 20 2.08 -32.73 -4.84
C VAL B 20 1.14 -33.92 -5.14
N ASN B 21 -0.01 -33.65 -5.81
CA ASN B 21 -0.97 -34.71 -6.10
C ASN B 21 -0.45 -35.77 -7.08
N ASP B 22 0.40 -35.39 -8.06
CA ASP B 22 1.04 -36.38 -8.94
C ASP B 22 1.94 -37.29 -8.10
N PHE B 23 2.70 -36.71 -7.16
CA PHE B 23 3.58 -37.46 -6.26
C PHE B 23 2.75 -38.42 -5.40
N LEU B 24 1.69 -37.93 -4.77
CA LEU B 24 0.84 -38.78 -3.93
C LEU B 24 0.17 -39.91 -4.72
N ARG B 25 -0.23 -39.64 -5.96
CA ARG B 25 -0.85 -40.64 -6.84
C ARG B 25 0.12 -41.81 -7.11
N ARG B 26 1.39 -41.48 -7.41
CA ARG B 26 2.44 -42.46 -7.65
C ARG B 26 2.69 -43.31 -6.40
N GLN B 27 2.64 -42.71 -5.20
CA GLN B 27 2.85 -43.46 -3.95
C GLN B 27 1.68 -44.40 -3.68
N ASN B 28 0.46 -43.96 -4.02
CA ASN B 28 -0.76 -44.74 -3.89
C ASN B 28 -0.99 -45.26 -2.47
N HIS B 29 -0.79 -44.38 -1.49
CA HIS B 29 -0.99 -44.72 -0.10
C HIS B 29 -2.48 -44.50 0.20
N PRO B 30 -3.11 -45.50 0.84
CA PRO B 30 -4.53 -45.38 1.13
C PRO B 30 -4.88 -44.30 2.16
N GLU B 31 -3.92 -43.94 3.03
CA GLU B 31 -4.18 -42.95 4.07
C GLU B 31 -3.95 -41.49 3.64
N SER B 32 -3.53 -41.25 2.38
CA SER B 32 -3.32 -39.89 1.93
C SER B 32 -4.58 -39.28 1.32
N GLY B 33 -4.78 -37.99 1.56
CA GLY B 33 -5.92 -37.22 1.05
C GLY B 33 -5.52 -36.22 -0.02
N GLU B 34 -6.51 -35.66 -0.72
CA GLU B 34 -6.25 -34.70 -1.78
C GLU B 34 -5.71 -33.42 -1.17
N VAL B 35 -4.59 -32.92 -1.73
CA VAL B 35 -3.93 -31.69 -1.33
C VAL B 35 -4.30 -30.50 -2.23
N THR B 36 -4.51 -29.33 -1.61
CA THR B 36 -4.71 -28.09 -2.35
C THR B 36 -3.71 -27.06 -1.88
N VAL B 37 -3.14 -26.32 -2.83
CA VAL B 37 -2.16 -25.26 -2.58
C VAL B 37 -2.82 -23.98 -3.07
N ARG B 38 -2.91 -22.96 -2.22
CA ARG B 38 -3.49 -21.69 -2.62
C ARG B 38 -2.59 -20.50 -2.31
N VAL B 39 -2.43 -19.56 -3.25
CA VAL B 39 -1.75 -18.31 -3.00
C VAL B 39 -2.89 -17.43 -2.46
N VAL B 40 -2.82 -17.01 -1.18
CA VAL B 40 -3.87 -16.22 -0.52
C VAL B 40 -3.56 -14.71 -0.41
N HIS B 41 -2.40 -14.28 -0.83
CA HIS B 41 -1.99 -12.89 -0.79
C HIS B 41 -0.83 -12.67 -1.77
N ALA B 42 -0.87 -11.57 -2.51
CA ALA B 42 0.18 -11.16 -3.43
C ALA B 42 0.18 -9.63 -3.50
N SER B 43 1.24 -8.98 -3.06
CA SER B 43 1.28 -7.52 -3.06
C SER B 43 2.66 -6.96 -3.30
N ASP B 44 2.73 -5.77 -3.88
CA ASP B 44 3.99 -5.13 -4.17
C ASP B 44 4.41 -4.29 -2.98
N LYS B 45 5.67 -4.43 -2.59
CA LYS B 45 6.27 -3.72 -1.47
C LYS B 45 7.70 -3.23 -1.83
N THR B 46 8.35 -2.48 -0.92
CA THR B 46 9.74 -2.03 -1.05
C THR B 46 10.45 -2.19 0.30
N VAL B 47 11.75 -2.51 0.27
CA VAL B 47 12.55 -2.60 1.49
C VAL B 47 13.52 -1.43 1.43
N GLU B 48 13.49 -0.56 2.46
CA GLU B 48 14.36 0.60 2.51
C GLU B 48 15.67 0.27 3.17
N VAL B 49 16.77 0.74 2.61
CA VAL B 49 18.09 0.53 3.19
C VAL B 49 18.18 1.32 4.50
N LYS B 50 18.66 0.69 5.57
CA LYS B 50 18.72 1.27 6.91
C LYS B 50 19.75 2.39 7.05
N PRO B 51 19.54 3.31 8.02
CA PRO B 51 20.40 4.50 8.16
C PRO B 51 21.92 4.37 8.03
N GLY B 52 22.53 3.39 8.70
CA GLY B 52 23.97 3.19 8.65
C GLY B 52 24.47 2.92 7.25
N MET B 53 23.81 1.99 6.55
CA MET B 53 24.13 1.64 5.18
C MET B 53 23.72 2.74 4.20
N LYS B 54 22.67 3.50 4.52
CA LYS B 54 22.17 4.59 3.69
C LYS B 54 23.20 5.73 3.68
N ALA B 55 23.74 6.07 4.85
CA ALA B 55 24.74 7.12 4.95
C ALA B 55 26.03 6.69 4.24
N ARG B 56 26.42 5.43 4.39
CA ARG B 56 27.63 4.93 3.81
C ARG B 56 27.59 4.78 2.28
N PHE B 57 26.55 4.13 1.72
CA PHE B 57 26.51 3.86 0.27
C PHE B 57 25.39 4.51 -0.52
N VAL B 58 24.26 4.81 0.11
CA VAL B 58 23.13 5.41 -0.61
C VAL B 58 23.34 6.89 -0.86
N ASP B 59 23.83 7.64 0.16
CA ASP B 59 24.11 9.07 0.05
C ASP B 59 25.31 9.32 -0.91
N SER B 60 26.26 8.37 -0.98
CA SER B 60 27.36 8.50 -1.93
C SER B 60 26.99 8.03 -3.38
N GLY B 61 25.78 7.52 -3.57
CA GLY B 61 25.28 7.08 -4.87
C GLY B 61 25.76 5.71 -5.33
N GLU B 62 26.41 4.97 -4.44
CA GLU B 62 26.95 3.65 -4.73
C GLU B 62 25.92 2.50 -4.63
N MET B 63 24.76 2.74 -4.03
CA MET B 63 23.75 1.71 -3.79
C MET B 63 22.35 2.31 -3.80
N ALA B 64 21.34 1.54 -4.23
CA ALA B 64 19.97 2.03 -4.31
C ALA B 64 19.35 2.22 -2.92
N GLU B 65 18.46 3.20 -2.79
CA GLU B 65 17.81 3.51 -1.52
C GLU B 65 16.78 2.47 -1.12
N SER B 66 16.10 1.88 -2.10
CA SER B 66 15.08 0.88 -1.84
C SER B 66 15.04 -0.17 -2.96
N PHE B 67 14.52 -1.35 -2.61
CA PHE B 67 14.41 -2.44 -3.56
C PHE B 67 12.96 -2.91 -3.59
N PRO B 68 12.35 -2.88 -4.77
CA PRO B 68 10.97 -3.34 -4.87
C PRO B 68 10.86 -4.86 -4.94
N TYR B 69 9.82 -5.41 -4.33
CA TYR B 69 9.58 -6.85 -4.38
C TYR B 69 8.10 -7.19 -4.33
N ARG B 70 7.76 -8.43 -4.68
CA ARG B 70 6.40 -8.92 -4.57
C ARG B 70 6.37 -9.94 -3.45
N THR B 71 5.43 -9.77 -2.51
CA THR B 71 5.32 -10.70 -1.40
C THR B 71 4.14 -11.60 -1.65
N LYS B 72 4.32 -12.90 -1.43
CA LYS B 72 3.24 -13.85 -1.62
C LYS B 72 3.12 -14.71 -0.40
N ALA B 73 1.87 -15.09 -0.08
CA ALA B 73 1.59 -15.99 1.03
C ALA B 73 0.98 -17.22 0.40
N LEU B 74 1.60 -18.41 0.61
CA LEU B 74 1.02 -19.63 0.05
C LEU B 74 0.79 -20.66 1.12
N PHE B 75 -0.41 -21.27 1.11
CA PHE B 75 -0.80 -22.28 2.09
C PHE B 75 -1.19 -23.59 1.45
N ALA B 76 -0.87 -24.71 2.12
CA ALA B 76 -1.20 -26.04 1.62
C ALA B 76 -2.12 -26.72 2.62
N PHE B 77 -3.17 -27.36 2.10
CA PHE B 77 -4.21 -28.03 2.85
C PHE B 77 -4.34 -29.48 2.40
N GLU B 78 -4.70 -30.38 3.32
CA GLU B 78 -4.93 -31.79 3.01
C GLU B 78 -6.30 -32.19 3.56
N GLU B 79 -7.04 -33.03 2.84
CA GLU B 79 -8.33 -33.50 3.33
C GLU B 79 -8.04 -34.68 4.26
N ILE B 80 -8.37 -34.54 5.53
CA ILE B 80 -8.19 -35.64 6.48
C ILE B 80 -9.55 -35.87 7.11
N ASP B 81 -10.04 -37.13 7.03
CA ASP B 81 -11.34 -37.54 7.58
C ASP B 81 -12.49 -36.65 7.08
N GLY B 82 -12.42 -36.26 5.81
CA GLY B 82 -13.44 -35.45 5.16
C GLY B 82 -13.36 -33.95 5.34
N VAL B 83 -12.38 -33.46 6.12
CA VAL B 83 -12.27 -32.00 6.33
C VAL B 83 -10.83 -31.53 6.06
N ASP B 84 -10.68 -30.28 5.60
CA ASP B 84 -9.37 -29.71 5.30
C ASP B 84 -8.57 -29.40 6.56
N LEU B 85 -7.25 -29.65 6.49
CA LEU B 85 -6.27 -29.34 7.52
C LEU B 85 -5.19 -28.47 6.82
N CYS B 86 -4.95 -27.26 7.34
CA CYS B 86 -3.90 -26.41 6.80
C CYS B 86 -2.59 -26.89 7.46
N PHE B 87 -1.70 -27.54 6.69
CA PHE B 87 -0.47 -28.10 7.28
C PHE B 87 0.82 -27.35 6.93
N PHE B 88 0.76 -26.33 6.09
CA PHE B 88 1.95 -25.64 5.63
C PHE B 88 1.60 -24.20 5.23
N GLY B 89 2.43 -23.25 5.64
CA GLY B 89 2.30 -21.86 5.26
C GLY B 89 3.68 -21.29 4.92
N MET B 90 3.78 -20.38 3.95
CA MET B 90 5.06 -19.76 3.59
C MET B 90 4.87 -18.35 3.06
N HIS B 91 5.74 -17.42 3.45
CA HIS B 91 5.75 -16.05 2.92
C HIS B 91 7.06 -15.87 2.14
N VAL B 92 6.96 -15.43 0.88
CA VAL B 92 8.14 -15.26 0.05
C VAL B 92 8.32 -13.80 -0.38
N GLN B 93 9.53 -13.42 -0.75
CA GLN B 93 9.83 -12.08 -1.27
C GLN B 93 10.46 -12.32 -2.63
N GLU B 94 9.87 -11.75 -3.70
CA GLU B 94 10.41 -11.92 -5.04
C GLU B 94 10.87 -10.58 -5.63
N TYR B 95 12.17 -10.47 -5.90
CA TYR B 95 12.83 -9.29 -6.47
C TYR B 95 13.04 -9.54 -7.97
N GLY B 96 12.17 -8.97 -8.78
CA GLY B 96 12.15 -9.23 -10.22
C GLY B 96 13.25 -8.61 -11.05
N SER B 97 13.03 -8.52 -12.35
CA SER B 97 14.00 -7.93 -13.27
C SER B 97 14.04 -6.38 -13.15
N ASP B 98 12.96 -5.76 -12.70
CA ASP B 98 12.86 -4.31 -12.51
C ASP B 98 13.45 -3.85 -11.16
N CYS B 99 14.18 -4.71 -10.47
CA CYS B 99 14.77 -4.42 -9.21
C CYS B 99 16.24 -4.07 -9.45
N PRO B 100 16.76 -3.00 -8.83
CA PRO B 100 18.19 -2.69 -8.97
C PRO B 100 19.06 -3.75 -8.28
N PRO B 101 20.31 -3.92 -8.73
CA PRO B 101 21.19 -4.89 -8.06
C PRO B 101 21.56 -4.41 -6.66
N PRO B 102 22.07 -5.30 -5.80
CA PRO B 102 22.37 -6.72 -6.04
C PRO B 102 21.18 -7.65 -5.82
N ASN B 103 19.95 -7.12 -5.86
CA ASN B 103 18.76 -7.89 -5.57
C ASN B 103 17.99 -8.46 -6.75
N GLN B 104 18.32 -8.09 -8.00
CA GLN B 104 17.50 -8.55 -9.12
C GLN B 104 17.57 -10.04 -9.40
N ARG B 105 16.38 -10.59 -9.77
CA ARG B 105 16.10 -12.00 -10.10
C ARG B 105 16.38 -12.92 -8.92
N ARG B 106 16.06 -12.45 -7.70
CA ARG B 106 16.23 -13.23 -6.48
C ARG B 106 14.92 -13.48 -5.73
N VAL B 107 14.79 -14.66 -5.13
CA VAL B 107 13.65 -14.99 -4.28
C VAL B 107 14.18 -15.30 -2.88
N TYR B 108 13.51 -14.79 -1.87
CA TYR B 108 13.92 -14.98 -0.49
C TYR B 108 12.77 -15.68 0.26
N ILE B 109 13.04 -16.82 0.89
CA ILE B 109 12.02 -17.50 1.67
C ILE B 109 12.21 -16.99 3.08
N SER B 110 11.43 -15.91 3.38
CA SER B 110 11.50 -15.16 4.62
C SER B 110 11.17 -15.98 5.82
N TYR B 111 9.95 -16.53 5.92
CA TYR B 111 9.59 -17.38 7.05
C TYR B 111 8.58 -18.44 6.62
N LEU B 112 8.73 -19.62 7.24
CA LEU B 112 8.04 -20.82 6.85
C LEU B 112 7.51 -21.57 8.08
N ASP B 113 6.33 -22.15 7.94
CA ASP B 113 5.74 -22.88 9.04
C ASP B 113 4.87 -24.05 8.56
N SER B 114 4.58 -24.96 9.50
CA SER B 114 3.80 -26.16 9.28
C SER B 114 3.17 -26.64 10.57
N VAL B 115 2.20 -27.59 10.45
CA VAL B 115 1.49 -28.30 11.55
C VAL B 115 1.63 -29.79 11.14
N HIS B 116 2.38 -30.59 11.91
CA HIS B 116 2.84 -31.95 11.58
C HIS B 116 1.80 -33.10 11.43
N PHE B 117 0.55 -32.81 11.06
CA PHE B 117 -0.47 -33.86 10.96
C PHE B 117 -0.66 -34.42 9.58
N PHE B 118 0.23 -34.11 8.61
CA PHE B 118 0.06 -34.64 7.25
C PHE B 118 0.04 -36.14 7.29
N ARG B 119 -0.96 -36.73 6.66
CA ARG B 119 -1.20 -38.17 6.64
C ARG B 119 -0.97 -38.73 5.21
N PRO B 120 -0.10 -39.73 5.04
CA PRO B 120 0.67 -40.45 6.06
C PRO B 120 1.97 -39.77 6.52
N LYS B 121 2.36 -40.01 7.78
CA LYS B 121 3.59 -39.46 8.36
C LYS B 121 4.83 -39.76 7.49
N CYS B 122 4.87 -40.96 6.90
CA CYS B 122 5.98 -41.37 6.05
C CYS B 122 6.10 -40.56 4.74
N LEU B 123 5.08 -39.78 4.35
CA LEU B 123 5.13 -38.98 3.14
C LEU B 123 5.23 -37.47 3.38
N ARG B 124 5.20 -37.01 4.64
CA ARG B 124 5.29 -35.61 5.05
C ARG B 124 6.53 -34.87 4.49
N THR B 125 7.75 -35.36 4.76
CA THR B 125 8.98 -34.72 4.26
C THR B 125 8.96 -34.64 2.73
N ALA B 126 8.53 -35.71 2.08
CA ALA B 126 8.45 -35.74 0.63
C ALA B 126 7.52 -34.68 0.08
N VAL B 127 6.35 -34.49 0.72
CA VAL B 127 5.38 -33.49 0.32
C VAL B 127 5.94 -32.06 0.49
N TYR B 128 6.73 -31.82 1.56
CA TYR B 128 7.36 -30.52 1.76
C TYR B 128 8.40 -30.29 0.66
N HIS B 129 9.16 -31.32 0.28
CA HIS B 129 10.12 -31.23 -0.83
C HIS B 129 9.39 -30.88 -2.12
N GLU B 130 8.24 -31.48 -2.39
CA GLU B 130 7.49 -31.17 -3.62
C GLU B 130 7.07 -29.70 -3.63
N ILE B 131 6.65 -29.15 -2.47
CA ILE B 131 6.25 -27.75 -2.36
C ILE B 131 7.44 -26.80 -2.55
N LEU B 132 8.54 -26.99 -1.79
CA LEU B 132 9.68 -26.09 -1.89
C LEU B 132 10.40 -26.20 -3.20
N ILE B 133 10.75 -27.42 -3.62
CA ILE B 133 11.39 -27.67 -4.91
C ILE B 133 10.49 -27.21 -6.07
N GLY B 134 9.19 -27.42 -5.95
CA GLY B 134 8.24 -26.95 -6.95
C GLY B 134 8.20 -25.44 -7.08
N TYR B 135 8.40 -24.75 -5.96
CA TYR B 135 8.43 -23.30 -5.97
C TYR B 135 9.72 -22.81 -6.65
N LEU B 136 10.86 -23.43 -6.38
CA LEU B 136 12.12 -23.08 -6.99
C LEU B 136 12.05 -23.33 -8.49
N GLU B 137 11.44 -24.45 -8.92
CA GLU B 137 11.30 -24.72 -10.34
C GLU B 137 10.39 -23.69 -11.01
N TYR B 138 9.32 -23.27 -10.35
CA TYR B 138 8.38 -22.31 -10.91
C TYR B 138 9.02 -20.97 -11.16
N VAL B 139 9.68 -20.39 -10.14
CA VAL B 139 10.32 -19.09 -10.29
C VAL B 139 11.50 -19.16 -11.29
N LYS B 140 12.18 -20.31 -11.36
CA LYS B 140 13.26 -20.51 -12.33
C LYS B 140 12.70 -20.39 -13.77
N LYS B 141 11.51 -20.90 -14.03
CA LYS B 141 10.88 -20.82 -15.35
C LYS B 141 10.43 -19.39 -15.71
N LEU B 142 10.10 -18.58 -14.69
CA LEU B 142 9.73 -17.18 -14.92
C LEU B 142 10.96 -16.28 -15.17
N GLY B 143 12.14 -16.71 -14.77
CA GLY B 143 13.36 -15.93 -14.99
C GLY B 143 14.20 -15.62 -13.77
N TYR B 144 13.83 -16.14 -12.59
CA TYR B 144 14.61 -15.86 -11.38
C TYR B 144 15.83 -16.75 -11.38
N THR B 145 17.00 -16.17 -11.08
CA THR B 145 18.23 -16.92 -11.15
C THR B 145 18.65 -17.50 -9.83
N THR B 146 18.37 -16.81 -8.73
CA THR B 146 18.85 -17.25 -7.41
C THR B 146 17.74 -17.37 -6.36
N GLY B 147 17.91 -18.31 -5.45
CA GLY B 147 17.02 -18.52 -4.32
C GLY B 147 17.80 -18.38 -3.01
N HIS B 148 17.19 -17.79 -1.99
CA HIS B 148 17.85 -17.61 -0.70
C HIS B 148 16.98 -18.17 0.42
N ILE B 149 17.58 -18.97 1.31
CA ILE B 149 16.87 -19.55 2.43
C ILE B 149 17.60 -19.28 3.73
N TRP B 150 16.96 -18.64 4.70
CA TRP B 150 17.55 -18.48 6.04
C TRP B 150 16.81 -19.52 6.89
N ALA B 151 17.47 -20.64 7.23
CA ALA B 151 16.87 -21.68 8.08
C ALA B 151 16.98 -21.21 9.53
N CYS B 152 16.13 -20.22 9.92
CA CYS B 152 16.19 -19.71 11.29
C CYS B 152 15.53 -20.67 12.27
N PRO B 153 16.35 -21.29 13.14
CA PRO B 153 15.76 -22.20 14.14
C PRO B 153 14.93 -21.37 15.14
N PRO B 154 13.68 -21.79 15.40
CA PRO B 154 12.81 -21.00 16.28
C PRO B 154 13.04 -21.19 17.79
N SER B 155 12.49 -20.31 18.61
CA SER B 155 12.59 -20.42 20.07
C SER B 155 11.37 -21.15 20.64
N GLU B 156 11.45 -21.63 21.89
CA GLU B 156 10.32 -22.33 22.52
C GLU B 156 9.04 -21.47 22.54
N GLY B 157 7.94 -22.09 22.05
CA GLY B 157 6.64 -21.44 21.92
C GLY B 157 6.57 -20.30 20.91
N ASP B 158 7.61 -20.15 20.03
CA ASP B 158 7.56 -19.08 19.02
C ASP B 158 6.93 -19.63 17.75
N ASP B 159 5.71 -19.20 17.47
CA ASP B 159 4.96 -19.62 16.30
C ASP B 159 5.27 -18.62 15.22
N TYR B 160 5.55 -19.10 13.99
CA TYR B 160 5.83 -18.20 12.87
C TYR B 160 4.54 -17.86 12.15
N ILE B 161 3.67 -18.86 11.95
CA ILE B 161 2.45 -18.67 11.23
C ILE B 161 1.25 -19.22 12.00
N PHE B 162 1.38 -20.42 12.55
CA PHE B 162 0.28 -21.12 13.22
C PHE B 162 0.31 -21.02 14.72
N HIS B 163 -0.69 -20.34 15.30
CA HIS B 163 -0.81 -20.17 16.74
C HIS B 163 -1.06 -21.50 17.46
N CYS B 164 -0.25 -21.80 18.48
CA CYS B 164 -0.30 -22.99 19.29
C CYS B 164 -0.01 -24.27 18.51
N HIS B 165 1.28 -24.59 18.38
CA HIS B 165 1.67 -25.80 17.68
C HIS B 165 1.38 -27.02 18.55
N PRO B 166 1.27 -28.25 17.96
CA PRO B 166 1.10 -29.44 18.81
C PRO B 166 2.26 -29.52 19.82
N PRO B 167 1.94 -29.83 21.08
CA PRO B 167 3.00 -29.87 22.11
C PRO B 167 4.13 -30.84 21.78
N ASP B 168 3.82 -31.91 21.04
CA ASP B 168 4.83 -32.87 20.63
C ASP B 168 5.46 -32.56 19.27
N GLN B 169 5.06 -31.45 18.59
CA GLN B 169 5.72 -31.07 17.34
C GLN B 169 7.00 -30.40 17.81
N LYS B 170 8.15 -31.09 17.72
CA LYS B 170 9.35 -30.53 18.30
C LYS B 170 10.04 -29.47 17.48
N ILE B 171 10.64 -28.55 18.23
CA ILE B 171 11.43 -27.41 17.78
C ILE B 171 12.80 -27.98 17.36
N PRO B 172 13.11 -27.92 16.06
CA PRO B 172 14.36 -28.53 15.58
C PRO B 172 15.63 -27.84 16.06
N LYS B 173 16.68 -28.62 16.22
CA LYS B 173 18.00 -28.09 16.56
C LYS B 173 18.60 -27.49 15.28
N PRO B 174 19.57 -26.57 15.38
CA PRO B 174 20.17 -25.98 14.16
C PRO B 174 20.66 -26.97 13.11
N LYS B 175 21.39 -27.99 13.55
CA LYS B 175 21.99 -29.08 12.79
C LYS B 175 20.96 -29.96 12.10
N ARG B 176 19.80 -30.17 12.74
CA ARG B 176 18.68 -30.95 12.20
C ARG B 176 18.09 -30.15 11.04
N LEU B 177 17.87 -28.84 11.26
CA LEU B 177 17.34 -27.93 10.27
C LEU B 177 18.25 -27.87 9.06
N GLN B 178 19.57 -27.71 9.25
CA GLN B 178 20.57 -27.61 8.16
C GLN B 178 20.66 -28.86 7.29
N GLU B 179 20.67 -30.06 7.90
CA GLU B 179 20.70 -31.33 7.19
C GLU B 179 19.35 -31.62 6.48
N TRP B 180 18.21 -31.04 6.97
CA TRP B 180 16.93 -31.21 6.27
C TRP B 180 17.01 -30.47 4.93
N TYR B 181 17.39 -29.20 4.96
CA TYR B 181 17.51 -28.40 3.75
C TYR B 181 18.61 -28.88 2.83
N LYS B 182 19.67 -29.55 3.36
CA LYS B 182 20.75 -30.10 2.54
C LYS B 182 20.19 -31.25 1.77
N LYS B 183 19.45 -32.15 2.43
CA LYS B 183 18.82 -33.31 1.79
C LYS B 183 17.83 -32.86 0.71
N MET B 184 17.00 -31.84 1.02
CA MET B 184 15.99 -31.25 0.13
C MET B 184 16.67 -30.65 -1.12
N LEU B 185 17.71 -29.84 -0.93
CA LEU B 185 18.42 -29.22 -2.04
C LEU B 185 19.21 -30.20 -2.85
N ASP B 186 19.80 -31.22 -2.21
CA ASP B 186 20.51 -32.28 -2.92
C ASP B 186 19.57 -33.00 -3.90
N LYS B 187 18.30 -33.16 -3.51
CA LYS B 187 17.27 -33.79 -4.32
C LYS B 187 16.90 -32.92 -5.54
N ALA B 188 16.83 -31.60 -5.36
CA ALA B 188 16.53 -30.68 -6.47
C ALA B 188 17.73 -30.56 -7.41
N VAL B 189 18.96 -30.69 -6.88
CA VAL B 189 20.20 -30.64 -7.66
C VAL B 189 20.27 -31.88 -8.59
N SER B 190 19.86 -33.05 -8.06
CA SER B 190 19.88 -34.29 -8.83
C SER B 190 18.74 -34.36 -9.85
N GLU B 191 17.60 -33.72 -9.57
CA GLU B 191 16.50 -33.66 -10.53
C GLU B 191 16.73 -32.57 -11.62
N ARG B 192 17.90 -31.89 -11.61
CA ARG B 192 18.27 -30.83 -12.55
C ARG B 192 17.38 -29.58 -12.45
N ILE B 193 16.74 -29.36 -11.31
CA ILE B 193 15.94 -28.16 -11.08
C ILE B 193 16.83 -27.03 -10.55
N VAL B 194 17.77 -27.39 -9.66
CA VAL B 194 18.74 -26.47 -9.09
C VAL B 194 20.09 -26.79 -9.75
N HIS B 195 20.86 -25.76 -10.10
CA HIS B 195 22.17 -25.96 -10.69
C HIS B 195 23.10 -26.40 -9.55
N ASP B 196 23.26 -25.56 -8.53
CA ASP B 196 24.03 -25.86 -7.34
C ASP B 196 23.66 -24.92 -6.19
N TYR B 197 24.07 -25.27 -4.98
CA TYR B 197 23.84 -24.45 -3.81
C TYR B 197 25.11 -24.39 -2.97
N LYS B 198 25.30 -23.30 -2.29
CA LYS B 198 26.44 -23.06 -1.42
C LYS B 198 25.96 -22.32 -0.18
N ASP B 199 26.75 -22.36 0.90
CA ASP B 199 26.45 -21.56 2.07
C ASP B 199 26.81 -20.10 1.73
N ILE B 200 26.31 -19.13 2.50
CA ILE B 200 26.53 -17.72 2.25
C ILE B 200 28.03 -17.31 2.19
N PHE B 201 28.87 -17.95 3.04
CA PHE B 201 30.30 -17.66 3.13
C PHE B 201 31.04 -18.15 1.89
N LYS B 202 30.83 -19.43 1.50
CA LYS B 202 31.40 -20.01 0.29
C LYS B 202 30.94 -19.22 -0.95
N GLN B 203 29.69 -18.76 -0.93
CA GLN B 203 29.11 -17.99 -2.03
C GLN B 203 29.76 -16.61 -2.18
N ALA B 204 29.88 -15.84 -1.10
CA ALA B 204 30.46 -14.49 -1.15
C ALA B 204 31.92 -14.55 -1.62
N THR B 205 32.65 -15.56 -1.16
CA THR B 205 34.04 -15.82 -1.49
C THR B 205 34.16 -16.10 -2.99
N GLU B 206 33.33 -17.03 -3.51
CA GLU B 206 33.30 -17.40 -4.92
C GLU B 206 32.88 -16.24 -5.81
N ASP B 207 31.98 -15.39 -5.32
CA ASP B 207 31.50 -14.25 -6.11
C ASP B 207 32.47 -13.04 -6.09
N ARG B 208 33.57 -13.14 -5.31
CA ARG B 208 34.59 -12.11 -5.12
C ARG B 208 33.96 -10.83 -4.57
N LEU B 209 33.09 -10.93 -3.53
CA LEU B 209 32.48 -9.72 -2.99
C LEU B 209 33.48 -9.05 -2.08
N THR B 210 33.66 -7.76 -2.30
CA THR B 210 34.60 -6.94 -1.57
C THR B 210 33.91 -5.86 -0.74
N SER B 211 32.72 -5.40 -1.16
CA SER B 211 31.95 -4.36 -0.49
C SER B 211 30.60 -4.86 0.06
N ALA B 212 30.12 -4.25 1.15
CA ALA B 212 28.83 -4.64 1.73
C ALA B 212 27.62 -4.19 0.87
N LYS B 213 27.85 -3.30 -0.12
CA LYS B 213 26.82 -2.88 -1.06
C LYS B 213 26.48 -3.99 -2.08
N GLU B 214 27.31 -5.06 -2.17
CA GLU B 214 27.14 -6.18 -3.10
C GLU B 214 26.26 -7.30 -2.51
N LEU B 215 26.07 -7.32 -1.17
CA LEU B 215 25.26 -8.37 -0.56
C LEU B 215 23.78 -8.08 -0.74
N PRO B 216 22.97 -9.06 -1.20
CA PRO B 216 21.53 -8.79 -1.36
C PRO B 216 20.87 -8.34 -0.06
N TYR B 217 20.06 -7.26 -0.12
CA TYR B 217 19.40 -6.64 1.02
C TYR B 217 17.93 -6.99 1.09
N PHE B 218 17.55 -7.96 1.98
CA PHE B 218 16.15 -8.42 2.09
C PHE B 218 15.39 -7.92 3.32
N GLU B 219 14.08 -7.73 3.17
CA GLU B 219 13.24 -7.27 4.26
C GLU B 219 13.18 -8.27 5.43
N GLY B 220 13.64 -7.82 6.60
CA GLY B 220 13.65 -8.64 7.80
C GLY B 220 14.78 -9.64 7.94
N ASP B 221 15.64 -9.71 6.93
CA ASP B 221 16.77 -10.63 6.93
C ASP B 221 17.81 -10.23 7.97
N PHE B 222 18.68 -11.18 8.35
CA PHE B 222 19.72 -11.03 9.35
C PHE B 222 20.80 -10.05 8.94
N TRP B 223 21.16 -10.04 7.66
CA TRP B 223 22.29 -9.26 7.15
C TRP B 223 22.05 -7.76 7.12
N PRO B 224 20.87 -7.21 6.75
CA PRO B 224 20.66 -5.77 6.91
C PRO B 224 20.88 -5.33 8.37
N ASN B 225 20.62 -6.21 9.36
CA ASN B 225 20.84 -5.90 10.78
C ASN B 225 22.29 -6.03 11.16
N VAL B 226 22.99 -7.08 10.71
CA VAL B 226 24.43 -7.29 10.97
C VAL B 226 25.21 -6.05 10.47
N LEU B 227 24.87 -5.54 9.29
CA LEU B 227 25.51 -4.37 8.71
C LEU B 227 25.34 -3.12 9.55
N GLU B 228 24.16 -2.91 10.14
CA GLU B 228 23.90 -1.77 11.00
C GLU B 228 24.71 -1.87 12.27
N GLU B 229 24.70 -3.06 12.89
CA GLU B 229 25.40 -3.36 14.11
C GLU B 229 26.90 -3.24 13.94
N SER B 230 27.43 -3.64 12.77
CA SER B 230 28.83 -3.59 12.46
C SER B 230 29.30 -2.18 12.20
N ILE B 231 28.51 -1.38 11.49
CA ILE B 231 28.85 0.03 11.22
C ILE B 231 28.94 0.79 12.55
N LYS B 232 27.96 0.55 13.42
CA LYS B 232 27.86 1.11 14.75
C LYS B 232 29.09 0.67 15.58
N GLU B 233 29.51 -0.61 15.46
CA GLU B 233 30.68 -1.19 16.14
C GLU B 233 31.97 -0.48 15.70
N LEU B 234 32.11 -0.21 14.40
CA LEU B 234 33.29 0.47 13.87
C LEU B 234 33.39 1.89 14.39
N GLU B 235 32.24 2.60 14.48
CA GLU B 235 32.21 3.98 14.98
C GLU B 235 32.85 4.13 16.38
N GLN B 236 32.93 3.03 17.15
CA GLN B 236 33.56 3.03 18.47
C GLN B 236 35.07 2.89 18.31
N ASP B 261 37.70 -2.85 8.73
CA ASP B 261 36.63 -2.32 7.89
C ASP B 261 35.36 -3.21 7.91
N LEU B 262 34.24 -2.69 7.35
CA LEU B 262 32.93 -3.34 7.28
C LEU B 262 33.02 -4.73 6.68
N SER B 263 33.79 -4.85 5.59
CA SER B 263 33.93 -6.07 4.83
C SER B 263 34.53 -7.23 5.59
N GLN B 264 35.57 -7.00 6.42
CA GLN B 264 36.13 -8.12 7.18
C GLN B 264 35.19 -8.57 8.30
N LYS B 265 34.41 -7.63 8.86
CA LYS B 265 33.42 -7.94 9.88
C LYS B 265 32.29 -8.79 9.25
N LEU B 266 31.88 -8.46 8.02
CA LEU B 266 30.84 -9.20 7.30
C LEU B 266 31.28 -10.63 7.00
N TYR B 267 32.52 -10.81 6.52
CA TYR B 267 33.05 -12.15 6.25
C TYR B 267 33.16 -13.00 7.52
N ALA B 268 33.42 -12.35 8.67
CA ALA B 268 33.52 -13.03 9.97
C ALA B 268 32.16 -13.48 10.46
N THR B 269 31.12 -12.61 10.34
CA THR B 269 29.75 -12.97 10.72
C THR B 269 29.22 -14.08 9.80
N MET B 270 29.60 -14.05 8.52
CA MET B 270 29.20 -15.05 7.55
C MET B 270 29.78 -16.40 7.89
N GLU B 271 31.07 -16.47 8.29
CA GLU B 271 31.76 -17.70 8.66
C GLU B 271 31.09 -18.35 9.86
N LYS B 272 30.77 -17.55 10.88
CA LYS B 272 30.14 -18.04 12.11
C LYS B 272 28.74 -18.63 11.88
N HIS B 273 27.97 -18.10 10.91
CA HIS B 273 26.61 -18.55 10.68
C HIS B 273 26.32 -19.21 9.36
N LYS B 274 27.34 -19.57 8.57
CA LYS B 274 27.17 -20.11 7.22
C LYS B 274 26.25 -21.33 7.10
N GLU B 275 26.21 -22.19 8.11
CA GLU B 275 25.36 -23.38 8.10
C GLU B 275 23.83 -23.06 8.06
N VAL B 276 23.46 -21.85 8.48
CA VAL B 276 22.08 -21.35 8.57
C VAL B 276 21.56 -20.70 7.25
N PHE B 277 22.50 -20.24 6.41
CA PHE B 277 22.18 -19.50 5.20
C PHE B 277 22.58 -20.19 3.91
N PHE B 278 21.59 -20.41 3.02
CA PHE B 278 21.79 -21.06 1.73
C PHE B 278 21.58 -20.11 0.53
N VAL B 279 22.50 -20.13 -0.43
CA VAL B 279 22.36 -19.40 -1.69
C VAL B 279 22.21 -20.49 -2.74
N ILE B 280 21.13 -20.44 -3.50
CA ILE B 280 20.77 -21.50 -4.44
C ILE B 280 20.74 -20.97 -5.87
N ARG B 281 21.71 -21.41 -6.67
CA ARG B 281 21.82 -21.03 -8.08
C ARG B 281 20.87 -21.91 -8.89
N LEU B 282 19.85 -21.29 -9.52
CA LEU B 282 18.85 -21.99 -10.32
C LEU B 282 19.23 -21.95 -11.81
N ILE B 283 19.57 -20.75 -12.31
CA ILE B 283 19.97 -20.51 -13.69
C ILE B 283 21.45 -20.13 -13.63
N ALA B 284 22.32 -21.04 -14.10
CA ALA B 284 23.75 -20.82 -14.02
C ALA B 284 24.44 -20.43 -15.31
N GLY B 285 25.34 -19.44 -15.19
CA GLY B 285 26.22 -18.94 -16.23
C GLY B 285 25.65 -18.39 -17.54
N PRO B 286 25.85 -19.15 -18.63
CA PRO B 286 25.48 -18.65 -19.97
C PRO B 286 24.01 -18.33 -20.19
N ALA B 287 23.11 -19.17 -19.68
CA ALA B 287 21.68 -18.96 -19.82
C ALA B 287 21.22 -17.69 -19.09
N ALA B 288 21.87 -17.34 -17.98
CA ALA B 288 21.55 -16.20 -17.13
C ALA B 288 21.77 -14.83 -17.75
N ASN B 289 22.61 -14.73 -18.78
CA ASN B 289 22.94 -13.44 -19.39
C ASN B 289 21.95 -13.00 -20.48
N SER B 290 21.32 -13.95 -21.16
CA SER B 290 20.40 -13.64 -22.26
C SER B 290 18.92 -13.74 -21.83
N LEU B 291 18.60 -13.34 -20.59
CA LEU B 291 17.24 -13.51 -20.08
C LEU B 291 16.25 -12.36 -20.38
N PRO B 292 15.01 -12.72 -20.77
CA PRO B 292 13.96 -11.71 -20.97
C PRO B 292 13.41 -11.20 -19.63
N PRO B 293 12.60 -10.13 -19.61
CA PRO B 293 12.10 -9.63 -18.30
C PRO B 293 11.17 -10.60 -17.58
N ILE B 294 11.07 -10.48 -16.26
CA ILE B 294 10.18 -11.32 -15.48
C ILE B 294 8.78 -10.67 -15.54
N VAL B 295 7.80 -11.42 -16.02
CA VAL B 295 6.42 -10.93 -16.11
C VAL B 295 5.57 -11.97 -15.36
N ASP B 296 4.99 -11.59 -14.22
CA ASP B 296 4.22 -12.53 -13.42
C ASP B 296 2.85 -12.81 -14.07
N PRO B 297 2.59 -14.07 -14.44
CA PRO B 297 1.29 -14.39 -15.07
C PRO B 297 0.09 -14.22 -14.17
N ASP B 298 0.28 -14.22 -12.86
CA ASP B 298 -0.82 -14.07 -11.89
C ASP B 298 -1.07 -12.62 -11.52
N PRO B 299 -2.33 -12.29 -11.16
CA PRO B 299 -2.60 -10.92 -10.72
C PRO B 299 -2.27 -10.71 -9.23
N LEU B 300 -2.29 -9.45 -8.76
CA LEU B 300 -2.07 -9.16 -7.36
C LEU B 300 -3.31 -9.62 -6.56
N ILE B 301 -3.09 -10.12 -5.34
CA ILE B 301 -4.17 -10.58 -4.47
C ILE B 301 -4.15 -9.85 -3.13
N PRO B 302 -4.92 -8.77 -2.98
CA PRO B 302 -4.96 -8.07 -1.69
C PRO B 302 -5.68 -8.94 -0.65
N CYS B 303 -5.17 -8.92 0.58
CA CYS B 303 -5.70 -9.70 1.70
C CYS B 303 -4.93 -9.20 2.90
N ASP B 304 -5.56 -8.39 3.76
CA ASP B 304 -4.85 -7.84 4.92
C ASP B 304 -4.63 -8.88 6.04
N LEU B 305 -5.45 -9.94 6.07
CA LEU B 305 -5.27 -11.02 7.03
C LEU B 305 -3.96 -11.75 6.78
N MET B 306 -3.53 -11.86 5.49
CA MET B 306 -2.27 -12.53 5.16
C MET B 306 -1.15 -11.58 4.76
N ASP B 307 -1.25 -10.31 5.16
CA ASP B 307 -0.21 -9.32 4.88
C ASP B 307 0.81 -9.42 6.01
N GLY B 308 1.80 -10.30 5.85
CA GLY B 308 2.74 -10.58 6.93
C GLY B 308 2.15 -11.62 7.86
N ARG B 309 2.92 -12.07 8.86
CA ARG B 309 2.44 -13.15 9.74
C ARG B 309 1.65 -12.68 10.94
N ASP B 310 1.80 -11.42 11.33
CA ASP B 310 1.18 -10.93 12.58
C ASP B 310 -0.35 -10.85 12.56
N ALA B 311 -0.94 -10.48 11.42
CA ALA B 311 -2.39 -10.39 11.31
C ALA B 311 -3.10 -11.72 11.61
N PHE B 312 -2.61 -12.84 11.03
CA PHE B 312 -3.23 -14.14 11.26
C PHE B 312 -2.92 -14.67 12.66
N LEU B 313 -1.73 -14.36 13.20
CA LEU B 313 -1.38 -14.75 14.57
C LEU B 313 -2.27 -14.01 15.60
N THR B 314 -2.53 -12.72 15.35
CA THR B 314 -3.36 -11.88 16.19
C THR B 314 -4.80 -12.42 16.17
N LEU B 315 -5.34 -12.69 14.97
CA LEU B 315 -6.69 -13.22 14.82
C LEU B 315 -6.85 -14.58 15.55
N ALA B 316 -5.90 -15.51 15.37
CA ALA B 316 -5.96 -16.80 16.05
C ALA B 316 -5.86 -16.64 17.56
N ARG B 317 -5.01 -15.72 18.05
CA ARG B 317 -4.90 -15.46 19.49
C ARG B 317 -6.25 -14.98 20.03
N ASP B 318 -6.83 -13.91 19.43
CA ASP B 318 -8.12 -13.34 19.88
C ASP B 318 -9.27 -14.35 19.82
N ARG B 319 -9.29 -15.18 18.77
CA ARG B 319 -10.35 -16.15 18.59
C ARG B 319 -10.07 -17.53 19.15
N HIS B 320 -8.95 -17.73 19.85
CA HIS B 320 -8.57 -19.02 20.43
C HIS B 320 -8.51 -20.14 19.39
N LEU B 321 -7.93 -19.84 18.21
CA LEU B 321 -7.79 -20.82 17.14
C LEU B 321 -6.41 -21.46 17.31
N GLU B 322 -6.39 -22.65 17.88
CA GLU B 322 -5.15 -23.36 18.12
C GLU B 322 -4.92 -24.44 17.06
N PHE B 323 -3.66 -24.73 16.81
CA PHE B 323 -3.30 -25.78 15.87
C PHE B 323 -2.58 -26.91 16.62
N SER B 324 -2.93 -27.12 17.93
CA SER B 324 -2.28 -28.03 18.85
C SER B 324 -2.74 -29.48 18.77
N SER B 325 -3.89 -29.74 18.13
CA SER B 325 -4.35 -31.11 17.92
C SER B 325 -5.01 -31.25 16.54
N LEU B 326 -5.18 -32.47 16.04
CA LEU B 326 -5.76 -32.69 14.72
C LEU B 326 -7.15 -32.01 14.55
N ARG B 327 -8.09 -32.29 15.46
CA ARG B 327 -9.43 -31.70 15.36
C ARG B 327 -9.41 -30.22 15.73
N ARG B 328 -8.56 -29.81 16.67
CA ARG B 328 -8.46 -28.43 17.07
C ARG B 328 -7.95 -27.57 15.91
N ALA B 329 -6.99 -28.10 15.14
CA ALA B 329 -6.37 -27.48 13.97
C ALA B 329 -7.24 -27.59 12.70
N GLN B 330 -8.11 -28.62 12.62
CA GLN B 330 -9.03 -28.79 11.50
C GLN B 330 -10.14 -27.73 11.57
N TRP B 331 -10.54 -27.38 12.78
CA TRP B 331 -11.50 -26.36 13.12
C TRP B 331 -10.90 -24.96 12.86
N SER B 332 -9.65 -24.69 13.30
CA SER B 332 -9.00 -23.39 13.07
C SER B 332 -8.75 -23.15 11.56
N THR B 333 -8.54 -24.24 10.79
CA THR B 333 -8.35 -24.21 9.34
C THR B 333 -9.65 -23.70 8.72
N GLY B 334 -10.77 -24.29 9.14
CA GLY B 334 -12.10 -23.92 8.69
C GLY B 334 -12.44 -22.49 9.03
N CYS B 335 -12.03 -22.01 10.23
CA CYS B 335 -12.23 -20.63 10.68
C CYS B 335 -11.45 -19.65 9.82
N MET B 336 -10.20 -20.01 9.51
CA MET B 336 -9.29 -19.28 8.66
C MET B 336 -9.88 -19.19 7.25
N LEU B 337 -10.46 -20.30 6.76
CA LEU B 337 -11.06 -20.38 5.44
C LEU B 337 -12.33 -19.57 5.30
N VAL B 338 -13.13 -19.40 6.39
CA VAL B 338 -14.31 -18.53 6.29
C VAL B 338 -13.85 -17.07 6.27
N GLU B 339 -12.74 -16.70 6.93
CA GLU B 339 -12.22 -15.34 6.88
C GLU B 339 -11.66 -15.00 5.49
N LEU B 340 -10.99 -15.99 4.86
CA LEU B 340 -10.40 -15.80 3.53
C LEU B 340 -11.46 -15.69 2.45
N HIS B 341 -12.56 -16.43 2.59
CA HIS B 341 -13.67 -16.40 1.64
C HIS B 341 -14.51 -15.12 1.76
N THR B 342 -14.63 -14.61 2.99
CA THR B 342 -15.36 -13.38 3.31
C THR B 342 -14.62 -12.12 2.81
N GLN B 343 -13.43 -12.24 2.21
CA GLN B 343 -12.62 -11.13 1.72
C GLN B 343 -13.42 -10.15 0.82
N SER B 344 -13.72 -10.50 -0.47
CA SER B 344 -14.49 -9.71 -1.44
C SER B 344 -13.76 -8.42 -1.94
N GLN B 345 -13.14 -8.53 -3.15
CA GLN B 345 -12.24 -7.65 -3.91
C GLN B 345 -12.81 -6.40 -4.68
N ASP B 346 -11.92 -5.54 -5.20
CA ASP B 346 -12.29 -4.33 -5.95
C ASP B 346 -12.73 -4.61 -7.38
N ARG B 347 -13.84 -3.97 -7.77
CA ARG B 347 -14.48 -4.08 -9.06
C ARG B 347 -14.43 -2.75 -9.86
N PHE B 348 -14.19 -2.82 -11.18
CA PHE B 348 -14.10 -1.66 -12.06
C PHE B 348 -14.79 -2.00 -13.40
N LYS C 1 -40.16 -14.91 -27.97
CA LYS C 1 -39.15 -15.84 -27.49
C LYS C 1 -37.83 -15.10 -27.32
N PHE C 2 -37.03 -15.60 -26.39
CA PHE C 2 -35.73 -15.05 -26.02
C PHE C 2 -34.60 -15.91 -26.58
N SER C 3 -34.77 -16.44 -27.79
CA SER C 3 -33.78 -17.30 -28.44
C SER C 3 -32.64 -16.48 -29.07
N ALA C 4 -31.49 -17.13 -29.34
CA ALA C 4 -30.40 -16.46 -30.02
C ALA C 4 -30.78 -16.05 -31.45
N LYS C 5 -31.67 -16.80 -32.12
CA LYS C 5 -32.11 -16.46 -33.47
C LYS C 5 -32.84 -15.11 -33.48
N ARG C 6 -33.57 -14.76 -32.40
CA ARG C 6 -34.28 -13.50 -32.35
C ARG C 6 -33.41 -12.30 -31.99
N LEU C 7 -32.08 -12.48 -31.76
CA LEU C 7 -31.20 -11.35 -31.50
C LEU C 7 -30.93 -10.63 -32.84
N PRO C 8 -30.85 -9.28 -32.86
CA PRO C 8 -30.59 -8.59 -34.13
C PRO C 8 -29.39 -9.12 -34.95
N SER C 9 -29.61 -9.27 -36.23
CA SER C 9 -28.63 -9.80 -37.17
C SER C 9 -27.56 -8.77 -37.53
N THR C 10 -26.46 -9.25 -38.13
CA THR C 10 -25.35 -8.47 -38.68
C THR C 10 -24.91 -9.22 -39.96
N ARG C 11 -24.22 -8.56 -40.91
CA ARG C 11 -23.71 -9.26 -42.08
C ARG C 11 -22.63 -10.25 -41.64
N LEU C 12 -21.81 -9.90 -40.63
CA LEU C 12 -20.75 -10.76 -40.10
C LEU C 12 -21.34 -12.01 -39.45
N GLY C 13 -22.34 -11.81 -38.57
CA GLY C 13 -23.04 -12.87 -37.86
C GLY C 13 -23.68 -13.89 -38.78
N THR C 14 -24.49 -13.42 -39.78
CA THR C 14 -25.16 -14.32 -40.70
C THR C 14 -24.17 -14.89 -41.72
N PHE C 15 -23.06 -14.21 -42.07
CA PHE C 15 -22.04 -14.81 -42.94
C PHE C 15 -21.43 -16.04 -42.25
N LEU C 16 -21.08 -15.92 -40.96
CA LEU C 16 -20.49 -17.00 -40.19
C LEU C 16 -21.45 -18.13 -39.91
N GLU C 17 -22.70 -17.83 -39.54
CA GLU C 17 -23.66 -18.87 -39.26
C GLU C 17 -24.04 -19.64 -40.53
N ASN C 18 -23.99 -18.98 -41.71
CA ASN C 18 -24.28 -19.63 -42.98
C ASN C 18 -23.18 -20.64 -43.32
N ARG C 19 -21.91 -20.30 -43.06
CA ARG C 19 -20.81 -21.25 -43.29
C ARG C 19 -20.94 -22.46 -42.38
N VAL C 20 -21.26 -22.22 -41.11
CA VAL C 20 -21.42 -23.33 -40.15
C VAL C 20 -22.59 -24.23 -40.55
N ASN C 21 -23.75 -23.64 -40.81
CA ASN C 21 -24.95 -24.42 -41.16
C ASN C 21 -24.84 -25.12 -42.51
N ASP C 22 -24.14 -24.53 -43.51
CA ASP C 22 -23.91 -25.23 -44.78
C ASP C 22 -23.08 -26.50 -44.51
N PHE C 23 -22.02 -26.37 -43.67
CA PHE C 23 -21.15 -27.46 -43.29
C PHE C 23 -21.96 -28.55 -42.57
N LEU C 24 -22.76 -28.18 -41.57
CA LEU C 24 -23.57 -29.14 -40.83
C LEU C 24 -24.58 -29.83 -41.70
N ARG C 25 -25.18 -29.12 -42.65
CA ARG C 25 -26.18 -29.65 -43.59
C ARG C 25 -25.58 -30.76 -44.44
N ARG C 26 -24.35 -30.53 -44.94
CA ARG C 26 -23.61 -31.52 -45.73
C ARG C 26 -23.31 -32.76 -44.90
N GLN C 27 -22.96 -32.61 -43.61
CA GLN C 27 -22.67 -33.76 -42.74
C GLN C 27 -23.93 -34.54 -42.46
N ASN C 28 -25.07 -33.84 -42.26
CA ASN C 28 -26.38 -34.43 -42.01
C ASN C 28 -26.39 -35.45 -40.84
N HIS C 29 -25.72 -35.10 -39.76
CA HIS C 29 -25.67 -35.90 -38.55
C HIS C 29 -26.96 -35.63 -37.77
N PRO C 30 -27.63 -36.69 -37.27
CA PRO C 30 -28.88 -36.48 -36.54
C PRO C 30 -28.75 -35.76 -35.20
N GLU C 31 -27.59 -35.83 -34.55
CA GLU C 31 -27.36 -35.18 -33.25
C GLU C 31 -27.06 -33.67 -33.36
N SER C 32 -26.76 -33.18 -34.58
CA SER C 32 -26.42 -31.77 -34.72
C SER C 32 -27.66 -30.90 -34.77
N GLY C 33 -27.55 -29.75 -34.15
CA GLY C 33 -28.65 -28.79 -34.12
C GLY C 33 -28.33 -27.54 -34.89
N GLU C 34 -29.34 -26.69 -35.12
CA GLU C 34 -29.16 -25.45 -35.85
C GLU C 34 -28.29 -24.51 -35.04
N VAL C 35 -27.26 -23.95 -35.69
CA VAL C 35 -26.32 -23.01 -35.11
C VAL C 35 -26.70 -21.57 -35.47
N THR C 36 -26.66 -20.69 -34.46
CA THR C 36 -26.89 -19.27 -34.65
C THR C 36 -25.62 -18.54 -34.19
N VAL C 37 -25.05 -17.69 -35.07
CA VAL C 37 -23.87 -16.87 -34.78
C VAL C 37 -24.35 -15.43 -34.66
N ARG C 38 -24.10 -14.77 -33.50
CA ARG C 38 -24.51 -13.39 -33.32
C ARG C 38 -23.35 -12.47 -32.89
N VAL C 39 -23.26 -11.29 -33.48
CA VAL C 39 -22.37 -10.25 -32.99
C VAL C 39 -23.23 -9.53 -31.94
N VAL C 40 -22.85 -9.62 -30.64
CA VAL C 40 -23.64 -9.06 -29.53
C VAL C 40 -23.15 -7.72 -28.98
N HIS C 41 -22.02 -7.23 -29.52
CA HIS C 41 -21.45 -5.97 -29.12
C HIS C 41 -20.49 -5.51 -30.23
N ALA C 42 -20.49 -4.21 -30.52
CA ALA C 42 -19.58 -3.60 -31.48
C ALA C 42 -19.39 -2.13 -31.03
N SER C 43 -18.16 -1.76 -30.66
CA SER C 43 -17.92 -0.39 -30.21
C SER C 43 -16.54 0.10 -30.55
N ASP C 44 -16.42 1.41 -30.74
CA ASP C 44 -15.15 2.03 -31.09
C ASP C 44 -14.39 2.39 -29.84
N LYS C 45 -13.11 2.03 -29.81
CA LYS C 45 -12.21 2.26 -28.69
C LYS C 45 -10.82 2.71 -29.19
N THR C 46 -9.91 3.02 -28.26
CA THR C 46 -8.51 3.36 -28.54
C THR C 46 -7.63 2.69 -27.47
N VAL C 47 -6.42 2.28 -27.85
CA VAL C 47 -5.47 1.71 -26.93
C VAL C 47 -4.33 2.71 -26.78
N GLU C 48 -4.08 3.16 -25.55
CA GLU C 48 -3.04 4.16 -25.28
C GLU C 48 -1.70 3.48 -25.04
N VAL C 49 -0.63 4.00 -25.64
CA VAL C 49 0.72 3.47 -25.44
C VAL C 49 1.14 3.72 -23.99
N LYS C 50 1.67 2.69 -23.32
CA LYS C 50 2.05 2.77 -21.91
C LYS C 50 3.26 3.67 -21.63
N PRO C 51 3.36 4.21 -20.39
CA PRO C 51 4.41 5.21 -20.06
C PRO C 51 5.84 4.98 -20.53
N GLY C 52 6.39 3.78 -20.33
CA GLY C 52 7.75 3.44 -20.75
C GLY C 52 7.97 3.62 -22.24
N MET C 53 7.05 3.06 -23.05
CA MET C 53 7.08 3.18 -24.51
C MET C 53 6.70 4.58 -24.97
N LYS C 54 5.87 5.28 -24.22
CA LYS C 54 5.45 6.64 -24.56
C LYS C 54 6.62 7.60 -24.40
N ALA C 55 7.41 7.44 -23.34
CA ALA C 55 8.56 8.28 -23.12
C ALA C 55 9.63 7.99 -24.18
N ARG C 56 9.83 6.72 -24.54
CA ARG C 56 10.85 6.36 -25.51
C ARG C 56 10.54 6.73 -26.94
N PHE C 57 9.30 6.49 -27.42
CA PHE C 57 8.97 6.73 -28.83
C PHE C 57 7.90 7.74 -29.12
N VAL C 58 6.93 7.93 -28.22
CA VAL C 58 5.83 8.85 -28.46
C VAL C 58 6.25 10.31 -28.25
N ASP C 59 7.00 10.58 -27.15
CA ASP C 59 7.52 11.92 -26.85
C ASP C 59 8.57 12.37 -27.88
N SER C 60 9.33 11.41 -28.45
CA SER C 60 10.28 11.73 -29.51
C SER C 60 9.63 11.84 -30.92
N GLY C 61 8.33 11.57 -31.03
CA GLY C 61 7.58 11.67 -32.28
C GLY C 61 7.74 10.52 -33.25
N GLU C 62 8.37 9.44 -32.80
CA GLU C 62 8.63 8.25 -33.60
C GLU C 62 7.45 7.26 -33.68
N MET C 63 6.44 7.42 -32.81
CA MET C 63 5.31 6.48 -32.72
C MET C 63 4.03 7.20 -32.26
N ALA C 64 2.86 6.72 -32.69
CA ALA C 64 1.59 7.33 -32.29
C ALA C 64 1.25 7.06 -30.83
N GLU C 65 0.56 8.02 -30.20
CA GLU C 65 0.19 7.93 -28.79
C GLU C 65 -0.92 6.89 -28.56
N SER C 66 -1.87 6.82 -29.49
CA SER C 66 -2.97 5.88 -29.37
C SER C 66 -3.39 5.31 -30.73
N PHE C 67 -4.02 4.13 -30.70
CA PHE C 67 -4.46 3.48 -31.92
C PHE C 67 -5.95 3.18 -31.80
N PRO C 68 -6.75 3.68 -32.76
CA PRO C 68 -8.19 3.40 -32.72
C PRO C 68 -8.54 2.02 -33.28
N TYR C 69 -9.55 1.38 -32.68
CA TYR C 69 -9.99 0.07 -33.12
C TYR C 69 -11.48 -0.15 -32.86
N ARG C 70 -12.06 -1.16 -33.49
CA ARG C 70 -13.44 -1.57 -33.21
C ARG C 70 -13.39 -2.93 -32.50
N THR C 71 -14.02 -3.06 -31.33
CA THR C 71 -14.06 -4.33 -30.62
C THR C 71 -15.44 -4.97 -30.87
N LYS C 72 -15.44 -6.25 -31.20
CA LYS C 72 -16.68 -6.99 -31.43
C LYS C 72 -16.68 -8.21 -30.54
N ALA C 73 -17.84 -8.55 -30.00
CA ALA C 73 -18.00 -9.78 -29.23
C ALA C 73 -18.94 -10.71 -30.04
N LEU C 74 -18.43 -11.86 -30.52
CA LEU C 74 -19.29 -12.78 -31.30
C LEU C 74 -19.45 -14.10 -30.61
N PHE C 75 -20.70 -14.54 -30.49
CA PHE C 75 -21.03 -15.78 -29.83
C PHE C 75 -21.75 -16.75 -30.78
N ALA C 76 -21.45 -18.04 -30.68
CA ALA C 76 -22.12 -19.05 -31.45
C ALA C 76 -22.92 -19.97 -30.49
N PHE C 77 -24.15 -20.26 -30.87
CA PHE C 77 -25.09 -21.07 -30.10
C PHE C 77 -25.52 -22.28 -30.91
N GLU C 78 -25.88 -23.37 -30.25
CA GLU C 78 -26.39 -24.55 -30.90
C GLU C 78 -27.64 -24.98 -30.18
N GLU C 79 -28.65 -25.45 -30.93
CA GLU C 79 -29.88 -25.95 -30.31
C GLU C 79 -29.62 -27.38 -29.86
N ILE C 80 -29.65 -27.65 -28.56
CA ILE C 80 -29.50 -28.99 -28.06
C ILE C 80 -30.73 -29.27 -27.20
N ASP C 81 -31.41 -30.39 -27.46
CA ASP C 81 -32.59 -30.81 -26.73
C ASP C 81 -33.71 -29.74 -26.76
N GLY C 82 -33.79 -28.97 -27.84
CA GLY C 82 -34.79 -27.91 -27.96
C GLY C 82 -34.46 -26.55 -27.38
N VAL C 83 -33.28 -26.42 -26.75
CA VAL C 83 -32.89 -25.14 -26.18
C VAL C 83 -31.47 -24.74 -26.61
N ASP C 84 -31.23 -23.44 -26.72
CA ASP C 84 -29.89 -22.94 -27.12
C ASP C 84 -28.84 -23.15 -26.04
N LEU C 85 -27.64 -23.45 -26.48
CA LEU C 85 -26.47 -23.60 -25.63
C LEU C 85 -25.39 -22.74 -26.29
N CYS C 86 -24.80 -21.84 -25.54
CA CYS C 86 -23.74 -20.99 -26.06
C CYS C 86 -22.43 -21.77 -25.92
N PHE C 87 -21.82 -22.18 -27.04
CA PHE C 87 -20.61 -23.00 -26.97
C PHE C 87 -19.33 -22.30 -27.39
N PHE C 88 -19.40 -21.04 -27.82
CA PHE C 88 -18.22 -20.35 -28.33
C PHE C 88 -18.40 -18.87 -28.19
N GLY C 89 -17.37 -18.20 -27.72
CA GLY C 89 -17.37 -16.75 -27.60
C GLY C 89 -16.01 -16.22 -27.96
N MET C 90 -15.96 -15.07 -28.63
CA MET C 90 -14.70 -14.46 -29.04
C MET C 90 -14.79 -12.92 -29.00
N HIS C 91 -13.75 -12.25 -28.50
CA HIS C 91 -13.67 -10.79 -28.51
C HIS C 91 -12.56 -10.44 -29.45
N VAL C 92 -12.85 -9.63 -30.48
CA VAL C 92 -11.83 -9.25 -31.49
C VAL C 92 -11.54 -7.75 -31.41
N GLN C 93 -10.38 -7.35 -31.92
CA GLN C 93 -10.00 -5.94 -32.03
C GLN C 93 -9.68 -5.71 -33.49
N GLU C 94 -10.34 -4.77 -34.15
CA GLU C 94 -10.10 -4.50 -35.55
C GLU C 94 -9.53 -3.07 -35.77
N TYR C 95 -8.28 -3.00 -36.27
CA TYR C 95 -7.57 -1.75 -36.54
C TYR C 95 -7.67 -1.48 -38.05
N GLY C 96 -8.56 -0.57 -38.41
CA GLY C 96 -8.88 -0.26 -39.79
C GLY C 96 -7.84 0.52 -40.56
N SER C 97 -8.28 1.11 -41.68
CA SER C 97 -7.40 1.87 -42.56
C SER C 97 -7.05 3.23 -41.99
N ASP C 98 -7.94 3.81 -41.15
CA ASP C 98 -7.69 5.11 -40.51
C ASP C 98 -6.87 4.98 -39.20
N CYS C 99 -6.21 3.86 -39.01
CA CYS C 99 -5.38 3.63 -37.85
C CYS C 99 -3.93 3.91 -38.26
N PRO C 100 -3.15 4.64 -37.44
CA PRO C 100 -1.74 4.85 -37.78
C PRO C 100 -0.94 3.55 -37.68
N PRO C 101 0.17 3.42 -38.42
CA PRO C 101 0.99 2.21 -38.30
C PRO C 101 1.68 2.13 -36.93
N PRO C 102 2.18 0.95 -36.53
CA PRO C 102 2.20 -0.33 -37.27
C PRO C 102 0.92 -1.15 -37.13
N ASN C 103 -0.20 -0.53 -36.75
CA ASN C 103 -1.42 -1.25 -36.49
C ASN C 103 -2.44 -1.30 -37.58
N GLN C 104 -2.30 -0.54 -38.68
CA GLN C 104 -3.36 -0.50 -39.69
C GLN C 104 -3.57 -1.80 -40.45
N ARG C 105 -4.86 -2.09 -40.72
CA ARG C 105 -5.40 -3.25 -41.43
C ARG C 105 -5.08 -4.54 -40.73
N ARG C 106 -5.12 -4.53 -39.39
CA ARG C 106 -4.86 -5.70 -38.56
C ARG C 106 -6.03 -6.08 -37.69
N VAL C 107 -6.25 -7.38 -37.51
CA VAL C 107 -7.27 -7.90 -36.60
C VAL C 107 -6.54 -8.70 -35.53
N TYR C 108 -6.93 -8.52 -34.28
CA TYR C 108 -6.33 -9.22 -33.17
C TYR C 108 -7.41 -10.04 -32.47
N ILE C 109 -7.21 -11.36 -32.36
CA ILE C 109 -8.16 -12.21 -31.66
C ILE C 109 -7.67 -12.25 -30.25
N SER C 110 -8.21 -11.33 -29.41
CA SER C 110 -7.81 -11.20 -28.02
C SER C 110 -7.94 -12.55 -27.26
N TYR C 111 -8.96 -12.78 -26.43
CA TYR C 111 -9.10 -14.02 -25.67
C TYR C 111 -10.38 -14.69 -26.21
N LEU C 112 -10.26 -16.00 -26.47
CA LEU C 112 -11.26 -16.83 -27.10
C LEU C 112 -11.59 -17.99 -26.12
N ASP C 113 -12.87 -18.39 -26.07
CA ASP C 113 -13.29 -19.45 -25.15
C ASP C 113 -14.46 -20.29 -25.75
N SER C 114 -14.71 -21.42 -25.14
CA SER C 114 -15.75 -22.33 -25.58
C SER C 114 -16.11 -23.26 -24.46
N VAL C 115 -17.30 -23.89 -24.57
CA VAL C 115 -17.83 -24.86 -23.62
C VAL C 115 -18.00 -26.11 -24.48
N HIS C 116 -17.26 -27.22 -24.16
CA HIS C 116 -17.13 -28.43 -25.01
C HIS C 116 -18.40 -29.32 -25.24
N PHE C 117 -19.61 -28.76 -25.19
CA PHE C 117 -20.85 -29.55 -25.35
C PHE C 117 -21.42 -29.55 -26.71
N PHE C 118 -20.68 -29.08 -27.75
CA PHE C 118 -21.19 -29.11 -29.11
C PHE C 118 -21.47 -30.55 -29.52
N ARG C 119 -22.68 -30.78 -30.03
CA ARG C 119 -23.13 -32.10 -30.40
C ARG C 119 -23.32 -32.15 -31.94
N PRO C 120 -22.69 -33.13 -32.63
CA PRO C 120 -21.87 -34.23 -32.11
C PRO C 120 -20.41 -33.85 -31.86
N LYS C 121 -19.79 -34.52 -30.86
CA LYS C 121 -18.39 -34.33 -30.47
C LYS C 121 -17.44 -34.35 -31.69
N CYS C 122 -17.69 -35.29 -32.64
CA CYS C 122 -16.88 -35.47 -33.84
C CYS C 122 -16.91 -34.28 -34.79
N LEU C 123 -17.88 -33.35 -34.63
CA LEU C 123 -17.94 -32.19 -35.52
C LEU C 123 -17.48 -30.87 -34.89
N ARG C 124 -17.12 -30.89 -33.59
CA ARG C 124 -16.61 -29.73 -32.80
C ARG C 124 -15.48 -28.94 -33.50
N THR C 125 -14.33 -29.55 -33.70
CA THR C 125 -13.16 -28.92 -34.29
C THR C 125 -13.48 -28.33 -35.66
N ALA C 126 -14.22 -29.10 -36.49
CA ALA C 126 -14.63 -28.63 -37.81
C ALA C 126 -15.48 -27.33 -37.72
N VAL C 127 -16.43 -27.28 -36.78
CA VAL C 127 -17.27 -26.12 -36.56
C VAL C 127 -16.44 -24.89 -36.09
N TYR C 128 -15.41 -25.12 -35.25
CA TYR C 128 -14.53 -24.03 -34.82
C TYR C 128 -13.72 -23.53 -36.03
N HIS C 129 -13.24 -24.44 -36.91
CA HIS C 129 -12.53 -24.04 -38.12
C HIS C 129 -13.42 -23.21 -39.02
N GLU C 130 -14.71 -23.57 -39.17
CA GLU C 130 -15.63 -22.78 -40.00
C GLU C 130 -15.77 -21.36 -39.44
N ILE C 131 -15.86 -21.22 -38.09
CA ILE C 131 -15.97 -19.94 -37.43
C ILE C 131 -14.71 -19.09 -37.58
N LEU C 132 -13.54 -19.62 -37.21
CA LEU C 132 -12.30 -18.86 -37.28
C LEU C 132 -11.89 -18.54 -38.69
N ILE C 133 -11.85 -19.57 -39.56
CA ILE C 133 -11.51 -19.38 -40.97
C ILE C 133 -12.50 -18.45 -41.65
N GLY C 134 -13.77 -18.59 -41.31
CA GLY C 134 -14.81 -17.71 -41.84
C GLY C 134 -14.62 -16.27 -41.45
N TYR C 135 -14.10 -16.04 -40.23
CA TYR C 135 -13.85 -14.68 -39.77
C TYR C 135 -12.64 -14.07 -40.52
N LEU C 136 -11.58 -14.86 -40.74
CA LEU C 136 -10.41 -14.42 -41.48
C LEU C 136 -10.79 -14.07 -42.91
N GLU C 137 -11.64 -14.91 -43.54
CA GLU C 137 -12.08 -14.64 -44.91
C GLU C 137 -12.92 -13.37 -44.98
N TYR C 138 -13.80 -13.16 -43.99
CA TYR C 138 -14.66 -11.98 -43.96
C TYR C 138 -13.88 -10.68 -43.88
N VAL C 139 -12.95 -10.56 -42.92
CA VAL C 139 -12.17 -9.34 -42.77
C VAL C 139 -11.20 -9.15 -43.95
N LYS C 140 -10.71 -10.24 -44.56
CA LYS C 140 -9.87 -10.16 -45.74
C LYS C 140 -10.64 -9.50 -46.91
N LYS C 141 -11.94 -9.79 -47.06
CA LYS C 141 -12.77 -9.19 -48.10
C LYS C 141 -13.03 -7.71 -47.85
N LEU C 142 -13.07 -7.28 -46.58
CA LEU C 142 -13.27 -5.86 -46.25
C LEU C 142 -11.97 -5.04 -46.45
N GLY C 143 -10.82 -5.70 -46.50
CA GLY C 143 -9.55 -5.03 -46.70
C GLY C 143 -8.52 -5.13 -45.59
N TYR C 144 -8.69 -6.07 -44.64
CA TYR C 144 -7.69 -6.27 -43.59
C TYR C 144 -6.62 -7.20 -44.16
N THR C 145 -5.34 -6.85 -43.93
CA THR C 145 -4.26 -7.60 -44.51
C THR C 145 -3.69 -8.64 -43.58
N THR C 146 -3.68 -8.38 -42.27
CA THR C 146 -3.06 -9.31 -41.32
C THR C 146 -3.97 -9.72 -40.17
N GLY C 147 -3.79 -10.93 -39.69
CA GLY C 147 -4.50 -11.46 -38.53
C GLY C 147 -3.52 -11.87 -37.45
N HIS C 148 -3.83 -11.61 -36.18
CA HIS C 148 -2.94 -11.94 -35.08
C HIS C 148 -3.67 -12.78 -34.05
N ILE C 149 -3.08 -13.87 -33.62
CA ILE C 149 -3.69 -14.76 -32.64
C ILE C 149 -2.74 -15.05 -31.51
N TRP C 150 -3.12 -14.71 -30.27
CA TRP C 150 -2.37 -15.12 -29.08
C TRP C 150 -3.16 -16.31 -28.49
N ALA C 151 -2.68 -17.53 -28.69
CA ALA C 151 -3.29 -18.75 -28.13
C ALA C 151 -2.86 -18.79 -26.64
N CYS C 152 -3.44 -17.93 -25.78
CA CYS C 152 -3.05 -17.87 -24.36
CA CYS C 152 -3.01 -17.90 -24.36
C CYS C 152 -3.43 -19.15 -23.61
N PRO C 153 -2.44 -20.00 -23.26
CA PRO C 153 -2.76 -21.25 -22.59
C PRO C 153 -3.43 -21.04 -21.27
N PRO C 154 -4.51 -21.78 -21.03
CA PRO C 154 -5.24 -21.60 -19.79
C PRO C 154 -4.56 -22.24 -18.58
N SER C 155 -5.23 -22.19 -17.45
CA SER C 155 -4.84 -22.85 -16.21
C SER C 155 -6.15 -23.25 -15.45
N GLU C 156 -6.09 -24.29 -14.58
CA GLU C 156 -7.23 -24.79 -13.76
C GLU C 156 -8.00 -23.65 -13.13
N GLY C 157 -9.31 -23.63 -13.34
CA GLY C 157 -10.18 -22.61 -12.77
C GLY C 157 -10.15 -21.23 -13.38
N ASP C 158 -9.25 -20.97 -14.31
CA ASP C 158 -9.16 -19.69 -14.99
C ASP C 158 -10.17 -19.76 -16.17
N ASP C 159 -11.11 -18.82 -16.23
CA ASP C 159 -12.13 -18.76 -17.29
C ASP C 159 -11.89 -17.50 -18.09
N TYR C 160 -12.02 -17.54 -19.42
CA TYR C 160 -11.82 -16.30 -20.18
C TYR C 160 -13.11 -15.62 -20.44
N ILE C 161 -14.14 -16.39 -20.82
CA ILE C 161 -15.44 -15.84 -21.13
C ILE C 161 -16.52 -16.51 -20.30
N PHE C 162 -16.48 -17.85 -20.17
CA PHE C 162 -17.52 -18.62 -19.52
C PHE C 162 -17.20 -19.03 -18.14
N HIS C 163 -17.94 -18.50 -17.16
CA HIS C 163 -17.76 -18.84 -15.76
C HIS C 163 -18.07 -20.29 -15.46
N CYS C 164 -17.13 -20.99 -14.78
CA CYS C 164 -17.20 -22.38 -14.39
C CYS C 164 -17.27 -23.33 -15.54
N HIS C 165 -16.12 -23.69 -16.08
CA HIS C 165 -15.99 -24.63 -17.16
C HIS C 165 -16.27 -26.04 -16.66
N PRO C 166 -16.65 -26.98 -17.57
CA PRO C 166 -16.83 -28.37 -17.11
C PRO C 166 -15.53 -28.89 -16.48
N PRO C 167 -15.62 -29.58 -15.35
CA PRO C 167 -14.40 -30.09 -14.70
C PRO C 167 -13.53 -30.98 -15.60
N ASP C 168 -14.16 -31.69 -16.52
CA ASP C 168 -13.43 -32.54 -17.45
C ASP C 168 -13.09 -31.84 -18.78
N GLN C 169 -13.43 -30.54 -18.96
CA GLN C 169 -12.99 -29.83 -20.18
C GLN C 169 -11.52 -29.54 -19.87
N LYS C 170 -10.61 -30.27 -20.53
CA LYS C 170 -9.20 -30.13 -20.13
C LYS C 170 -8.50 -28.91 -20.72
N ILE C 171 -7.58 -28.42 -19.91
CA ILE C 171 -6.68 -27.30 -20.12
C ILE C 171 -5.58 -27.77 -21.06
N PRO C 172 -5.56 -27.29 -22.30
CA PRO C 172 -4.49 -27.72 -23.22
C PRO C 172 -3.11 -27.10 -22.91
N LYS C 173 -2.05 -27.85 -23.17
CA LYS C 173 -0.68 -27.38 -22.99
C LYS C 173 -0.34 -26.48 -24.20
N PRO C 174 0.71 -25.61 -24.10
CA PRO C 174 1.05 -24.75 -25.25
C PRO C 174 1.33 -25.54 -26.57
N LYS C 175 1.93 -26.75 -26.51
CA LYS C 175 2.25 -27.55 -27.71
C LYS C 175 1.00 -28.07 -28.41
N ARG C 176 -0.04 -28.35 -27.62
CA ARG C 176 -1.33 -28.82 -28.09
C ARG C 176 -2.09 -27.66 -28.74
N LEU C 177 -1.97 -26.48 -28.16
CA LEU C 177 -2.61 -25.30 -28.64
C LEU C 177 -1.97 -24.88 -30.01
N GLN C 178 -0.61 -24.96 -30.13
CA GLN C 178 0.03 -24.60 -31.40
C GLN C 178 -0.23 -25.62 -32.51
N GLU C 179 -0.44 -26.88 -32.15
CA GLU C 179 -0.79 -27.98 -33.00
C GLU C 179 -2.20 -27.70 -33.60
N TRP C 180 -3.18 -27.39 -32.74
CA TRP C 180 -4.54 -27.11 -33.19
C TRP C 180 -4.58 -25.94 -34.19
N TYR C 181 -4.03 -24.80 -33.81
CA TYR C 181 -4.03 -23.63 -34.68
C TYR C 181 -3.20 -23.85 -35.93
N LYS C 182 -2.18 -24.72 -35.90
CA LYS C 182 -1.36 -25.02 -37.08
C LYS C 182 -2.22 -25.78 -38.06
N LYS C 183 -2.95 -26.80 -37.59
CA LYS C 183 -3.86 -27.58 -38.42
C LYS C 183 -4.95 -26.69 -39.04
N MET C 184 -5.55 -25.81 -38.24
CA MET C 184 -6.60 -24.85 -38.62
C MET C 184 -6.07 -23.90 -39.69
N LEU C 185 -4.90 -23.31 -39.48
CA LEU C 185 -4.31 -22.36 -40.43
C LEU C 185 -3.82 -23.04 -41.69
N ASP C 186 -3.30 -24.27 -41.58
CA ASP C 186 -2.89 -25.05 -42.76
C ASP C 186 -4.11 -25.28 -43.69
N LYS C 187 -5.31 -25.45 -43.10
CA LYS C 187 -6.55 -25.65 -43.82
C LYS C 187 -6.99 -24.39 -44.54
N ALA C 188 -6.81 -23.22 -43.92
CA ALA C 188 -7.14 -21.95 -44.55
C ALA C 188 -6.11 -21.59 -45.65
N VAL C 189 -4.85 -22.01 -45.48
CA VAL C 189 -3.78 -21.78 -46.46
C VAL C 189 -4.08 -22.62 -47.71
N SER C 190 -4.56 -23.86 -47.55
CA SER C 190 -4.87 -24.73 -48.67
C SER C 190 -6.18 -24.31 -49.37
N GLU C 191 -7.13 -23.70 -48.64
CA GLU C 191 -8.36 -23.21 -49.27
C GLU C 191 -8.14 -21.81 -49.94
N ARG C 192 -6.89 -21.32 -49.96
CA ARG C 192 -6.52 -20.02 -50.55
C ARG C 192 -7.16 -18.80 -49.84
N ILE C 193 -7.55 -18.96 -48.57
CA ILE C 193 -8.11 -17.87 -47.76
C ILE C 193 -6.95 -17.10 -47.10
N VAL C 194 -5.94 -17.83 -46.62
CA VAL C 194 -4.76 -17.28 -45.99
C VAL C 194 -3.60 -17.42 -46.99
N HIS C 195 -2.75 -16.40 -47.11
CA HIS C 195 -1.58 -16.46 -47.98
C HIS C 195 -0.54 -17.36 -47.28
N ASP C 196 -0.12 -16.97 -46.08
CA ASP C 196 0.77 -17.76 -45.25
C ASP C 196 0.71 -17.27 -43.80
N TYR C 197 1.26 -18.07 -42.90
CA TYR C 197 1.34 -17.72 -41.50
C TYR C 197 2.71 -18.12 -40.96
N LYS C 198 3.15 -17.38 -39.94
CA LYS C 198 4.43 -17.61 -39.27
C LYS C 198 4.25 -17.35 -37.77
N ASP C 199 5.15 -17.89 -36.93
CA ASP C 199 5.15 -17.54 -35.52
C ASP C 199 5.69 -16.09 -35.40
N ILE C 200 5.49 -15.43 -34.26
CA ILE C 200 5.90 -14.05 -34.06
C ILE C 200 7.41 -13.82 -34.26
N PHE C 201 8.24 -14.79 -33.85
CA PHE C 201 9.70 -14.69 -33.95
C PHE C 201 10.17 -14.78 -35.41
N LYS C 202 9.71 -15.81 -36.16
CA LYS C 202 9.99 -15.96 -37.58
C LYS C 202 9.48 -14.73 -38.37
N GLN C 203 8.32 -14.19 -37.97
CA GLN C 203 7.72 -13.03 -38.59
C GLN C 203 8.56 -11.76 -38.40
N ALA C 204 8.94 -11.43 -37.16
CA ALA C 204 9.70 -10.23 -36.89
C ALA C 204 11.06 -10.26 -37.60
N THR C 205 11.67 -11.45 -37.66
CA THR C 205 12.94 -11.70 -38.31
C THR C 205 12.81 -11.42 -39.83
N GLU C 206 11.80 -12.04 -40.50
CA GLU C 206 11.61 -11.85 -41.93
C GLU C 206 11.00 -10.48 -42.29
N ASP C 207 10.47 -9.73 -41.31
CA ASP C 207 10.02 -8.35 -41.58
C ASP C 207 11.18 -7.34 -41.35
N ARG C 208 12.36 -7.81 -40.86
CA ARG C 208 13.53 -7.00 -40.55
C ARG C 208 13.18 -5.94 -39.49
N LEU C 209 12.47 -6.33 -38.40
CA LEU C 209 12.15 -5.34 -37.37
C LEU C 209 13.36 -5.15 -36.49
N THR C 210 13.70 -3.88 -36.32
CA THR C 210 14.88 -3.45 -35.55
C THR C 210 14.50 -2.65 -34.32
N SER C 211 13.34 -1.96 -34.35
CA SER C 211 12.85 -1.15 -33.24
C SER C 211 11.52 -1.68 -32.64
N ALA C 212 11.32 -1.48 -31.32
CA ALA C 212 10.06 -1.91 -30.69
C ALA C 212 8.85 -1.06 -31.10
N LYS C 213 9.07 0.09 -31.76
CA LYS C 213 8.00 0.93 -32.29
C LYS C 213 7.34 0.32 -33.56
N GLU C 214 7.96 -0.71 -34.15
CA GLU C 214 7.47 -1.40 -35.35
C GLU C 214 6.51 -2.53 -35.02
N LEU C 215 6.53 -3.06 -33.79
CA LEU C 215 5.65 -4.15 -33.40
C LEU C 215 4.24 -3.64 -33.18
N PRO C 216 3.22 -4.28 -33.76
CA PRO C 216 1.83 -3.82 -33.50
C PRO C 216 1.48 -3.80 -32.00
N TYR C 217 0.86 -2.71 -31.53
CA TYR C 217 0.52 -2.49 -30.13
C TYR C 217 -0.96 -2.74 -29.86
N PHE C 218 -1.32 -3.89 -29.29
CA PHE C 218 -2.74 -4.26 -29.07
C PHE C 218 -3.22 -4.17 -27.60
N GLU C 219 -4.50 -3.80 -27.41
CA GLU C 219 -5.08 -3.69 -26.08
C GLU C 219 -5.10 -5.02 -25.34
N GLY C 220 -4.44 -5.09 -24.19
CA GLY C 220 -4.39 -6.30 -23.37
C GLY C 220 -3.43 -7.37 -23.82
N ASP C 221 -2.73 -7.14 -24.92
CA ASP C 221 -1.77 -8.09 -25.45
C ASP C 221 -0.54 -8.21 -24.55
N PHE C 222 0.20 -9.31 -24.69
CA PHE C 222 1.38 -9.62 -23.90
C PHE C 222 2.54 -8.68 -24.16
N TRP C 223 2.71 -8.24 -25.42
CA TRP C 223 3.87 -7.45 -25.85
C TRP C 223 3.86 -6.02 -25.33
N PRO C 224 2.74 -5.26 -25.25
CA PRO C 224 2.80 -3.96 -24.56
C PRO C 224 3.30 -4.10 -23.12
N ASN C 225 3.06 -5.25 -22.45
CA ASN C 225 3.54 -5.49 -21.08
C ASN C 225 5.00 -5.90 -21.05
N VAL C 226 5.43 -6.77 -21.97
CA VAL C 226 6.83 -7.19 -22.09
C VAL C 226 7.73 -5.96 -22.28
N LEU C 227 7.31 -5.03 -23.15
CA LEU C 227 8.02 -3.80 -23.42
C LEU C 227 8.20 -2.92 -22.19
N GLU C 228 7.17 -2.79 -21.35
CA GLU C 228 7.24 -2.01 -20.13
C GLU C 228 8.24 -2.60 -19.16
N GLU C 229 8.21 -3.92 -18.99
CA GLU C 229 9.11 -4.62 -18.10
C GLU C 229 10.55 -4.64 -18.61
N SER C 230 10.73 -4.63 -19.92
CA SER C 230 12.06 -4.63 -20.53
C SER C 230 12.69 -3.27 -20.32
N ILE C 231 11.94 -2.19 -20.54
CA ILE C 231 12.41 -0.84 -20.33
C ILE C 231 12.81 -0.64 -18.87
N LYS C 232 11.91 -1.02 -17.94
CA LYS C 232 12.11 -0.91 -16.49
C LYS C 232 13.40 -1.62 -16.07
N GLU C 233 13.66 -2.81 -16.63
CA GLU C 233 14.85 -3.61 -16.33
C GLU C 233 16.09 -2.95 -16.91
N LEU C 234 15.99 -2.38 -18.13
CA LEU C 234 17.11 -1.70 -18.75
C LEU C 234 17.47 -0.38 -18.06
N GLU C 235 16.54 0.21 -17.31
CA GLU C 235 16.82 1.41 -16.54
C GLU C 235 17.73 1.10 -15.35
N GLN C 236 17.74 -0.15 -14.84
CA GLN C 236 18.61 -0.55 -13.73
C GLN C 236 20.02 -0.83 -14.25
N ASP C 261 20.05 -3.74 -25.39
CA ASP C 261 18.99 -2.83 -25.79
C ASP C 261 17.60 -3.51 -25.80
N LEU C 262 16.52 -2.69 -25.91
CA LEU C 262 15.12 -3.11 -25.91
C LEU C 262 14.86 -4.21 -26.95
N SER C 263 15.42 -4.04 -28.14
CA SER C 263 15.23 -4.93 -29.28
C SER C 263 15.75 -6.34 -29.07
N GLN C 264 16.91 -6.53 -28.42
CA GLN C 264 17.39 -7.90 -28.18
C GLN C 264 16.56 -8.58 -27.11
N LYS C 265 16.04 -7.82 -26.13
CA LYS C 265 15.16 -8.33 -25.10
C LYS C 265 13.85 -8.80 -25.73
N LEU C 266 13.31 -8.03 -26.68
CA LEU C 266 12.08 -8.36 -27.38
C LEU C 266 12.24 -9.65 -28.21
N TYR C 267 13.34 -9.77 -28.96
CA TYR C 267 13.59 -10.98 -29.75
C TYR C 267 13.76 -12.21 -28.87
N ALA C 268 14.30 -12.03 -27.64
CA ALA C 268 14.50 -13.13 -26.70
C ALA C 268 13.16 -13.60 -26.12
N THR C 269 12.29 -12.65 -25.75
CA THR C 269 10.96 -12.97 -25.24
C THR C 269 10.11 -13.63 -26.35
N MET C 270 10.35 -13.24 -27.62
CA MET C 270 9.67 -13.78 -28.78
C MET C 270 10.06 -15.21 -29.06
N GLU C 271 11.34 -15.53 -28.90
CA GLU C 271 11.86 -16.86 -29.10
C GLU C 271 11.27 -17.82 -28.06
N LYS C 272 11.20 -17.38 -26.80
CA LYS C 272 10.70 -18.20 -25.70
C LYS C 272 9.20 -18.54 -25.83
N HIS C 273 8.39 -17.65 -26.40
CA HIS C 273 6.95 -17.87 -26.52
C HIS C 273 6.41 -17.90 -27.95
N LYS C 274 7.26 -18.14 -28.97
CA LYS C 274 6.83 -18.13 -30.38
C LYS C 274 5.71 -19.13 -30.72
N GLU C 275 5.66 -20.27 -30.03
CA GLU C 275 4.66 -21.30 -30.28
C GLU C 275 3.21 -20.89 -30.01
N VAL C 276 2.96 -19.88 -29.14
CA VAL C 276 1.59 -19.44 -28.89
C VAL C 276 1.19 -18.19 -29.64
N PHE C 277 2.13 -17.51 -30.32
CA PHE C 277 1.81 -16.30 -31.09
C PHE C 277 1.93 -16.50 -32.61
N PHE C 278 0.80 -16.28 -33.32
CA PHE C 278 0.71 -16.42 -34.78
C PHE C 278 0.46 -15.09 -35.52
N VAL C 279 1.20 -14.85 -36.59
CA VAL C 279 0.98 -13.72 -37.46
C VAL C 279 0.50 -14.34 -38.78
N ILE C 280 -0.65 -13.89 -39.28
CA ILE C 280 -1.30 -14.50 -40.42
C ILE C 280 -1.50 -13.50 -41.55
N ARG C 281 -0.75 -13.66 -42.64
CA ARG C 281 -0.84 -12.81 -43.82
C ARG C 281 -2.01 -13.25 -44.68
N LEU C 282 -3.02 -12.38 -44.83
CA LEU C 282 -4.24 -12.66 -45.59
C LEU C 282 -4.13 -12.10 -47.02
N ILE C 283 -3.72 -10.83 -47.13
CA ILE C 283 -3.52 -10.13 -48.40
C ILE C 283 -2.01 -9.90 -48.55
N ALA C 284 -1.37 -10.65 -49.46
CA ALA C 284 0.09 -10.55 -49.60
C ALA C 284 0.60 -9.77 -50.81
N GLY C 285 1.61 -8.96 -50.56
CA GLY C 285 2.35 -8.18 -51.54
C GLY C 285 1.65 -7.17 -52.42
N PRO C 286 1.54 -7.48 -53.74
CA PRO C 286 1.02 -6.51 -54.71
C PRO C 286 -0.42 -6.04 -54.49
N ALA C 287 -1.31 -6.96 -54.11
CA ALA C 287 -2.71 -6.61 -53.88
C ALA C 287 -2.87 -5.65 -52.69
N ALA C 288 -1.98 -5.77 -51.68
CA ALA C 288 -1.99 -4.98 -50.44
C ALA C 288 -1.69 -3.48 -50.61
N ASN C 289 -1.04 -3.09 -51.70
CA ASN C 289 -0.65 -1.68 -51.90
C ASN C 289 -1.76 -0.81 -52.53
N SER C 290 -2.61 -1.42 -53.35
CA SER C 290 -3.69 -0.68 -54.04
C SER C 290 -5.06 -0.86 -53.35
N LEU C 291 -5.08 -0.91 -52.01
CA LEU C 291 -6.33 -1.16 -51.30
C LEU C 291 -7.16 0.09 -50.97
N PRO C 292 -8.49 -0.01 -51.16
CA PRO C 292 -9.39 1.10 -50.78
C PRO C 292 -9.61 1.13 -49.26
N PRO C 293 -10.22 2.21 -48.69
CA PRO C 293 -10.41 2.24 -47.24
C PRO C 293 -11.35 1.14 -46.72
N ILE C 294 -11.18 0.75 -45.44
CA ILE C 294 -12.03 -0.26 -44.84
C ILE C 294 -13.30 0.42 -44.35
N VAL C 295 -14.46 -0.05 -44.81
CA VAL C 295 -15.75 0.50 -44.39
C VAL C 295 -16.57 -0.66 -43.83
N ASP C 296 -16.91 -0.62 -42.54
CA ASP C 296 -17.69 -1.69 -41.92
C ASP C 296 -19.18 -1.63 -42.32
N PRO C 297 -19.69 -2.67 -43.00
CA PRO C 297 -21.10 -2.65 -43.40
C PRO C 297 -22.11 -2.71 -42.24
N ASP C 298 -21.68 -3.20 -41.09
CA ASP C 298 -22.55 -3.30 -39.92
C ASP C 298 -22.54 -2.08 -39.05
N PRO C 299 -23.64 -1.78 -38.33
CA PRO C 299 -23.63 -0.62 -37.42
C PRO C 299 -23.00 -0.98 -36.06
N LEU C 300 -22.76 0.03 -35.22
CA LEU C 300 -22.23 -0.19 -33.88
C LEU C 300 -23.35 -0.82 -33.00
N ILE C 301 -22.98 -1.72 -32.11
CA ILE C 301 -23.94 -2.39 -31.23
C ILE C 301 -23.55 -2.17 -29.77
N PRO C 302 -24.18 -1.20 -29.11
CA PRO C 302 -23.88 -0.97 -27.68
C PRO C 302 -24.44 -2.12 -26.84
N CYS C 303 -23.70 -2.54 -25.84
CA CYS C 303 -24.11 -3.62 -24.94
C CYS C 303 -23.07 -3.63 -23.86
N ASP C 304 -23.40 -3.15 -22.67
CA ASP C 304 -22.43 -3.09 -21.58
C ASP C 304 -22.11 -4.45 -20.95
N LEU C 305 -23.02 -5.41 -21.08
CA LEU C 305 -22.79 -6.76 -20.60
C LEU C 305 -21.67 -7.42 -21.38
N MET C 306 -21.54 -7.10 -22.68
CA MET C 306 -20.47 -7.68 -23.50
C MET C 306 -19.35 -6.70 -23.81
N ASP C 307 -19.20 -5.65 -23.01
CA ASP C 307 -18.12 -4.68 -23.17
C ASP C 307 -16.89 -5.24 -22.46
N GLY C 308 -16.14 -6.08 -23.18
CA GLY C 308 -15.02 -6.79 -22.57
C GLY C 308 -15.51 -8.06 -21.88
N ARG C 309 -14.58 -8.88 -21.38
CA ARG C 309 -14.95 -10.18 -20.82
C ARG C 309 -15.37 -10.16 -19.37
N ASP C 310 -14.96 -9.15 -18.59
CA ASP C 310 -15.24 -9.14 -17.17
C ASP C 310 -16.71 -8.92 -16.80
N ALA C 311 -17.47 -8.10 -17.56
CA ALA C 311 -18.87 -7.86 -17.23
C ALA C 311 -19.71 -9.14 -17.20
N PHE C 312 -19.55 -10.03 -18.20
CA PHE C 312 -20.33 -11.27 -18.23
C PHE C 312 -19.81 -12.26 -17.22
N LEU C 313 -18.50 -12.26 -16.95
CA LEU C 313 -17.89 -13.13 -15.93
C LEU C 313 -18.38 -12.76 -14.55
N THR C 314 -18.52 -11.46 -14.28
CA THR C 314 -18.99 -10.90 -13.04
C THR C 314 -20.46 -11.21 -12.85
N LEU C 315 -21.31 -10.98 -13.89
CA LEU C 315 -22.73 -11.29 -13.84
C LEU C 315 -22.96 -12.76 -13.55
N ALA C 316 -22.18 -13.63 -14.23
CA ALA C 316 -22.28 -15.06 -14.02
C ALA C 316 -21.91 -15.45 -12.63
N ARG C 317 -20.77 -14.93 -12.09
CA ARG C 317 -20.39 -15.23 -10.69
C ARG C 317 -21.48 -14.80 -9.72
N ASP C 318 -21.97 -13.55 -9.81
CA ASP C 318 -23.00 -13.05 -8.90
C ASP C 318 -24.26 -13.86 -8.98
N ARG C 319 -24.67 -14.27 -10.18
CA ARG C 319 -25.92 -15.00 -10.37
C ARG C 319 -25.78 -16.51 -10.37
N HIS C 320 -24.59 -17.05 -10.10
CA HIS C 320 -24.34 -18.49 -10.06
C HIS C 320 -24.66 -19.17 -11.38
N LEU C 321 -24.33 -18.52 -12.51
CA LEU C 321 -24.55 -19.07 -13.84
C LEU C 321 -23.30 -19.85 -14.23
N GLU C 322 -23.34 -21.16 -14.09
CA GLU C 322 -22.19 -21.99 -14.41
C GLU C 322 -22.32 -22.65 -15.77
N PHE C 323 -21.19 -22.94 -16.39
CA PHE C 323 -21.17 -23.65 -17.67
C PHE C 323 -20.45 -24.99 -17.50
N SER C 324 -20.58 -25.61 -16.28
CA SER C 324 -19.89 -26.84 -15.87
C SER C 324 -20.55 -28.13 -16.29
N SER C 325 -21.82 -28.07 -16.72
CA SER C 325 -22.55 -29.23 -17.23
C SER C 325 -23.41 -28.80 -18.40
N LEU C 326 -23.96 -29.74 -19.21
CA LEU C 326 -24.79 -29.38 -20.34
C LEU C 326 -26.05 -28.72 -19.88
N ARG C 327 -26.77 -29.28 -18.88
CA ARG C 327 -28.00 -28.66 -18.41
C ARG C 327 -27.73 -27.30 -17.77
N ARG C 328 -26.68 -27.19 -16.93
CA ARG C 328 -26.29 -25.92 -16.31
C ARG C 328 -25.88 -24.86 -17.36
N ALA C 329 -25.15 -25.27 -18.40
CA ALA C 329 -24.76 -24.34 -19.46
C ALA C 329 -26.00 -23.88 -20.30
N GLN C 330 -27.06 -24.72 -20.37
CA GLN C 330 -28.28 -24.36 -21.09
C GLN C 330 -29.10 -23.33 -20.31
N TRP C 331 -29.17 -23.51 -19.00
CA TRP C 331 -29.84 -22.56 -18.13
C TRP C 331 -29.03 -21.25 -18.12
N SER C 332 -27.70 -21.33 -18.04
CA SER C 332 -26.86 -20.14 -18.08
C SER C 332 -26.94 -19.40 -19.40
N THR C 333 -27.13 -20.14 -20.51
CA THR C 333 -27.34 -19.51 -21.80
C THR C 333 -28.68 -18.79 -21.85
N GLY C 334 -29.73 -19.43 -21.32
CA GLY C 334 -31.08 -18.86 -21.31
C GLY C 334 -31.12 -17.55 -20.56
N CYS C 335 -30.42 -17.51 -19.42
CA CYS C 335 -30.28 -16.31 -18.58
C CYS C 335 -29.51 -15.23 -19.32
N MET C 336 -28.40 -15.63 -19.97
CA MET C 336 -27.57 -14.72 -20.77
C MET C 336 -28.42 -14.13 -21.91
N LEU C 337 -29.24 -14.97 -22.55
CA LEU C 337 -30.07 -14.57 -23.66
C LEU C 337 -31.15 -13.57 -23.30
N VAL C 338 -31.84 -13.75 -22.14
CA VAL C 338 -32.84 -12.77 -21.72
C VAL C 338 -32.14 -11.46 -21.37
N GLU C 339 -30.94 -11.47 -20.78
CA GLU C 339 -30.20 -10.24 -20.48
C GLU C 339 -29.87 -9.50 -21.77
N LEU C 340 -29.49 -10.22 -22.84
CA LEU C 340 -29.13 -9.61 -24.12
C LEU C 340 -30.33 -9.02 -24.85
N HIS C 341 -31.51 -9.62 -24.73
CA HIS C 341 -32.74 -9.12 -25.35
C HIS C 341 -33.31 -7.92 -24.60
N THR C 342 -33.12 -7.88 -23.29
CA THR C 342 -33.55 -6.81 -22.41
C THR C 342 -32.63 -5.53 -22.58
N GLN C 343 -32.05 -5.34 -23.80
CA GLN C 343 -31.17 -4.24 -24.23
C GLN C 343 -30.83 -4.34 -25.74
N LYS D 1 -19.54 9.10 29.06
CA LYS D 1 -18.57 8.55 29.98
C LYS D 1 -17.39 9.52 30.23
N PHE D 2 -16.67 9.32 31.37
CA PHE D 2 -15.51 10.11 31.78
C PHE D 2 -14.24 9.23 31.82
N SER D 3 -14.11 8.27 30.90
CA SER D 3 -12.94 7.37 30.83
C SER D 3 -11.72 8.05 30.15
N ALA D 4 -10.54 7.48 30.32
CA ALA D 4 -9.34 8.00 29.66
C ALA D 4 -9.44 7.86 28.13
N LYS D 5 -10.12 6.81 27.64
CA LYS D 5 -10.28 6.61 26.20
C LYS D 5 -11.06 7.77 25.58
N ARG D 6 -12.01 8.37 26.32
CA ARG D 6 -12.79 9.48 25.79
C ARG D 6 -12.07 10.84 25.81
N LEU D 7 -10.81 10.90 26.29
CA LEU D 7 -10.04 12.15 26.27
C LEU D 7 -9.55 12.37 24.83
N PRO D 8 -9.50 13.63 24.34
CA PRO D 8 -9.01 13.87 22.98
C PRO D 8 -7.69 13.21 22.61
N SER D 9 -7.63 12.59 21.43
CA SER D 9 -6.43 11.92 20.95
C SER D 9 -5.36 12.91 20.42
N THR D 10 -4.14 12.42 20.23
CA THR D 10 -2.99 13.11 19.64
C THR D 10 -2.23 12.03 18.84
N ARG D 11 -1.43 12.41 17.85
CA ARG D 11 -0.63 11.41 17.12
C ARG D 11 0.42 10.80 18.06
N LEU D 12 0.97 11.60 19.00
CA LEU D 12 1.95 11.15 19.99
C LEU D 12 1.36 10.12 20.93
N GLY D 13 0.22 10.45 21.52
CA GLY D 13 -0.44 9.55 22.45
C GLY D 13 -0.89 8.24 21.84
N THR D 14 -1.53 8.27 20.64
CA THR D 14 -1.97 7.00 20.04
C THR D 14 -0.75 6.23 19.48
N PHE D 15 0.36 6.92 19.10
CA PHE D 15 1.58 6.21 18.69
C PHE D 15 2.11 5.40 19.88
N LEU D 16 2.16 6.02 21.09
CA LEU D 16 2.62 5.36 22.31
C LEU D 16 1.71 4.25 22.78
N GLU D 17 0.42 4.51 22.77
CA GLU D 17 -0.60 3.56 23.17
C GLU D 17 -0.56 2.30 22.28
N ASN D 18 -0.33 2.50 20.98
CA ASN D 18 -0.26 1.40 20.02
C ASN D 18 0.93 0.52 20.30
N ARG D 19 2.06 1.13 20.62
CA ARG D 19 3.30 0.44 20.96
C ARG D 19 3.11 -0.44 22.21
N VAL D 20 2.45 0.09 23.23
CA VAL D 20 2.18 -0.67 24.46
C VAL D 20 1.21 -1.82 24.21
N ASN D 21 0.08 -1.54 23.55
CA ASN D 21 -0.92 -2.58 23.28
C ASN D 21 -0.43 -3.66 22.32
N ASP D 22 0.42 -3.33 21.33
CA ASP D 22 1.00 -4.35 20.45
C ASP D 22 1.87 -5.30 21.30
N PHE D 23 2.68 -4.72 22.22
CA PHE D 23 3.53 -5.48 23.11
C PHE D 23 2.70 -6.41 24.01
N LEU D 24 1.66 -5.87 24.65
CA LEU D 24 0.79 -6.66 25.52
C LEU D 24 0.08 -7.78 24.76
N ARG D 25 -0.35 -7.52 23.52
CA ARG D 25 -1.02 -8.50 22.65
C ARG D 25 -0.11 -9.70 22.39
N ARG D 26 1.17 -9.42 22.06
CA ARG D 26 2.16 -10.46 21.82
C ARG D 26 2.41 -11.29 23.09
N GLN D 27 2.43 -10.68 24.28
CA GLN D 27 2.61 -11.41 25.52
C GLN D 27 1.43 -12.32 25.84
N ASN D 28 0.22 -11.83 25.52
CA ASN D 28 -1.04 -12.56 25.67
C ASN D 28 -1.28 -13.03 27.12
N HIS D 29 -1.02 -12.13 28.06
CA HIS D 29 -1.20 -12.43 29.46
C HIS D 29 -2.66 -12.15 29.81
N PRO D 30 -3.31 -13.09 30.52
CA PRO D 30 -4.72 -12.90 30.85
C PRO D 30 -4.99 -11.80 31.87
N GLU D 31 -4.00 -11.47 32.72
CA GLU D 31 -4.17 -10.44 33.74
C GLU D 31 -4.03 -9.00 33.23
N SER D 32 -3.54 -8.81 31.98
CA SER D 32 -3.32 -7.46 31.46
C SER D 32 -4.58 -6.84 30.87
N GLY D 33 -4.74 -5.53 31.10
CA GLY D 33 -5.85 -4.75 30.60
C GLY D 33 -5.44 -3.80 29.49
N GLU D 34 -6.43 -3.23 28.79
CA GLU D 34 -6.15 -2.31 27.69
C GLU D 34 -5.57 -1.05 28.26
N VAL D 35 -4.44 -0.59 27.67
CA VAL D 35 -3.71 0.63 28.05
C VAL D 35 -4.07 1.79 27.12
N THR D 36 -4.17 2.96 27.73
CA THR D 36 -4.54 4.19 27.05
C THR D 36 -3.55 5.34 27.42
N VAL D 37 -2.76 5.80 26.45
CA VAL D 37 -1.80 6.87 26.64
C VAL D 37 -2.39 8.17 26.13
N ARG D 38 -2.49 9.24 26.97
CA ARG D 38 -3.04 10.54 26.52
C ARG D 38 -2.11 11.72 26.78
N VAL D 39 -1.96 12.62 25.80
CA VAL D 39 -1.24 13.87 26.00
C VAL D 39 -2.34 14.79 26.52
N VAL D 40 -2.26 15.24 27.79
CA VAL D 40 -3.29 16.06 28.44
C VAL D 40 -2.97 17.57 28.51
N HIS D 41 -1.78 17.97 28.04
CA HIS D 41 -1.38 19.36 28.04
C HIS D 41 -0.22 19.52 27.06
N ALA D 42 -0.22 20.61 26.30
CA ALA D 42 0.84 20.97 25.36
C ALA D 42 0.86 22.50 25.27
N SER D 43 1.95 23.13 25.69
CA SER D 43 2.02 24.60 25.66
C SER D 43 3.40 25.14 25.44
N ASP D 44 3.50 26.30 24.81
CA ASP D 44 4.79 26.91 24.53
C ASP D 44 5.23 27.78 25.71
N LYS D 45 6.48 27.60 26.14
CA LYS D 45 7.08 28.31 27.26
C LYS D 45 8.52 28.74 26.91
N THR D 46 9.19 29.46 27.83
CA THR D 46 10.60 29.87 27.69
C THR D 46 11.29 29.71 29.05
N VAL D 47 12.57 29.35 29.05
CA VAL D 47 13.35 29.28 30.27
C VAL D 47 14.36 30.44 30.21
N GLU D 48 14.34 31.32 31.22
CA GLU D 48 15.22 32.48 31.25
C GLU D 48 16.53 32.10 31.93
N VAL D 49 17.66 32.56 31.36
CA VAL D 49 18.96 32.28 31.95
C VAL D 49 19.07 33.07 33.27
N LYS D 50 19.52 32.43 34.33
CA LYS D 50 19.60 33.03 35.66
C LYS D 50 20.67 34.13 35.78
N PRO D 51 20.49 35.07 36.73
CA PRO D 51 21.39 36.24 36.85
C PRO D 51 22.91 36.05 36.72
N GLY D 52 23.47 35.07 37.43
CA GLY D 52 24.91 34.80 37.38
C GLY D 52 25.40 34.48 35.99
N MET D 53 24.72 33.57 35.31
CA MET D 53 25.04 33.19 33.94
C MET D 53 24.66 34.28 32.94
N LYS D 54 23.64 35.07 33.24
CA LYS D 54 23.19 36.17 32.38
C LYS D 54 24.25 37.26 32.35
N ALA D 55 24.82 37.59 33.51
CA ALA D 55 25.86 38.61 33.59
C ALA D 55 27.14 38.12 32.89
N ARG D 56 27.48 36.84 33.06
CA ARG D 56 28.70 36.31 32.47
C ARG D 56 28.64 36.10 30.95
N PHE D 57 27.55 35.53 30.41
CA PHE D 57 27.48 35.24 28.98
C PHE D 57 26.40 35.93 28.19
N VAL D 58 25.28 36.27 28.80
CA VAL D 58 24.17 36.88 28.07
C VAL D 58 24.42 38.36 27.79
N ASP D 59 24.94 39.11 28.81
CA ASP D 59 25.28 40.52 28.68
C ASP D 59 26.46 40.73 27.72
N SER D 60 27.39 39.76 27.66
CA SER D 60 28.49 39.83 26.71
C SER D 60 28.11 39.36 25.28
N GLY D 61 26.88 38.87 25.08
CA GLY D 61 26.37 38.42 23.79
C GLY D 61 26.82 37.03 23.36
N GLU D 62 27.45 36.29 24.26
CA GLU D 62 27.96 34.94 24.01
C GLU D 62 26.91 33.83 24.13
N MET D 63 25.74 34.12 24.72
CA MET D 63 24.69 33.13 24.96
C MET D 63 23.32 33.78 24.93
N ALA D 64 22.29 33.04 24.51
CA ALA D 64 20.93 33.58 24.42
C ALA D 64 20.32 33.81 25.81
N GLU D 65 19.46 34.82 25.91
CA GLU D 65 18.81 35.19 27.17
C GLU D 65 17.75 34.17 27.59
N SER D 66 17.04 33.63 26.61
CA SER D 66 15.99 32.65 26.88
C SER D 66 15.91 31.59 25.80
N PHE D 67 15.38 30.43 26.17
CA PHE D 67 15.24 29.33 25.23
C PHE D 67 13.79 28.88 25.19
N PRO D 68 13.19 28.91 24.00
CA PRO D 68 11.79 28.48 23.90
C PRO D 68 11.64 26.97 23.84
N TYR D 69 10.59 26.45 24.46
CA TYR D 69 10.33 25.01 24.44
C TYR D 69 8.84 24.70 24.49
N ARG D 70 8.47 23.46 24.18
CA ARG D 70 7.09 23.03 24.29
C ARG D 70 7.03 22.01 25.43
N THR D 71 6.12 22.24 26.36
CA THR D 71 5.95 21.34 27.50
C THR D 71 4.74 20.46 27.26
N LYS D 72 4.91 19.16 27.43
CA LYS D 72 3.82 18.23 27.24
C LYS D 72 3.68 17.39 28.48
N ALA D 73 2.43 17.08 28.80
CA ALA D 73 2.10 16.23 29.94
C ALA D 73 1.50 14.95 29.37
N LEU D 74 2.14 13.78 29.57
CA LEU D 74 1.56 12.55 29.06
C LEU D 74 1.31 11.57 30.16
N PHE D 75 0.09 11.01 30.20
CA PHE D 75 -0.32 10.05 31.21
C PHE D 75 -0.75 8.73 30.61
N ALA D 76 -0.49 7.65 31.34
CA ALA D 76 -0.84 6.34 30.90
C ALA D 76 -1.80 5.73 31.90
N PHE D 77 -2.81 5.03 31.39
CA PHE D 77 -3.86 4.41 32.16
C PHE D 77 -4.05 2.95 31.73
N GLU D 78 -4.45 2.09 32.66
CA GLU D 78 -4.70 0.68 32.39
C GLU D 78 -6.08 0.34 32.97
N GLU D 79 -6.84 -0.49 32.28
CA GLU D 79 -8.14 -0.90 32.77
C GLU D 79 -7.90 -2.03 33.74
N ILE D 80 -8.26 -1.80 35.00
CA ILE D 80 -8.07 -2.74 36.10
C ILE D 80 -9.42 -2.99 36.77
N ASP D 81 -9.92 -4.24 36.67
CA ASP D 81 -11.21 -4.66 37.19
C ASP D 81 -12.35 -3.72 36.72
N GLY D 82 -12.28 -3.36 35.43
CA GLY D 82 -13.25 -2.50 34.76
C GLY D 82 -13.08 -1.01 34.99
N VAL D 83 -12.07 -0.61 35.79
CA VAL D 83 -11.84 0.78 36.16
C VAL D 83 -10.46 1.26 35.72
N ASP D 84 -10.33 2.47 35.12
CA ASP D 84 -9.03 2.97 34.70
C ASP D 84 -8.19 3.35 35.92
N LEU D 85 -6.91 3.06 35.85
CA LEU D 85 -5.96 3.43 36.88
C LEU D 85 -4.82 4.19 36.17
N CYS D 86 -4.55 5.40 36.60
CA CYS D 86 -3.46 6.18 36.04
C CYS D 86 -2.17 5.67 36.69
N PHE D 87 -1.33 4.94 35.95
CA PHE D 87 -0.13 4.35 36.53
C PHE D 87 1.19 5.04 36.13
N PHE D 88 1.16 6.03 35.26
CA PHE D 88 2.37 6.66 34.77
C PHE D 88 2.06 8.11 34.36
N GLY D 89 2.92 9.02 34.75
CA GLY D 89 2.87 10.42 34.34
C GLY D 89 4.24 10.92 33.96
N MET D 90 4.32 11.82 32.98
CA MET D 90 5.61 12.40 32.59
C MET D 90 5.41 13.80 32.03
N HIS D 91 6.27 14.75 32.43
CA HIS D 91 6.27 16.09 31.87
C HIS D 91 7.57 16.21 31.08
N VAL D 92 7.47 16.56 29.79
CA VAL D 92 8.67 16.70 28.95
C VAL D 92 8.88 18.16 28.52
N GLN D 93 10.10 18.50 28.16
CA GLN D 93 10.42 19.83 27.63
C GLN D 93 11.05 19.57 26.26
N GLU D 94 10.48 20.11 25.19
CA GLU D 94 11.01 19.91 23.84
C GLU D 94 11.52 21.23 23.24
N TYR D 95 12.82 21.30 22.98
CA TYR D 95 13.50 22.46 22.38
C TYR D 95 13.69 22.18 20.89
N GLY D 96 12.84 22.77 20.07
CA GLY D 96 12.81 22.49 18.64
C GLY D 96 13.94 23.06 17.82
N SER D 97 13.71 23.13 16.50
CA SER D 97 14.71 23.69 15.57
C SER D 97 14.78 25.23 15.69
N ASP D 98 13.69 25.88 16.13
CA ASP D 98 13.60 27.33 16.33
C ASP D 98 14.21 27.79 17.67
N CYS D 99 14.95 26.94 18.34
CA CYS D 99 15.56 27.24 19.61
C CYS D 99 17.04 27.54 19.36
N PRO D 100 17.59 28.61 19.97
CA PRO D 100 19.02 28.88 19.81
C PRO D 100 19.86 27.82 20.53
N PRO D 101 21.10 27.60 20.08
CA PRO D 101 21.95 26.61 20.77
C PRO D 101 22.35 27.12 22.18
N PRO D 102 22.83 26.22 23.06
CA PRO D 102 23.09 24.78 22.84
C PRO D 102 21.87 23.90 23.06
N ASN D 103 20.66 24.45 23.00
CA ASN D 103 19.45 23.72 23.31
C ASN D 103 18.68 23.16 22.14
N GLN D 104 19.01 23.50 20.87
CA GLN D 104 18.19 23.05 19.76
C GLN D 104 18.21 21.55 19.51
N ARG D 105 17.02 21.04 19.14
CA ARG D 105 16.73 19.63 18.82
C ARG D 105 16.98 18.72 20.01
N ARG D 106 16.65 19.20 21.21
CA ARG D 106 16.82 18.43 22.45
C ARG D 106 15.51 18.24 23.19
N VAL D 107 15.34 17.08 23.81
CA VAL D 107 14.19 16.80 24.65
C VAL D 107 14.71 16.50 26.05
N TYR D 108 14.05 17.05 27.05
CA TYR D 108 14.44 16.87 28.43
C TYR D 108 13.28 16.19 29.18
N ILE D 109 13.53 15.04 29.82
CA ILE D 109 12.50 14.38 30.62
C ILE D 109 12.68 14.92 32.01
N SER D 110 11.95 16.03 32.31
CA SER D 110 12.08 16.78 33.55
C SER D 110 11.84 15.93 34.78
N TYR D 111 10.60 15.65 35.16
CA TYR D 111 10.29 14.82 36.34
C TYR D 111 9.23 13.80 35.88
N LEU D 112 9.42 12.54 36.27
CA LEU D 112 8.64 11.37 35.87
C LEU D 112 8.11 10.64 37.11
N ASP D 113 6.86 10.15 37.06
CA ASP D 113 6.26 9.46 38.19
C ASP D 113 5.34 8.31 37.72
N SER D 114 5.00 7.42 38.67
CA SER D 114 4.19 6.24 38.45
C SER D 114 3.60 5.71 39.74
N VAL D 115 2.56 4.88 39.65
CA VAL D 115 1.83 4.24 40.77
C VAL D 115 1.89 2.73 40.42
N HIS D 116 2.63 1.94 41.22
CA HIS D 116 3.06 0.58 40.94
C HIS D 116 2.02 -0.56 40.81
N PHE D 117 0.73 -0.26 40.57
CA PHE D 117 -0.30 -1.29 40.43
C PHE D 117 -0.50 -1.88 39.01
N PHE D 118 0.42 -1.67 38.03
CA PHE D 118 0.21 -2.23 36.69
C PHE D 118 0.13 -3.74 36.77
N ARG D 119 -0.89 -4.32 36.15
CA ARG D 119 -1.15 -5.75 36.16
C ARG D 119 -0.97 -6.35 34.74
N PRO D 120 -0.12 -7.39 34.56
CA PRO D 120 0.64 -8.11 35.57
C PRO D 120 1.96 -7.44 35.98
N LYS D 121 2.36 -7.64 37.24
CA LYS D 121 3.62 -7.13 37.81
C LYS D 121 4.83 -7.49 36.92
N CYS D 122 4.84 -8.70 36.34
CA CYS D 122 5.93 -9.17 35.49
C CYS D 122 6.06 -8.39 34.17
N LEU D 123 5.05 -7.60 33.78
CA LEU D 123 5.12 -6.84 32.55
C LEU D 123 5.27 -5.34 32.75
N ARG D 124 5.25 -4.85 34.00
CA ARG D 124 5.36 -3.45 34.39
C ARG D 124 6.57 -2.75 33.79
N THR D 125 7.81 -3.24 34.06
CA THR D 125 9.06 -2.67 33.55
C THR D 125 9.04 -2.62 32.02
N ALA D 126 8.60 -3.72 31.37
CA ALA D 126 8.51 -3.77 29.92
C ALA D 126 7.58 -2.69 29.36
N VAL D 127 6.44 -2.46 29.99
CA VAL D 127 5.49 -1.42 29.58
C VAL D 127 6.09 -0.01 29.73
N TYR D 128 6.89 0.23 30.79
CA TYR D 128 7.56 1.50 30.97
C TYR D 128 8.59 1.68 29.86
N HIS D 129 9.32 0.63 29.49
CA HIS D 129 10.29 0.68 28.39
C HIS D 129 9.58 1.02 27.09
N GLU D 130 8.40 0.46 26.82
CA GLU D 130 7.65 0.76 25.60
C GLU D 130 7.28 2.25 25.57
N ILE D 131 6.88 2.81 26.71
CA ILE D 131 6.51 4.23 26.80
C ILE D 131 7.71 5.16 26.60
N LEU D 132 8.81 4.95 27.36
CA LEU D 132 9.98 5.81 27.24
C LEU D 132 10.69 5.66 25.92
N ILE D 133 11.00 4.41 25.52
CA ILE D 133 11.63 4.14 24.24
C ILE D 133 10.76 4.60 23.08
N GLY D 134 9.44 4.42 23.20
CA GLY D 134 8.51 4.89 22.19
C GLY D 134 8.52 6.40 22.03
N TYR D 135 8.74 7.11 23.13
CA TYR D 135 8.81 8.56 23.10
C TYR D 135 10.09 9.02 22.41
N LEU D 136 11.20 8.36 22.69
CA LEU D 136 12.49 8.68 22.06
C LEU D 136 12.41 8.42 20.57
N GLU D 137 11.77 7.30 20.16
CA GLU D 137 11.61 7.00 18.75
C GLU D 137 10.75 8.05 18.05
N TYR D 138 9.67 8.49 18.70
CA TYR D 138 8.76 9.47 18.13
C TYR D 138 9.43 10.80 17.85
N VAL D 139 10.11 11.38 18.86
CA VAL D 139 10.78 12.66 18.69
C VAL D 139 11.96 12.54 17.71
N LYS D 140 12.62 11.38 17.65
CA LYS D 140 13.70 11.13 16.68
C LYS D 140 13.15 11.25 15.25
N LYS D 141 11.94 10.75 14.99
CA LYS D 141 11.30 10.85 13.66
C LYS D 141 10.89 12.27 13.31
N LEU D 142 10.57 13.10 14.31
CA LEU D 142 10.24 14.50 14.06
C LEU D 142 11.49 15.37 13.80
N GLY D 143 12.68 14.89 14.17
CA GLY D 143 13.91 15.63 13.94
C GLY D 143 14.74 15.99 15.18
N TYR D 144 14.37 15.49 16.38
CA TYR D 144 15.15 15.78 17.59
C TYR D 144 16.35 14.87 17.60
N THR D 145 17.52 15.42 17.90
CA THR D 145 18.75 14.65 17.84
C THR D 145 19.16 14.09 19.18
N THR D 146 18.89 14.79 20.27
CA THR D 146 19.35 14.35 21.59
C THR D 146 18.24 14.30 22.64
N GLY D 147 18.38 13.35 23.55
CA GLY D 147 17.48 13.18 24.67
C GLY D 147 18.25 13.31 25.98
N HIS D 148 17.65 13.96 27.00
CA HIS D 148 18.30 14.14 28.27
C HIS D 148 17.43 13.59 29.40
N ILE D 149 18.00 12.80 30.29
CA ILE D 149 17.27 12.25 31.42
C ILE D 149 17.99 12.50 32.72
N TRP D 150 17.36 13.19 33.68
CA TRP D 150 17.92 13.33 35.02
C TRP D 150 17.14 12.32 35.87
N ALA D 151 17.77 11.20 36.22
CA ALA D 151 17.15 10.19 37.09
C ALA D 151 17.28 10.70 38.54
N CYS D 152 16.46 11.71 38.92
CA CYS D 152 16.55 12.26 40.27
CA CYS D 152 16.53 12.26 40.27
C CYS D 152 15.92 11.31 41.28
N PRO D 153 16.74 10.67 42.14
CA PRO D 153 16.15 9.78 43.16
C PRO D 153 15.34 10.63 44.15
N PRO D 154 14.10 10.22 44.48
CA PRO D 154 13.27 11.04 45.36
C PRO D 154 13.60 10.94 46.86
N SER D 155 13.13 11.92 47.67
CA SER D 155 13.27 11.86 49.13
C SER D 155 11.99 11.15 49.68
N GLU D 156 12.04 10.65 50.92
CA GLU D 156 10.90 9.95 51.52
C GLU D 156 9.67 10.86 51.56
N GLY D 157 8.55 10.34 51.05
CA GLY D 157 7.29 11.09 50.99
C GLY D 157 7.25 12.24 50.00
N ASP D 158 8.27 12.36 49.14
CA ASP D 158 8.30 13.42 48.14
C ASP D 158 7.66 12.87 46.87
N ASP D 159 6.51 13.43 46.49
CA ASP D 159 5.76 13.01 45.31
C ASP D 159 6.05 13.97 44.17
N TYR D 160 6.32 13.45 42.97
CA TYR D 160 6.61 14.31 41.83
C TYR D 160 5.32 14.64 41.10
N ILE D 161 4.44 13.65 40.92
CA ILE D 161 3.21 13.86 40.18
C ILE D 161 1.98 13.40 40.97
N PHE D 162 2.07 12.22 41.58
CA PHE D 162 0.96 11.59 42.27
C PHE D 162 1.02 11.75 43.75
N HIS D 163 0.06 12.48 44.32
CA HIS D 163 -0.03 12.71 45.75
C HIS D 163 -0.33 11.42 46.52
N CYS D 164 0.49 11.12 47.54
CA CYS D 164 0.40 9.95 48.41
C CYS D 164 0.61 8.61 47.67
N HIS D 165 1.88 8.15 47.54
CA HIS D 165 2.22 6.90 46.89
C HIS D 165 1.88 5.74 47.77
N PRO D 166 1.70 4.50 47.24
CA PRO D 166 1.43 3.35 48.13
C PRO D 166 2.55 3.19 49.15
N PRO D 167 2.21 2.87 50.41
CA PRO D 167 3.24 2.74 51.47
C PRO D 167 4.31 1.71 51.15
N ASP D 168 3.93 0.66 50.39
CA ASP D 168 4.88 -0.35 49.98
C ASP D 168 5.54 -0.07 48.62
N GLN D 169 5.20 1.05 47.94
CA GLN D 169 5.89 1.42 46.71
C GLN D 169 7.20 2.02 47.20
N LYS D 170 8.26 1.24 47.10
CA LYS D 170 9.57 1.62 47.58
C LYS D 170 10.23 2.75 46.82
N ILE D 171 10.84 3.70 47.57
CA ILE D 171 11.67 4.79 47.05
C ILE D 171 12.95 4.09 46.58
N PRO D 172 13.34 4.26 45.31
CA PRO D 172 14.52 3.54 44.81
C PRO D 172 15.85 4.09 45.31
N LYS D 173 16.90 3.27 45.21
CA LYS D 173 18.25 3.70 45.54
C LYS D 173 18.86 4.33 44.27
N PRO D 174 19.83 5.25 44.42
CA PRO D 174 20.47 5.85 43.23
C PRO D 174 21.05 4.85 42.23
N LYS D 175 21.75 3.78 42.68
CA LYS D 175 22.30 2.80 41.72
C LYS D 175 21.23 1.84 41.19
N ARG D 176 20.07 1.75 41.87
CA ARG D 176 18.92 0.95 41.42
C ARG D 176 18.35 1.72 40.22
N LEU D 177 18.10 3.05 40.40
CA LEU D 177 17.63 3.98 39.37
C LEU D 177 18.58 3.91 38.16
N GLN D 178 19.89 4.07 38.39
CA GLN D 178 20.96 4.03 37.38
C GLN D 178 20.96 2.74 36.53
N GLU D 179 20.90 1.56 37.16
CA GLU D 179 20.84 0.31 36.39
C GLU D 179 19.48 0.08 35.69
N TRP D 180 18.40 0.75 36.15
CA TRP D 180 17.10 0.63 35.47
C TRP D 180 17.22 1.33 34.12
N TYR D 181 17.62 2.60 34.13
CA TYR D 181 17.76 3.37 32.91
C TYR D 181 18.85 2.84 31.99
N LYS D 182 19.88 2.16 32.54
CA LYS D 182 20.94 1.58 31.74
C LYS D 182 20.37 0.44 30.96
N LYS D 183 19.60 -0.45 31.62
CA LYS D 183 18.95 -1.61 31.00
C LYS D 183 17.97 -1.15 29.91
N MET D 184 17.17 -0.10 30.22
CA MET D 184 16.17 0.51 29.33
C MET D 184 16.85 1.08 28.08
N LEU D 185 17.91 1.88 28.25
CA LEU D 185 18.63 2.47 27.13
C LEU D 185 19.41 1.45 26.34
N ASP D 186 19.98 0.43 26.98
CA ASP D 186 20.68 -0.64 26.28
C ASP D 186 19.71 -1.37 25.32
N LYS D 187 18.43 -1.50 25.71
CA LYS D 187 17.39 -2.12 24.91
C LYS D 187 17.04 -1.25 23.69
N ALA D 188 17.00 0.06 23.85
CA ALA D 188 16.72 0.97 22.73
C ALA D 188 17.92 1.05 21.77
N VAL D 189 19.14 0.91 22.31
CA VAL D 189 20.38 0.92 21.52
C VAL D 189 20.41 -0.35 20.64
N SER D 190 19.99 -1.49 21.18
CA SER D 190 19.97 -2.75 20.43
C SER D 190 18.85 -2.80 19.41
N GLU D 191 17.72 -2.15 19.67
CA GLU D 191 16.62 -2.07 18.70
C GLU D 191 16.89 -0.99 17.61
N ARG D 192 18.07 -0.33 17.68
CA ARG D 192 18.57 0.75 16.83
C ARG D 192 17.62 1.95 16.75
N ILE D 193 16.97 2.24 17.88
CA ILE D 193 16.17 3.45 18.07
C ILE D 193 17.09 4.57 18.59
N VAL D 194 18.01 4.21 19.50
CA VAL D 194 19.01 5.10 20.04
C VAL D 194 20.34 4.75 19.38
N HIS D 195 21.13 5.77 19.01
CA HIS D 195 22.45 5.52 18.43
C HIS D 195 23.37 5.06 19.57
N ASP D 196 23.54 5.91 20.59
CA ASP D 196 24.30 5.61 21.79
C ASP D 196 23.94 6.56 22.92
N TYR D 197 24.33 6.22 24.15
CA TYR D 197 24.12 7.06 25.30
C TYR D 197 25.39 7.09 26.14
N LYS D 198 25.59 8.18 26.82
CA LYS D 198 26.74 8.38 27.70
C LYS D 198 26.26 9.16 28.93
N ASP D 199 27.03 9.09 30.02
CA ASP D 199 26.74 9.91 31.19
C ASP D 199 27.15 11.36 30.82
N ILE D 200 26.68 12.34 31.58
CA ILE D 200 26.94 13.75 31.30
C ILE D 200 28.43 14.10 31.26
N PHE D 201 29.25 13.45 32.12
CA PHE D 201 30.68 13.69 32.23
C PHE D 201 31.42 13.18 31.00
N LYS D 202 31.19 11.89 30.64
CA LYS D 202 31.75 11.27 29.42
C LYS D 202 31.32 12.05 28.18
N GLN D 203 30.08 12.55 28.17
CA GLN D 203 29.56 13.33 27.06
C GLN D 203 30.24 14.69 26.89
N ALA D 204 30.36 15.47 27.96
CA ALA D 204 30.98 16.78 27.89
C ALA D 204 32.44 16.68 27.46
N THR D 205 33.13 15.65 27.94
CA THR D 205 34.52 15.36 27.64
C THR D 205 34.66 15.04 26.14
N GLU D 206 33.85 14.11 25.60
CA GLU D 206 33.93 13.75 24.20
C GLU D 206 33.33 14.80 23.25
N ASP D 207 32.57 15.78 23.76
CA ASP D 207 32.10 16.89 22.92
C ASP D 207 33.10 18.08 22.96
N ARG D 208 34.19 17.98 23.77
CA ARG D 208 35.20 19.01 23.96
C ARG D 208 34.59 20.31 24.48
N LEU D 209 33.69 20.24 25.50
CA LEU D 209 33.11 21.48 26.02
C LEU D 209 34.11 22.13 26.95
N THR D 210 34.34 23.42 26.73
CA THR D 210 35.29 24.21 27.49
C THR D 210 34.62 25.33 28.28
N SER D 211 33.46 25.82 27.81
CA SER D 211 32.73 26.91 28.45
C SER D 211 31.36 26.46 28.98
N ALA D 212 30.87 27.09 30.07
CA ALA D 212 29.56 26.74 30.63
C ALA D 212 28.39 27.22 29.75
N LYS D 213 28.65 28.07 28.75
CA LYS D 213 27.63 28.52 27.79
C LYS D 213 27.29 27.40 26.77
N GLU D 214 28.09 26.32 26.71
CA GLU D 214 27.90 25.20 25.79
C GLU D 214 26.96 24.11 26.39
N LEU D 215 26.78 24.11 27.72
CA LEU D 215 25.92 23.11 28.36
C LEU D 215 24.47 23.45 28.16
N PRO D 216 23.62 22.50 27.71
CA PRO D 216 22.19 22.82 27.53
C PRO D 216 21.54 23.32 28.83
N TYR D 217 20.76 24.41 28.74
CA TYR D 217 20.11 25.07 29.87
C TYR D 217 18.62 24.73 29.95
N PHE D 218 18.22 23.81 30.85
CA PHE D 218 16.82 23.38 30.96
C PHE D 218 16.05 23.90 32.17
N GLU D 219 14.74 24.13 32.01
CA GLU D 219 13.91 24.63 33.10
C GLU D 219 13.82 23.64 34.28
N GLY D 220 14.27 24.09 35.45
CA GLY D 220 14.28 23.32 36.68
C GLY D 220 15.37 22.29 36.82
N ASP D 221 16.23 22.19 35.81
CA ASP D 221 17.33 21.22 35.82
C ASP D 221 18.37 21.58 36.89
N PHE D 222 19.21 20.61 37.27
CA PHE D 222 20.23 20.75 38.29
C PHE D 222 21.37 21.69 37.87
N TRP D 223 21.73 21.68 36.59
CA TRP D 223 22.88 22.42 36.09
C TRP D 223 22.68 23.92 36.04
N PRO D 224 21.52 24.51 35.65
CA PRO D 224 21.35 25.95 35.80
C PRO D 224 21.55 26.40 37.26
N ASN D 225 21.27 25.54 38.25
CA ASN D 225 21.49 25.86 39.66
C ASN D 225 22.94 25.69 40.08
N VAL D 226 23.61 24.61 39.63
CA VAL D 226 25.04 24.37 39.90
C VAL D 226 25.87 25.59 39.41
N LEU D 227 25.54 26.09 38.22
CA LEU D 227 26.21 27.23 37.62
C LEU D 227 26.07 28.49 38.46
N GLU D 228 24.88 28.74 39.03
CA GLU D 228 24.64 29.91 39.87
C GLU D 228 25.45 29.83 41.15
N GLU D 229 25.51 28.67 41.76
CA GLU D 229 26.27 28.46 42.99
C GLU D 229 27.77 28.51 42.74
N SER D 230 28.22 28.05 41.57
CA SER D 230 29.63 28.05 41.23
C SER D 230 30.09 29.49 41.02
N ILE D 231 29.31 30.28 40.28
CA ILE D 231 29.62 31.68 40.05
C ILE D 231 29.68 32.46 41.36
N LYS D 232 28.64 32.31 42.21
CA LYS D 232 28.53 32.96 43.51
C LYS D 232 29.76 32.65 44.37
N GLU D 233 30.23 31.37 44.36
CA GLU D 233 31.40 30.93 45.11
C GLU D 233 32.67 31.54 44.52
N LEU D 234 32.76 31.61 43.20
CA LEU D 234 33.94 32.20 42.54
C LEU D 234 34.03 33.73 42.72
N GLU D 235 32.90 34.38 43.03
CA GLU D 235 32.91 35.82 43.31
C GLU D 235 33.52 36.10 44.69
N GLN D 236 33.31 35.20 45.65
CA GLN D 236 33.80 35.34 47.01
C GLN D 236 35.14 34.61 47.16
N ASP D 261 38.37 28.34 37.79
CA ASP D 261 37.35 28.90 36.90
C ASP D 261 36.05 28.05 36.89
N LEU D 262 34.96 28.61 36.31
CA LEU D 262 33.63 28.00 36.23
C LEU D 262 33.68 26.60 35.65
N SER D 263 34.47 26.43 34.58
CA SER D 263 34.58 25.19 33.84
C SER D 263 35.14 24.02 34.62
N GLN D 264 36.17 24.23 35.47
CA GLN D 264 36.68 23.11 36.26
C GLN D 264 35.70 22.73 37.36
N LYS D 265 34.95 23.70 37.90
CA LYS D 265 33.92 23.45 38.90
C LYS D 265 32.80 22.61 38.28
N LEU D 266 32.40 22.93 37.04
CA LEU D 266 31.36 22.21 36.32
C LEU D 266 31.77 20.76 36.05
N TYR D 267 33.02 20.53 35.57
CA TYR D 267 33.51 19.17 35.33
C TYR D 267 33.59 18.35 36.61
N ALA D 268 33.85 19.00 37.76
CA ALA D 268 33.93 18.33 39.05
C ALA D 268 32.54 17.92 39.54
N THR D 269 31.55 18.81 39.39
CA THR D 269 30.17 18.50 39.77
C THR D 269 29.60 17.40 38.87
N MET D 270 30.02 17.39 37.58
CA MET D 270 29.58 16.39 36.62
C MET D 270 30.11 15.02 36.99
N GLU D 271 31.40 14.94 37.40
CA GLU D 271 32.05 13.69 37.79
C GLU D 271 31.34 13.07 39.00
N LYS D 272 31.01 13.90 39.99
CA LYS D 272 30.35 13.47 41.22
C LYS D 272 28.94 12.90 41.01
N HIS D 273 28.18 13.43 40.02
CA HIS D 273 26.82 12.98 39.77
C HIS D 273 26.56 12.40 38.40
N LYS D 274 27.60 11.93 37.68
CA LYS D 274 27.43 11.39 36.33
C LYS D 274 26.47 10.20 36.22
N GLU D 275 26.38 9.36 37.25
CA GLU D 275 25.49 8.19 37.25
C GLU D 275 23.98 8.54 37.20
N VAL D 276 23.63 9.75 37.58
CA VAL D 276 22.23 10.19 37.61
C VAL D 276 21.80 10.91 36.29
N PHE D 277 22.77 11.40 35.49
CA PHE D 277 22.52 12.15 34.27
C PHE D 277 22.92 11.44 32.98
N PHE D 278 21.95 11.23 32.07
CA PHE D 278 22.15 10.56 30.79
C PHE D 278 21.94 11.50 29.58
N VAL D 279 22.87 11.44 28.62
CA VAL D 279 22.76 12.17 27.35
C VAL D 279 22.60 11.09 26.32
N ILE D 280 21.54 11.16 25.55
CA ILE D 280 21.16 10.10 24.62
C ILE D 280 21.15 10.60 23.18
N ARG D 281 22.11 10.14 22.39
CA ARG D 281 22.22 10.48 20.98
C ARG D 281 21.25 9.63 20.17
N LEU D 282 20.26 10.26 19.55
CA LEU D 282 19.25 9.58 18.74
C LEU D 282 19.62 9.59 17.26
N ILE D 283 20.00 10.78 16.75
CA ILE D 283 20.42 11.00 15.36
C ILE D 283 21.90 11.34 15.40
N ALA D 284 22.74 10.40 14.95
CA ALA D 284 24.18 10.60 15.04
C ALA D 284 24.89 10.96 13.73
N GLY D 285 25.81 11.92 13.85
CA GLY D 285 26.70 12.39 12.81
C GLY D 285 26.16 12.95 11.50
N PRO D 286 26.35 12.17 10.41
CA PRO D 286 25.99 12.67 9.07
C PRO D 286 24.52 13.02 8.84
N ALA D 287 23.61 12.19 9.36
CA ALA D 287 22.18 12.44 9.20
C ALA D 287 21.73 13.72 9.92
N ALA D 288 22.40 14.07 11.04
CA ALA D 288 22.09 15.23 11.88
C ALA D 288 22.35 16.60 11.23
N ASN D 289 23.19 16.66 10.20
CA ASN D 289 23.53 17.94 9.57
C ASN D 289 22.55 18.37 8.48
N SER D 290 21.92 17.42 7.79
CA SER D 290 20.99 17.73 6.69
C SER D 290 19.51 17.64 7.13
N LEU D 291 19.20 18.08 8.36
CA LEU D 291 17.85 17.94 8.87
C LEU D 291 16.88 19.10 8.55
N PRO D 292 15.62 18.74 8.15
CA PRO D 292 14.59 19.77 7.94
C PRO D 292 14.04 20.30 9.27
N PRO D 293 13.23 21.39 9.28
CA PRO D 293 12.75 21.92 10.56
C PRO D 293 11.81 20.98 11.30
N ILE D 294 11.70 21.15 12.62
CA ILE D 294 10.80 20.33 13.42
C ILE D 294 9.41 20.98 13.35
N VAL D 295 8.42 20.23 12.87
CA VAL D 295 7.04 20.71 12.76
C VAL D 295 6.18 19.72 13.55
N ASP D 296 5.58 20.16 14.67
CA ASP D 296 4.78 19.26 15.50
C ASP D 296 3.41 18.99 14.84
N PRO D 297 3.11 17.72 14.51
CA PRO D 297 1.82 17.40 13.89
C PRO D 297 0.60 17.63 14.78
N ASP D 298 0.80 17.66 16.10
CA ASP D 298 -0.28 17.86 17.04
C ASP D 298 -0.51 19.34 17.34
N PRO D 299 -1.75 19.71 17.69
CA PRO D 299 -2.00 21.11 18.09
C PRO D 299 -1.63 21.35 19.56
N LEU D 300 -1.62 22.62 19.99
CA LEU D 300 -1.38 22.95 21.39
C LEU D 300 -2.62 22.53 22.21
N ILE D 301 -2.41 22.03 23.44
CA ILE D 301 -3.52 21.61 24.31
C ILE D 301 -3.47 22.36 25.63
N PRO D 302 -4.25 23.45 25.74
CA PRO D 302 -4.28 24.18 27.02
C PRO D 302 -4.98 23.34 28.09
N CYS D 303 -4.46 23.38 29.31
CA CYS D 303 -5.01 22.68 30.45
C CYS D 303 -4.22 23.20 31.62
N ASP D 304 -4.82 24.05 32.46
CA ASP D 304 -4.09 24.62 33.60
C ASP D 304 -3.87 23.63 34.75
N LEU D 305 -4.70 22.58 34.83
CA LEU D 305 -4.52 21.53 35.80
C LEU D 305 -3.22 20.76 35.55
N MET D 306 -2.82 20.59 34.28
CA MET D 306 -1.57 19.89 33.97
C MET D 306 -0.45 20.82 33.54
N ASP D 307 -0.53 22.12 33.89
CA ASP D 307 0.51 23.08 33.56
C ASP D 307 1.58 22.96 34.64
N GLY D 308 2.51 22.04 34.42
CA GLY D 308 3.50 21.72 35.43
C GLY D 308 2.93 20.72 36.42
N ARG D 309 3.76 20.26 37.36
CA ARG D 309 3.32 19.25 38.32
C ARG D 309 2.59 19.78 39.54
N ASP D 310 2.76 21.05 39.87
CA ASP D 310 2.20 21.62 41.09
C ASP D 310 0.67 21.76 41.09
N ALA D 311 0.06 22.09 39.95
CA ALA D 311 -1.39 22.24 39.92
C ALA D 311 -2.15 20.95 40.28
N PHE D 312 -1.71 19.80 39.76
CA PHE D 312 -2.38 18.54 40.08
C PHE D 312 -2.06 18.07 41.49
N LEU D 313 -0.86 18.35 41.98
CA LEU D 313 -0.49 18.02 43.34
C LEU D 313 -1.32 18.85 44.32
N THR D 314 -1.50 20.17 44.03
CA THR D 314 -2.29 21.12 44.83
C THR D 314 -3.73 20.69 44.89
N LEU D 315 -4.33 20.34 43.73
CA LEU D 315 -5.71 19.87 43.64
C LEU D 315 -5.90 18.61 44.46
N ALA D 316 -5.06 17.58 44.28
CA ALA D 316 -5.16 16.34 45.06
C ALA D 316 -4.91 16.58 46.57
N ARG D 317 -4.07 17.57 46.90
CA ARG D 317 -3.82 17.91 48.30
C ARG D 317 -5.10 18.44 48.94
N ASP D 318 -5.71 19.47 48.33
CA ASP D 318 -6.95 20.10 48.78
C ASP D 318 -8.13 19.13 48.78
N ARG D 319 -8.24 18.25 47.78
CA ARG D 319 -9.35 17.32 47.66
C ARG D 319 -9.10 15.95 48.25
N HIS D 320 -7.96 15.72 48.92
CA HIS D 320 -7.62 14.43 49.54
C HIS D 320 -7.65 13.27 48.53
N LEU D 321 -7.07 13.51 47.34
CA LEU D 321 -6.97 12.50 46.29
C LEU D 321 -5.66 11.74 46.47
N GLU D 322 -5.70 10.56 47.06
CA GLU D 322 -4.49 9.79 47.30
C GLU D 322 -4.33 8.68 46.30
N PHE D 323 -3.08 8.30 46.03
CA PHE D 323 -2.78 7.19 45.13
C PHE D 323 -2.10 6.06 45.92
N SER D 324 -2.44 5.93 47.23
CA SER D 324 -1.83 5.01 48.18
C SER D 324 -2.38 3.60 48.14
N SER D 325 -3.49 3.35 47.44
CA SER D 325 -4.03 1.99 47.30
C SER D 325 -4.65 1.82 45.91
N LEU D 326 -4.98 0.59 45.48
CA LEU D 326 -5.61 0.41 44.17
C LEU D 326 -6.96 1.14 44.11
N ARG D 327 -7.75 1.00 45.16
CA ARG D 327 -9.06 1.64 45.27
C ARG D 327 -8.93 3.16 45.31
N ARG D 328 -8.02 3.68 46.12
CA ARG D 328 -7.82 5.13 46.24
C ARG D 328 -7.26 5.74 44.98
N ALA D 329 -6.32 5.07 44.31
CA ALA D 329 -5.75 5.57 43.06
C ALA D 329 -6.79 5.53 41.93
N GLN D 330 -7.73 4.56 41.95
CA GLN D 330 -8.79 4.47 40.95
C GLN D 330 -9.79 5.58 41.14
N TRP D 331 -10.16 5.92 42.39
CA TRP D 331 -11.09 7.02 42.64
C TRP D 331 -10.42 8.36 42.37
N SER D 332 -9.11 8.49 42.67
CA SER D 332 -8.38 9.72 42.37
C SER D 332 -8.17 9.92 40.86
N THR D 333 -8.02 8.80 40.10
CA THR D 333 -7.95 8.80 38.62
C THR D 333 -9.29 9.22 38.06
N GLY D 334 -10.38 8.70 38.65
CA GLY D 334 -11.73 9.06 38.24
C GLY D 334 -11.99 10.53 38.45
N CYS D 335 -11.52 11.06 39.59
CA CYS D 335 -11.64 12.49 39.91
C CYS D 335 -10.79 13.31 38.96
N MET D 336 -9.56 12.85 38.70
CA MET D 336 -8.64 13.48 37.76
C MET D 336 -9.27 13.51 36.34
N LEU D 337 -9.87 12.40 35.88
CA LEU D 337 -10.54 12.27 34.57
C LEU D 337 -11.74 13.20 34.45
N VAL D 338 -12.55 13.33 35.52
CA VAL D 338 -13.69 14.25 35.48
C VAL D 338 -13.20 15.70 35.39
N GLU D 339 -12.07 16.05 36.02
CA GLU D 339 -11.51 17.40 35.93
C GLU D 339 -10.97 17.69 34.52
N LEU D 340 -10.34 16.70 33.90
CA LEU D 340 -9.77 16.84 32.56
C LEU D 340 -10.86 16.94 31.48
N HIS D 341 -11.98 16.22 31.67
CA HIS D 341 -13.11 16.26 30.73
C HIS D 341 -13.92 17.55 30.87
N THR D 342 -13.98 18.11 32.07
CA THR D 342 -14.68 19.36 32.39
C THR D 342 -13.86 20.59 31.90
N GLN D 343 -13.11 20.42 30.80
CA GLN D 343 -12.26 21.48 30.29
C GLN D 343 -12.96 22.49 29.35
N SER D 344 -13.50 22.04 28.19
CA SER D 344 -14.13 22.89 27.17
C SER D 344 -13.10 23.86 26.53
N GLN D 345 -12.61 23.51 25.32
CA GLN D 345 -11.60 24.29 24.61
C GLN D 345 -12.15 25.52 23.85
N ASP D 346 -11.26 26.41 23.35
CA ASP D 346 -11.67 27.60 22.61
C ASP D 346 -12.14 27.31 21.21
N ARG D 347 -13.30 27.87 20.87
CA ARG D 347 -14.00 27.70 19.60
C ARG D 347 -14.01 29.05 18.82
N PHE D 348 -13.81 28.97 17.50
CA PHE D 348 -13.80 30.13 16.61
C PHE D 348 -14.48 29.73 15.29
N1 Y2P E . -9.36 8.59 3.82
N3 Y2P E . -11.22 5.75 12.96
C4 Y2P E . -9.16 7.50 -0.45
C5 Y2P E . -10.47 7.23 -0.09
C6 Y2P E . -11.52 7.93 -0.62
C7 Y2P E . -11.26 8.90 -1.54
C8 Y2P E . -9.98 9.22 -1.93
C10 Y2P E . -8.64 6.62 2.58
C13 Y2P E . -9.72 9.19 6.06
C15 Y2P E . -9.55 10.71 8.01
C17 Y2P E . -9.80 8.39 7.35
C20 Y2P E . -10.18 7.44 9.94
C21 Y2P E . -9.93 8.80 9.72
C22 Y2P E . -10.54 6.97 11.30
C24 Y2P E . -10.94 5.71 11.65
C26 Y2P E . -10.51 4.10 14.68
C28 Y2P E . -10.72 8.80 3.98
N Y2P E . -8.35 6.02 1.38
C Y2P E . -9.31 4.01 0.29
O Y2P E . -8.78 5.99 3.61
C1 Y2P E . -8.36 4.54 1.35
C11 Y2P E . -8.76 8.15 2.59
C12 Y2P E . -8.71 8.67 5.03
C14 Y2P E . -9.35 10.60 6.54
C16 Y2P E . -9.76 9.26 8.42
C18 Y2P E . -9.99 7.03 7.57
C19 Y2P E . -10.17 6.56 8.85
C2 Y2P E . -6.98 3.92 1.22
C23 Y2P E . -10.61 7.72 12.47
C25 Y2P E . -11.63 4.64 13.81
C27 Y2P E . -9.58 2.16 15.82
C3 Y2P E . -7.99 6.76 0.17
C9 Y2P E . -8.94 8.52 -1.37
F Y2P E . -7.03 2.61 1.48
F1 Y2P E . -6.10 4.45 2.09
F2 Y2P E . -6.46 4.05 0.02
F3 Y2P E . -12.29 9.56 -2.11
F4 Y2P E . -10.69 11.48 8.25
N2 Y2P E . -11.04 6.99 13.49
N4 Y2P E . -10.57 2.81 14.98
N5 Y2P E . -10.94 9.15 5.26
O1 Y2P E . -7.58 8.30 5.27
O2 Y2P E . -9.61 4.83 15.08
O3 Y2P E . -11.56 8.57 3.12
N1 Y2P F . 9.67 -25.67 11.05
N3 Y2P F . 6.08 -25.80 19.92
C4 Y2P F . 10.77 -27.75 7.20
C5 Y2P F . 9.46 -28.18 7.36
C6 Y2P F . 8.52 -27.97 6.37
C7 Y2P F . 8.92 -27.37 5.22
C8 Y2P F . 10.18 -26.89 5.03
C10 Y2P F . 10.73 -27.83 10.47
C13 Y2P F . 8.62 -24.35 12.69
C15 Y2P F . 8.50 -22.29 14.09
C17 Y2P F . 8.40 -24.71 14.14
C20 Y2P F . 7.68 -24.89 16.81
C21 Y2P F . 7.88 -23.64 16.23
C22 Y2P F . 7.01 -25.00 18.12
C24 Y2P F . 6.67 -26.15 18.78
C26 Y2P F . 6.75 -26.58 22.08
C28 Y2P F . 8.28 -25.69 10.78
N Y2P F . 11.31 -28.60 9.51
C Y2P F . 11.23 -30.94 8.64
O Y2P F . 10.30 -28.30 11.51
C1 Y2P F . 11.56 -30.02 9.81
C11 Y2P F . 10.70 -26.32 10.24
C12 Y2P F . 9.95 -24.93 12.16
C14 Y2P F . 8.64 -22.81 12.68
C16 Y2P F . 8.23 -23.56 14.89
C18 Y2P F . 8.30 -25.95 14.74
C19 Y2P F . 7.94 -26.04 16.06
C2 Y2P F . 12.98 -30.26 10.27
C23 Y2P F . 6.56 -23.97 18.96
C25 Y2P F . 5.67 -26.67 21.00
C27 Y2P F . 7.84 -27.70 23.96
C3 Y2P F . 11.82 -28.05 8.25
C9 Y2P F . 11.11 -27.09 6.04
F Y2P F . 13.14 -31.45 10.84
F1 Y2P F . 13.36 -29.34 11.16
F2 Y2P F . 13.86 -30.20 9.26
F3 Y2P F . 8.04 -27.32 4.18
F4 Y2P F . 7.39 -21.46 14.14
N2 Y2P F . 5.98 -24.45 20.05
N4 Y2P F . 6.86 -27.64 22.88
N5 Y2P F . 7.68 -24.94 11.74
O1 Y2P F . 11.04 -24.77 12.67
O2 Y2P F . 7.46 -25.58 22.19
O3 Y2P F . 7.75 -26.25 9.84
N1 Y2P G . -9.50 -23.01 -25.48
N3 Y2P G . -11.43 -25.92 -16.39
C4 Y2P G . -9.52 -24.01 -29.82
C5 Y2P G . -10.83 -24.32 -29.51
C6 Y2P G . -11.88 -23.55 -29.99
C7 Y2P G . -11.58 -22.51 -30.81
C8 Y2P G . -10.32 -22.17 -31.15
C10 Y2P G . -9.02 -24.98 -26.81
C13 Y2P G . -9.88 -22.44 -23.24
C15 Y2P G . -9.78 -20.95 -21.26
C17 Y2P G . -9.97 -23.23 -21.95
C20 Y2P G . -10.43 -24.17 -19.37
C21 Y2P G . -10.30 -22.80 -19.60
C22 Y2P G . -10.79 -24.64 -18.02
C24 Y2P G . -11.06 -25.94 -17.67
C26 Y2P G . -10.77 -27.31 -14.56
C28 Y2P G . -10.87 -22.75 -25.34
N Y2P G . -8.75 -25.54 -28.01
C Y2P G . -9.65 -27.55 -29.23
O Y2P G . -9.32 -25.63 -25.82
C1 Y2P G . -8.80 -27.02 -28.09
C11 Y2P G . -8.93 -23.46 -26.72
C12 Y2P G . -8.86 -22.94 -24.27
C14 Y2P G . -9.48 -21.05 -22.72
C16 Y2P G . -10.05 -22.35 -20.89
C18 Y2P G . -10.06 -24.60 -21.72
C19 Y2P G . -10.29 -25.06 -20.43
C2 Y2P G . -7.41 -27.59 -28.05
C23 Y2P G . -11.03 -23.90 -16.88
C25 Y2P G . -11.85 -27.05 -15.58
C27 Y2P G . -9.41 -29.00 -13.44
C3 Y2P G . -8.38 -24.78 -29.20
C9 Y2P G . -9.27 -22.92 -30.64
F Y2P G . -7.43 -28.92 -28.06
F1 Y2P G . -6.73 -27.21 -26.96
F2 Y2P G . -6.68 -27.21 -29.10
F3 Y2P G . -12.60 -21.79 -31.32
F4 Y2P G . -10.97 -20.29 -21.10
N2 Y2P G . -11.42 -24.67 -15.87
N4 Y2P G . -10.40 -28.58 -14.41
N5 Y2P G . -11.09 -22.44 -24.05
O1 Y2P G . -7.71 -23.27 -24.06
O2 Y2P G . -10.30 -26.40 -13.89
O3 Y2P G . -11.68 -22.86 -26.25
N1 Y2P H . 10.13 6.48 40.22
N3 Y2P H . 6.66 6.71 49.22
C4 Y2P H . 11.07 4.21 36.32
C5 Y2P H . 9.74 3.88 36.55
C6 Y2P H . 8.76 4.15 35.62
C7 Y2P H . 9.13 4.72 34.44
C8 Y2P H . 10.42 5.08 34.16
C10 Y2P H . 11.13 4.30 39.62
C13 Y2P H . 9.23 7.86 41.91
C15 Y2P H . 8.86 9.99 43.18
C17 Y2P H . 8.98 7.57 43.37
C20 Y2P H . 8.15 7.49 46.02
C21 Y2P H . 8.29 8.72 45.37
C22 Y2P H . 7.55 7.44 47.37
C24 Y2P H . 7.04 6.32 47.99
C26 Y2P H . 7.29 5.51 51.23
C28 Y2P H . 8.75 6.51 40.05
N Y2P H . 11.63 3.48 38.64
C Y2P H . 11.50 1.10 37.78
O Y2P H . 10.78 3.88 40.70
C1 Y2P H . 11.77 2.04 38.96
C11 Y2P H . 11.04 5.80 39.30
C12 Y2P H . 10.50 7.22 41.32
C14 Y2P H . 9.34 9.40 41.88
C16 Y2P H . 8.70 8.75 44.04
C18 Y2P H . 8.90 6.36 44.02
C19 Y2P H . 8.48 6.32 45.34
C2 Y2P H . 13.14 1.75 39.54
C23 Y2P H . 7.40 8.47 48.31
C25 Y2P H . 6.14 5.86 50.29
C27 Y2P H . 8.53 3.71 52.32
C3 Y2P H . 12.13 3.97 37.35
C9 Y2P H . 11.39 4.82 35.11
F Y2P H . 13.24 0.48 39.97
F1 Y2P H . 13.40 2.53 40.59
F2 Y2P H . 14.11 1.94 38.66
F3 Y2P H . 8.19 4.88 33.48
F4 Y2P H . 7.64 10.65 42.96
N2 Y2P H . 6.87 8.02 49.43
N4 Y2P H . 7.48 4.21 51.44
N5 Y2P H . 8.22 7.31 41.01
O1 Y2P H . 11.64 7.37 41.74
O2 Y2P H . 7.98 6.38 51.76
O3 Y2P H . 8.13 5.90 39.18
#